data_1MPU
# 
_entry.id   1MPU 
# 
_audit_conform.dict_name       mmcif_pdbx.dic 
_audit_conform.dict_version    5.398 
_audit_conform.dict_location   http://mmcif.pdb.org/dictionaries/ascii/mmcif_pdbx.dic 
# 
loop_
_database_2.database_id 
_database_2.database_code 
_database_2.pdbx_database_accession 
_database_2.pdbx_DOI 
PDB   1MPU         pdb_00001mpu 10.2210/pdb1mpu/pdb 
RCSB  RCSB017080   ?            ?                   
WWPDB D_1000017080 ?            ?                   
# 
loop_
_pdbx_audit_revision_history.ordinal 
_pdbx_audit_revision_history.data_content_type 
_pdbx_audit_revision_history.major_revision 
_pdbx_audit_revision_history.minor_revision 
_pdbx_audit_revision_history.revision_date 
1 'Structure model' 1 0 2003-04-15 
2 'Structure model' 1 1 2008-04-28 
3 'Structure model' 1 2 2011-07-13 
4 'Structure model' 1 3 2018-04-04 
5 'Structure model' 1 4 2022-12-21 
6 'Structure model' 1 5 2023-09-20 
7 'Structure model' 1 6 2024-11-13 
# 
_pdbx_audit_revision_details.ordinal             1 
_pdbx_audit_revision_details.revision_ordinal    1 
_pdbx_audit_revision_details.data_content_type   'Structure model' 
_pdbx_audit_revision_details.provider            repository 
_pdbx_audit_revision_details.type                'Initial release' 
_pdbx_audit_revision_details.description         ? 
_pdbx_audit_revision_details.details             ? 
# 
loop_
_pdbx_audit_revision_group.ordinal 
_pdbx_audit_revision_group.revision_ordinal 
_pdbx_audit_revision_group.data_content_type 
_pdbx_audit_revision_group.group 
1 2 'Structure model' 'Version format compliance' 
2 3 'Structure model' 'Derived calculations'      
3 3 'Structure model' 'Version format compliance' 
4 4 'Structure model' 'Data collection'           
5 5 'Structure model' 'Database references'       
6 5 'Structure model' 'Derived calculations'      
7 6 'Structure model' 'Data collection'           
8 6 'Structure model' 'Refinement description'    
9 7 'Structure model' 'Structure summary'         
# 
loop_
_pdbx_audit_revision_category.ordinal 
_pdbx_audit_revision_category.revision_ordinal 
_pdbx_audit_revision_category.data_content_type 
_pdbx_audit_revision_category.category 
1 4 'Structure model' diffrn_source                 
2 5 'Structure model' database_2                    
3 5 'Structure model' struct_ref_seq_dif            
4 5 'Structure model' struct_site                   
5 6 'Structure model' chem_comp_atom                
6 6 'Structure model' chem_comp_bond                
7 6 'Structure model' pdbx_initial_refinement_model 
8 7 'Structure model' pdbx_entry_details            
9 7 'Structure model' pdbx_modification_feature     
# 
loop_
_pdbx_audit_revision_item.ordinal 
_pdbx_audit_revision_item.revision_ordinal 
_pdbx_audit_revision_item.data_content_type 
_pdbx_audit_revision_item.item 
1 4 'Structure model' '_diffrn_source.type'                 
2 5 'Structure model' '_database_2.pdbx_DOI'                
3 5 'Structure model' '_database_2.pdbx_database_accession' 
4 5 'Structure model' '_struct_ref_seq_dif.details'         
5 5 'Structure model' '_struct_site.pdbx_auth_asym_id'      
6 5 'Structure model' '_struct_site.pdbx_auth_comp_id'      
7 5 'Structure model' '_struct_site.pdbx_auth_seq_id'       
# 
_pdbx_database_status.status_code                     REL 
_pdbx_database_status.entry_id                        1MPU 
_pdbx_database_status.recvd_initial_deposition_date   2002-09-12 
_pdbx_database_status.deposit_site                    RCSB 
_pdbx_database_status.process_site                    RCSB 
_pdbx_database_status.SG_entry                        . 
_pdbx_database_status.pdb_format_compatible           Y 
_pdbx_database_status.status_code_mr                  ? 
_pdbx_database_status.status_code_sf                  ? 
_pdbx_database_status.status_code_cs                  ? 
_pdbx_database_status.methods_development_category    ? 
_pdbx_database_status.status_code_nmr_data            ? 
# 
loop_
_pdbx_database_related.db_name 
_pdbx_database_related.db_id 
_pdbx_database_related.details 
_pdbx_database_related.content_type 
PDB 1HYR 'human NKG2D in complex with MIC-A'     unspecified 
PDB 1KCG 'human NKG2D in complex with ULBP3'     unspecified 
PDB 1HQ8 'mouse NKG2D'                           unspecified 
PDB 1JSK 'mouse NKG2D in complex with Rae-1beta' unspecified 
# 
loop_
_audit_author.name 
_audit_author.pdbx_ordinal 
'McFarland, B.J.' 1 
'Kortemme, T.'    2 
'Baker, D.'       3 
'Strong, R.K.'    4 
# 
_citation.id                        primary 
_citation.title                     
;Symmetry Recognizing Asymmetry: Analysis of the Interactions between the C-Type Lectin-like Immunoreceptor NKG2D and MHC 
Class I-like Ligands
;
_citation.journal_abbrev            Structure 
_citation.journal_volume            11 
_citation.page_first                411 
_citation.page_last                 422 
_citation.year                      2003 
_citation.journal_id_ASTM           STRUE6 
_citation.country                   UK 
_citation.journal_id_ISSN           0969-2126 
_citation.journal_id_CSD            2005 
_citation.book_publisher            ? 
_citation.pdbx_database_id_PubMed   12679019 
_citation.pdbx_database_id_DOI      '10.1016/S0969-2126(03)00047-9' 
# 
loop_
_citation_author.citation_id 
_citation_author.name 
_citation_author.ordinal 
_citation_author.identifier_ORCID 
primary 'McFarland, B.J.' 1 ? 
primary 'Kortemme, T.'    2 ? 
primary 'Yu, S.F.'        3 ? 
primary 'Baker, D.'       4 ? 
primary 'Strong, R.K.'    5 ? 
# 
loop_
_entity.id 
_entity.type 
_entity.src_method 
_entity.pdbx_description 
_entity.formula_weight 
_entity.pdbx_number_of_molecules 
_entity.pdbx_ec 
_entity.pdbx_mutation 
_entity.pdbx_fragment 
_entity.details 
1 polymer     man 'NKG2-D type II integral membrane protein' 15981.102 1   ? ? 'residues 80-216' ? 
2 non-polymer syn 'PHOSPHATE ION'                            94.971    1   ? ? ?                 ? 
3 water       nat water                                      18.015    105 ? ? ?                 ? 
# 
_entity_name_com.entity_id   1 
_entity_name_com.name        'NKG2-D activating NK receptor, NK cell receptor D' 
# 
_entity_poly.entity_id                      1 
_entity_poly.type                           'polypeptide(L)' 
_entity_poly.nstd_linkage                   no 
_entity_poly.nstd_monomer                   no 
_entity_poly.pdbx_seq_one_letter_code       
;MNSLFNQEVQIPLTESYCGPCPKNWICYKNNCYQFFDESKNWYESQASCMSQNASLLKVYSKEDQDLLKLVKSYHWMGLV
HIPTNGSWQWEDGSILSPNLLTIIEMQKGDCALYASSFKGYIENCSTPNTYICMQRTV
;
_entity_poly.pdbx_seq_one_letter_code_can   
;MNSLFNQEVQIPLTESYCGPCPKNWICYKNNCYQFFDESKNWYESQASCMSQNASLLKVYSKEDQDLLKLVKSYHWMGLV
HIPTNGSWQWEDGSILSPNLLTIIEMQKGDCALYASSFKGYIENCSTPNTYICMQRTV
;
_entity_poly.pdbx_strand_id                 A 
_entity_poly.pdbx_target_identifier         ? 
# 
loop_
_pdbx_entity_nonpoly.entity_id 
_pdbx_entity_nonpoly.name 
_pdbx_entity_nonpoly.comp_id 
2 'PHOSPHATE ION' PO4 
3 water           HOH 
# 
loop_
_entity_poly_seq.entity_id 
_entity_poly_seq.num 
_entity_poly_seq.mon_id 
_entity_poly_seq.hetero 
1 1   MET n 
1 2   ASN n 
1 3   SER n 
1 4   LEU n 
1 5   PHE n 
1 6   ASN n 
1 7   GLN n 
1 8   GLU n 
1 9   VAL n 
1 10  GLN n 
1 11  ILE n 
1 12  PRO n 
1 13  LEU n 
1 14  THR n 
1 15  GLU n 
1 16  SER n 
1 17  TYR n 
1 18  CYS n 
1 19  GLY n 
1 20  PRO n 
1 21  CYS n 
1 22  PRO n 
1 23  LYS n 
1 24  ASN n 
1 25  TRP n 
1 26  ILE n 
1 27  CYS n 
1 28  TYR n 
1 29  LYS n 
1 30  ASN n 
1 31  ASN n 
1 32  CYS n 
1 33  TYR n 
1 34  GLN n 
1 35  PHE n 
1 36  PHE n 
1 37  ASP n 
1 38  GLU n 
1 39  SER n 
1 40  LYS n 
1 41  ASN n 
1 42  TRP n 
1 43  TYR n 
1 44  GLU n 
1 45  SER n 
1 46  GLN n 
1 47  ALA n 
1 48  SER n 
1 49  CYS n 
1 50  MET n 
1 51  SER n 
1 52  GLN n 
1 53  ASN n 
1 54  ALA n 
1 55  SER n 
1 56  LEU n 
1 57  LEU n 
1 58  LYS n 
1 59  VAL n 
1 60  TYR n 
1 61  SER n 
1 62  LYS n 
1 63  GLU n 
1 64  ASP n 
1 65  GLN n 
1 66  ASP n 
1 67  LEU n 
1 68  LEU n 
1 69  LYS n 
1 70  LEU n 
1 71  VAL n 
1 72  LYS n 
1 73  SER n 
1 74  TYR n 
1 75  HIS n 
1 76  TRP n 
1 77  MET n 
1 78  GLY n 
1 79  LEU n 
1 80  VAL n 
1 81  HIS n 
1 82  ILE n 
1 83  PRO n 
1 84  THR n 
1 85  ASN n 
1 86  GLY n 
1 87  SER n 
1 88  TRP n 
1 89  GLN n 
1 90  TRP n 
1 91  GLU n 
1 92  ASP n 
1 93  GLY n 
1 94  SER n 
1 95  ILE n 
1 96  LEU n 
1 97  SER n 
1 98  PRO n 
1 99  ASN n 
1 100 LEU n 
1 101 LEU n 
1 102 THR n 
1 103 ILE n 
1 104 ILE n 
1 105 GLU n 
1 106 MET n 
1 107 GLN n 
1 108 LYS n 
1 109 GLY n 
1 110 ASP n 
1 111 CYS n 
1 112 ALA n 
1 113 LEU n 
1 114 TYR n 
1 115 ALA n 
1 116 SER n 
1 117 SER n 
1 118 PHE n 
1 119 LYS n 
1 120 GLY n 
1 121 TYR n 
1 122 ILE n 
1 123 GLU n 
1 124 ASN n 
1 125 CYS n 
1 126 SER n 
1 127 THR n 
1 128 PRO n 
1 129 ASN n 
1 130 THR n 
1 131 TYR n 
1 132 ILE n 
1 133 CYS n 
1 134 MET n 
1 135 GLN n 
1 136 ARG n 
1 137 THR n 
1 138 VAL n 
# 
_entity_src_gen.entity_id                          1 
_entity_src_gen.pdbx_src_id                        1 
_entity_src_gen.pdbx_alt_source_flag               sample 
_entity_src_gen.pdbx_seq_type                      ? 
_entity_src_gen.pdbx_beg_seq_num                   ? 
_entity_src_gen.pdbx_end_seq_num                   ? 
_entity_src_gen.gene_src_common_name               human 
_entity_src_gen.gene_src_genus                     Homo 
_entity_src_gen.pdbx_gene_src_gene                 ? 
_entity_src_gen.gene_src_species                   ? 
_entity_src_gen.gene_src_strain                    ? 
_entity_src_gen.gene_src_tissue                    ? 
_entity_src_gen.gene_src_tissue_fraction           ? 
_entity_src_gen.gene_src_details                   ? 
_entity_src_gen.pdbx_gene_src_fragment             ? 
_entity_src_gen.pdbx_gene_src_scientific_name      'Homo sapiens' 
_entity_src_gen.pdbx_gene_src_ncbi_taxonomy_id     9606 
_entity_src_gen.pdbx_gene_src_variant              ? 
_entity_src_gen.pdbx_gene_src_cell_line            ? 
_entity_src_gen.pdbx_gene_src_atcc                 ? 
_entity_src_gen.pdbx_gene_src_organ                ? 
_entity_src_gen.pdbx_gene_src_organelle            ? 
_entity_src_gen.pdbx_gene_src_cell                 ? 
_entity_src_gen.pdbx_gene_src_cellular_location    ? 
_entity_src_gen.host_org_common_name               ? 
_entity_src_gen.pdbx_host_org_scientific_name      'Escherichia coli BL21(DE3)' 
_entity_src_gen.pdbx_host_org_ncbi_taxonomy_id     469008 
_entity_src_gen.host_org_genus                     Escherichia 
_entity_src_gen.pdbx_host_org_gene                 ? 
_entity_src_gen.pdbx_host_org_organ                ? 
_entity_src_gen.host_org_species                   'Escherichia coli' 
_entity_src_gen.pdbx_host_org_tissue               ? 
_entity_src_gen.pdbx_host_org_tissue_fraction      ? 
_entity_src_gen.pdbx_host_org_strain               BL21-DE3 
_entity_src_gen.pdbx_host_org_variant              ? 
_entity_src_gen.pdbx_host_org_cell_line            ? 
_entity_src_gen.pdbx_host_org_atcc                 ? 
_entity_src_gen.pdbx_host_org_culture_collection   ? 
_entity_src_gen.pdbx_host_org_cell                 ? 
_entity_src_gen.pdbx_host_org_organelle            ? 
_entity_src_gen.pdbx_host_org_cellular_location    ? 
_entity_src_gen.pdbx_host_org_vector_type          PLASMID 
_entity_src_gen.pdbx_host_org_vector               ? 
_entity_src_gen.host_org_details                   ? 
_entity_src_gen.expression_system_id               ? 
_entity_src_gen.plasmid_name                       pET22b+ 
_entity_src_gen.plasmid_details                    ? 
_entity_src_gen.pdbx_description                   ? 
# 
loop_
_chem_comp.id 
_chem_comp.type 
_chem_comp.mon_nstd_flag 
_chem_comp.name 
_chem_comp.pdbx_synonyms 
_chem_comp.formula 
_chem_comp.formula_weight 
ALA 'L-peptide linking' y ALANINE         ? 'C3 H7 N O2'     89.093  
ARG 'L-peptide linking' y ARGININE        ? 'C6 H15 N4 O2 1' 175.209 
ASN 'L-peptide linking' y ASPARAGINE      ? 'C4 H8 N2 O3'    132.118 
ASP 'L-peptide linking' y 'ASPARTIC ACID' ? 'C4 H7 N O4'     133.103 
CYS 'L-peptide linking' y CYSTEINE        ? 'C3 H7 N O2 S'   121.158 
GLN 'L-peptide linking' y GLUTAMINE       ? 'C5 H10 N2 O3'   146.144 
GLU 'L-peptide linking' y 'GLUTAMIC ACID' ? 'C5 H9 N O4'     147.129 
GLY 'peptide linking'   y GLYCINE         ? 'C2 H5 N O2'     75.067  
HIS 'L-peptide linking' y HISTIDINE       ? 'C6 H10 N3 O2 1' 156.162 
HOH non-polymer         . WATER           ? 'H2 O'           18.015  
ILE 'L-peptide linking' y ISOLEUCINE      ? 'C6 H13 N O2'    131.173 
LEU 'L-peptide linking' y LEUCINE         ? 'C6 H13 N O2'    131.173 
LYS 'L-peptide linking' y LYSINE          ? 'C6 H15 N2 O2 1' 147.195 
MET 'L-peptide linking' y METHIONINE      ? 'C5 H11 N O2 S'  149.211 
PHE 'L-peptide linking' y PHENYLALANINE   ? 'C9 H11 N O2'    165.189 
PO4 non-polymer         . 'PHOSPHATE ION' ? 'O4 P -3'        94.971  
PRO 'L-peptide linking' y PROLINE         ? 'C5 H9 N O2'     115.130 
SER 'L-peptide linking' y SERINE          ? 'C3 H7 N O3'     105.093 
THR 'L-peptide linking' y THREONINE       ? 'C4 H9 N O3'     119.119 
TRP 'L-peptide linking' y TRYPTOPHAN      ? 'C11 H12 N2 O2'  204.225 
TYR 'L-peptide linking' y TYROSINE        ? 'C9 H11 N O3'    181.189 
VAL 'L-peptide linking' y VALINE          ? 'C5 H11 N O2'    117.146 
# 
loop_
_pdbx_poly_seq_scheme.asym_id 
_pdbx_poly_seq_scheme.entity_id 
_pdbx_poly_seq_scheme.seq_id 
_pdbx_poly_seq_scheme.mon_id 
_pdbx_poly_seq_scheme.ndb_seq_num 
_pdbx_poly_seq_scheme.pdb_seq_num 
_pdbx_poly_seq_scheme.auth_seq_num 
_pdbx_poly_seq_scheme.pdb_mon_id 
_pdbx_poly_seq_scheme.auth_mon_id 
_pdbx_poly_seq_scheme.pdb_strand_id 
_pdbx_poly_seq_scheme.pdb_ins_code 
_pdbx_poly_seq_scheme.hetero 
A 1 1   MET 1   79  ?   ?   ?   A . n 
A 1 2   ASN 2   80  ?   ?   ?   A . n 
A 1 3   SER 3   81  ?   ?   ?   A . n 
A 1 4   LEU 4   82  ?   ?   ?   A . n 
A 1 5   PHE 5   83  ?   ?   ?   A . n 
A 1 6   ASN 6   84  ?   ?   ?   A . n 
A 1 7   GLN 7   85  ?   ?   ?   A . n 
A 1 8   GLU 8   86  ?   ?   ?   A . n 
A 1 9   VAL 9   87  ?   ?   ?   A . n 
A 1 10  GLN 10  88  88  GLN GLN A . n 
A 1 11  ILE 11  89  89  ILE ILE A . n 
A 1 12  PRO 12  90  90  PRO PRO A . n 
A 1 13  LEU 13  91  91  LEU LEU A . n 
A 1 14  THR 14  92  92  THR THR A . n 
A 1 15  GLU 15  93  93  GLU GLU A . n 
A 1 16  SER 16  94  94  SER SER A . n 
A 1 17  TYR 17  95  95  TYR TYR A . n 
A 1 18  CYS 18  96  96  CYS CYS A . n 
A 1 19  GLY 19  97  97  GLY GLY A . n 
A 1 20  PRO 20  98  98  PRO PRO A . n 
A 1 21  CYS 21  99  99  CYS CYS A . n 
A 1 22  PRO 22  100 100 PRO PRO A . n 
A 1 23  LYS 23  101 101 LYS LYS A . n 
A 1 24  ASN 24  102 102 ASN ASN A . n 
A 1 25  TRP 25  103 103 TRP TRP A . n 
A 1 26  ILE 26  104 104 ILE ILE A . n 
A 1 27  CYS 27  105 105 CYS CYS A . n 
A 1 28  TYR 28  106 106 TYR TYR A . n 
A 1 29  LYS 29  107 107 LYS LYS A . n 
A 1 30  ASN 30  108 108 ASN ASN A . n 
A 1 31  ASN 31  109 109 ASN ASN A . n 
A 1 32  CYS 32  110 110 CYS CYS A . n 
A 1 33  TYR 33  111 111 TYR TYR A . n 
A 1 34  GLN 34  112 112 GLN GLN A . n 
A 1 35  PHE 35  113 113 PHE PHE A . n 
A 1 36  PHE 36  114 114 PHE PHE A . n 
A 1 37  ASP 37  115 115 ASP ASP A . n 
A 1 38  GLU 38  116 116 GLU GLU A . n 
A 1 39  SER 39  117 117 SER SER A . n 
A 1 40  LYS 40  118 118 LYS LYS A . n 
A 1 41  ASN 41  119 119 ASN ASN A . n 
A 1 42  TRP 42  120 120 TRP TRP A . n 
A 1 43  TYR 43  121 121 TYR TYR A . n 
A 1 44  GLU 44  122 122 GLU GLU A . n 
A 1 45  SER 45  123 123 SER SER A . n 
A 1 46  GLN 46  124 124 GLN GLN A . n 
A 1 47  ALA 47  125 125 ALA ALA A . n 
A 1 48  SER 48  126 126 SER SER A . n 
A 1 49  CYS 49  127 127 CYS CYS A . n 
A 1 50  MET 50  128 128 MET MET A . n 
A 1 51  SER 51  129 129 SER SER A . n 
A 1 52  GLN 52  130 130 GLN GLN A . n 
A 1 53  ASN 53  131 131 ASN ASN A . n 
A 1 54  ALA 54  132 132 ALA ALA A . n 
A 1 55  SER 55  133 133 SER SER A . n 
A 1 56  LEU 56  134 134 LEU LEU A . n 
A 1 57  LEU 57  135 135 LEU LEU A . n 
A 1 58  LYS 58  136 136 LYS LYS A . n 
A 1 59  VAL 59  137 137 VAL VAL A . n 
A 1 60  TYR 60  138 138 TYR TYR A . n 
A 1 61  SER 61  139 139 SER SER A . n 
A 1 62  LYS 62  140 140 LYS LYS A . n 
A 1 63  GLU 63  141 141 GLU GLU A . n 
A 1 64  ASP 64  142 142 ASP ASP A . n 
A 1 65  GLN 65  143 143 GLN GLN A . n 
A 1 66  ASP 66  144 144 ASP ASP A . n 
A 1 67  LEU 67  145 145 LEU LEU A . n 
A 1 68  LEU 68  146 146 LEU LEU A . n 
A 1 69  LYS 69  147 147 LYS LYS A . n 
A 1 70  LEU 70  148 148 LEU LEU A . n 
A 1 71  VAL 71  149 149 VAL VAL A . n 
A 1 72  LYS 72  150 150 LYS LYS A . n 
A 1 73  SER 73  151 151 SER SER A . n 
A 1 74  TYR 74  152 152 TYR TYR A . n 
A 1 75  HIS 75  153 153 HIS HIS A . n 
A 1 76  TRP 76  154 154 TRP TRP A . n 
A 1 77  MET 77  155 155 MET MET A . n 
A 1 78  GLY 78  156 156 GLY GLY A . n 
A 1 79  LEU 79  157 157 LEU LEU A . n 
A 1 80  VAL 80  158 158 VAL VAL A . n 
A 1 81  HIS 81  159 159 HIS HIS A . n 
A 1 82  ILE 82  160 160 ILE ILE A . n 
A 1 83  PRO 83  161 161 PRO PRO A . n 
A 1 84  THR 84  162 162 THR THR A . n 
A 1 85  ASN 85  163 163 ASN ASN A . n 
A 1 86  GLY 86  164 164 GLY GLY A . n 
A 1 87  SER 87  165 165 SER SER A . n 
A 1 88  TRP 88  166 166 TRP TRP A . n 
A 1 89  GLN 89  167 167 GLN GLN A . n 
A 1 90  TRP 90  168 168 TRP TRP A . n 
A 1 91  GLU 91  169 169 GLU GLU A . n 
A 1 92  ASP 92  170 170 ASP ASP A . n 
A 1 93  GLY 93  171 171 GLY GLY A . n 
A 1 94  SER 94  172 172 SER SER A . n 
A 1 95  ILE 95  173 173 ILE ILE A . n 
A 1 96  LEU 96  174 174 LEU LEU A . n 
A 1 97  SER 97  175 175 SER SER A . n 
A 1 98  PRO 98  176 176 PRO PRO A . n 
A 1 99  ASN 99  177 177 ASN ASN A . n 
A 1 100 LEU 100 178 178 LEU LEU A . n 
A 1 101 LEU 101 179 179 LEU LEU A . n 
A 1 102 THR 102 180 180 THR THR A . n 
A 1 103 ILE 103 181 181 ILE ILE A . n 
A 1 104 ILE 104 182 182 ILE ILE A . n 
A 1 105 GLU 105 183 183 GLU GLU A . n 
A 1 106 MET 106 184 184 MET MET A . n 
A 1 107 GLN 107 185 185 GLN GLN A . n 
A 1 108 LYS 108 186 186 LYS LYS A . n 
A 1 109 GLY 109 187 187 GLY GLY A . n 
A 1 110 ASP 110 188 188 ASP ASP A . n 
A 1 111 CYS 111 189 189 CYS CYS A . n 
A 1 112 ALA 112 190 190 ALA ALA A . n 
A 1 113 LEU 113 191 191 LEU LEU A . n 
A 1 114 TYR 114 192 192 TYR TYR A . n 
A 1 115 ALA 115 193 193 ALA ALA A . n 
A 1 116 SER 116 194 194 SER SER A . n 
A 1 117 SER 117 195 195 SER SER A . n 
A 1 118 PHE 118 196 196 PHE PHE A . n 
A 1 119 LYS 119 197 197 LYS LYS A . n 
A 1 120 GLY 120 198 198 GLY GLY A . n 
A 1 121 TYR 121 199 199 TYR TYR A . n 
A 1 122 ILE 122 200 200 ILE ILE A . n 
A 1 123 GLU 123 201 201 GLU GLU A . n 
A 1 124 ASN 124 202 202 ASN ASN A . n 
A 1 125 CYS 125 203 203 CYS CYS A . n 
A 1 126 SER 126 204 204 SER SER A . n 
A 1 127 THR 127 205 205 THR THR A . n 
A 1 128 PRO 128 206 206 PRO PRO A . n 
A 1 129 ASN 129 207 207 ASN ASN A . n 
A 1 130 THR 130 208 208 THR THR A . n 
A 1 131 TYR 131 209 209 TYR TYR A . n 
A 1 132 ILE 132 210 210 ILE ILE A . n 
A 1 133 CYS 133 211 211 CYS CYS A . n 
A 1 134 MET 134 212 212 MET MET A . n 
A 1 135 GLN 135 213 213 GLN GLN A . n 
A 1 136 ARG 136 214 214 ARG ALA A . n 
A 1 137 THR 137 215 215 THR THR A . n 
A 1 138 VAL 138 216 ?   ?   ?   A . n 
# 
loop_
_pdbx_nonpoly_scheme.asym_id 
_pdbx_nonpoly_scheme.entity_id 
_pdbx_nonpoly_scheme.mon_id 
_pdbx_nonpoly_scheme.ndb_seq_num 
_pdbx_nonpoly_scheme.pdb_seq_num 
_pdbx_nonpoly_scheme.auth_seq_num 
_pdbx_nonpoly_scheme.pdb_mon_id 
_pdbx_nonpoly_scheme.auth_mon_id 
_pdbx_nonpoly_scheme.pdb_strand_id 
_pdbx_nonpoly_scheme.pdb_ins_code 
B 2 PO4 1   500 500 PO4 PO4 A . 
C 3 HOH 1   300 300 HOH HOH A . 
C 3 HOH 2   301 301 HOH HOH A . 
C 3 HOH 3   302 302 HOH HOH A . 
C 3 HOH 4   303 303 HOH HOH A . 
C 3 HOH 5   304 304 HOH HOH A . 
C 3 HOH 6   305 305 HOH HOH A . 
C 3 HOH 7   306 306 HOH HOH A . 
C 3 HOH 8   307 307 HOH HOH A . 
C 3 HOH 9   308 308 HOH HOH A . 
C 3 HOH 10  309 309 HOH HOH A . 
C 3 HOH 11  310 310 HOH HOH A . 
C 3 HOH 12  311 311 HOH HOH A . 
C 3 HOH 13  312 312 HOH HOH A . 
C 3 HOH 14  313 313 HOH HOH A . 
C 3 HOH 15  314 314 HOH HOH A . 
C 3 HOH 16  315 315 HOH HOH A . 
C 3 HOH 17  316 316 HOH HOH A . 
C 3 HOH 18  317 317 HOH HOH A . 
C 3 HOH 19  318 318 HOH HOH A . 
C 3 HOH 20  319 319 HOH HOH A . 
C 3 HOH 21  320 320 HOH HOH A . 
C 3 HOH 22  321 321 HOH HOH A . 
C 3 HOH 23  322 322 HOH HOH A . 
C 3 HOH 24  323 323 HOH HOH A . 
C 3 HOH 25  324 324 HOH HOH A . 
C 3 HOH 26  325 325 HOH HOH A . 
C 3 HOH 27  326 326 HOH HOH A . 
C 3 HOH 28  327 327 HOH HOH A . 
C 3 HOH 29  328 328 HOH HOH A . 
C 3 HOH 30  329 329 HOH HOH A . 
C 3 HOH 31  330 330 HOH HOH A . 
C 3 HOH 32  331 331 HOH HOH A . 
C 3 HOH 33  332 332 HOH HOH A . 
C 3 HOH 34  333 333 HOH HOH A . 
C 3 HOH 35  334 334 HOH HOH A . 
C 3 HOH 36  335 335 HOH HOH A . 
C 3 HOH 37  336 336 HOH HOH A . 
C 3 HOH 38  337 337 HOH HOH A . 
C 3 HOH 39  338 338 HOH HOH A . 
C 3 HOH 40  339 339 HOH HOH A . 
C 3 HOH 41  340 340 HOH HOH A . 
C 3 HOH 42  341 341 HOH HOH A . 
C 3 HOH 43  342 342 HOH HOH A . 
C 3 HOH 44  343 343 HOH HOH A . 
C 3 HOH 45  344 344 HOH HOH A . 
C 3 HOH 46  345 345 HOH HOH A . 
C 3 HOH 47  346 346 HOH HOH A . 
C 3 HOH 48  347 347 HOH HOH A . 
C 3 HOH 49  348 348 HOH HOH A . 
C 3 HOH 50  349 349 HOH HOH A . 
C 3 HOH 51  350 350 HOH HOH A . 
C 3 HOH 52  351 351 HOH HOH A . 
C 3 HOH 53  352 352 HOH HOH A . 
C 3 HOH 54  353 353 HOH HOH A . 
C 3 HOH 55  354 354 HOH HOH A . 
C 3 HOH 56  355 355 HOH HOH A . 
C 3 HOH 57  356 356 HOH HOH A . 
C 3 HOH 58  357 357 HOH HOH A . 
C 3 HOH 59  358 358 HOH HOH A . 
C 3 HOH 60  359 359 HOH HOH A . 
C 3 HOH 61  360 360 HOH HOH A . 
C 3 HOH 62  361 361 HOH HOH A . 
C 3 HOH 63  362 362 HOH HOH A . 
C 3 HOH 64  363 363 HOH HOH A . 
C 3 HOH 65  364 364 HOH HOH A . 
C 3 HOH 66  365 365 HOH HOH A . 
C 3 HOH 67  366 366 HOH HOH A . 
C 3 HOH 68  367 367 HOH HOH A . 
C 3 HOH 69  368 368 HOH HOH A . 
C 3 HOH 70  369 369 HOH HOH A . 
C 3 HOH 71  370 370 HOH HOH A . 
C 3 HOH 72  371 371 HOH HOH A . 
C 3 HOH 73  372 372 HOH HOH A . 
C 3 HOH 74  373 373 HOH HOH A . 
C 3 HOH 75  374 374 HOH HOH A . 
C 3 HOH 76  375 375 HOH HOH A . 
C 3 HOH 77  376 376 HOH HOH A . 
C 3 HOH 78  377 377 HOH HOH A . 
C 3 HOH 79  378 378 HOH HOH A . 
C 3 HOH 80  379 379 HOH HOH A . 
C 3 HOH 81  380 380 HOH HOH A . 
C 3 HOH 82  381 381 HOH HOH A . 
C 3 HOH 83  382 382 HOH HOH A . 
C 3 HOH 84  383 383 HOH HOH A . 
C 3 HOH 85  384 384 HOH HOH A . 
C 3 HOH 86  385 385 HOH HOH A . 
C 3 HOH 87  386 386 HOH HOH A . 
C 3 HOH 88  387 387 HOH HOH A . 
C 3 HOH 89  388 388 HOH HOH A . 
C 3 HOH 90  389 389 HOH HOH A . 
C 3 HOH 91  390 390 HOH HOH A . 
C 3 HOH 92  391 391 HOH HOH A . 
C 3 HOH 93  392 392 HOH HOH A . 
C 3 HOH 94  393 393 HOH HOH A . 
C 3 HOH 95  394 394 HOH HOH A . 
C 3 HOH 96  395 395 HOH HOH A . 
C 3 HOH 97  396 396 HOH HOH A . 
C 3 HOH 98  397 397 HOH HOH A . 
C 3 HOH 99  398 398 HOH HOH A . 
C 3 HOH 100 399 399 HOH HOH A . 
C 3 HOH 101 400 400 HOH HOH A . 
C 3 HOH 102 401 401 HOH HOH A . 
C 3 HOH 103 402 402 HOH HOH A . 
C 3 HOH 104 403 403 HOH HOH A . 
C 3 HOH 105 404 404 HOH HOH A . 
# 
loop_
_pdbx_unobs_or_zero_occ_atoms.id 
_pdbx_unobs_or_zero_occ_atoms.PDB_model_num 
_pdbx_unobs_or_zero_occ_atoms.polymer_flag 
_pdbx_unobs_or_zero_occ_atoms.occupancy_flag 
_pdbx_unobs_or_zero_occ_atoms.auth_asym_id 
_pdbx_unobs_or_zero_occ_atoms.auth_comp_id 
_pdbx_unobs_or_zero_occ_atoms.auth_seq_id 
_pdbx_unobs_or_zero_occ_atoms.PDB_ins_code 
_pdbx_unobs_or_zero_occ_atoms.auth_atom_id 
_pdbx_unobs_or_zero_occ_atoms.label_alt_id 
_pdbx_unobs_or_zero_occ_atoms.label_asym_id 
_pdbx_unobs_or_zero_occ_atoms.label_comp_id 
_pdbx_unobs_or_zero_occ_atoms.label_seq_id 
_pdbx_unobs_or_zero_occ_atoms.label_atom_id 
1 1 Y 1 A ARG 214 ? CG  ? A ARG 136 CG  
2 1 Y 1 A ARG 214 ? CD  ? A ARG 136 CD  
3 1 Y 1 A ARG 214 ? NE  ? A ARG 136 NE  
4 1 Y 1 A ARG 214 ? CZ  ? A ARG 136 CZ  
5 1 Y 1 A ARG 214 ? NH1 ? A ARG 136 NH1 
6 1 Y 1 A ARG 214 ? NH2 ? A ARG 136 NH2 
# 
loop_
_software.name 
_software.classification 
_software.version 
_software.citation_id 
_software.pdbx_ordinal 
DENZO     'data reduction' . ? 1 
SCALEPACK 'data scaling'   . ? 2 
EPMR      phasing          . ? 3 
CNS       refinement       . ? 4 
# 
_cell.entry_id           1MPU 
_cell.length_a           87.650 
_cell.length_b           87.650 
_cell.length_c           36.130 
_cell.angle_alpha        90.00 
_cell.angle_beta         90.00 
_cell.angle_gamma        90.00 
_cell.pdbx_unique_axis   ? 
_cell.Z_PDB              8 
# 
_symmetry.entry_id                         1MPU 
_symmetry.space_group_name_H-M             'P 41 21 2' 
_symmetry.pdbx_full_space_group_name_H-M   ? 
_symmetry.Int_Tables_number                92 
_symmetry.cell_setting                     ? 
# 
_exptl.entry_id          1MPU 
_exptl.method            'X-RAY DIFFRACTION' 
_exptl.crystals_number   1 
# 
_exptl_crystal.id                    1 
_exptl_crystal.density_meas          ? 
_exptl_crystal.density_percent_sol   43.32 
_exptl_crystal.density_Matthews      2.17 
_exptl_crystal.description           ? 
# 
_exptl_crystal_grow.crystal_id      1 
_exptl_crystal_grow.method          'VAPOR DIFFUSION, HANGING DROP' 
_exptl_crystal_grow.temp            291 
_exptl_crystal_grow.temp_details    ? 
_exptl_crystal_grow.pH              9.0 
_exptl_crystal_grow.pdbx_details    
'ammonium dihydrogen phosphate, bicine, ethylene glycol, pH 9.0, VAPOR DIFFUSION, HANGING DROP, temperature 291K' 
_exptl_crystal_grow.pdbx_pH_range   ? 
# 
_diffrn.id                     1 
_diffrn.ambient_temp           200.0 
_diffrn.ambient_temp_details   ? 
_diffrn.crystal_id             1 
# 
_diffrn_detector.diffrn_id              1 
_diffrn_detector.detector               'IMAGE PLATE' 
_diffrn_detector.type                   'RIGAKU RAXIS IV' 
_diffrn_detector.pdbx_collection_date   2001-12-05 
_diffrn_detector.details                'Osmics mirrors' 
# 
_diffrn_radiation.diffrn_id                        1 
_diffrn_radiation.wavelength_id                    1 
_diffrn_radiation.monochromator                    ? 
_diffrn_radiation.pdbx_monochromatic_or_laue_m_l   M 
_diffrn_radiation.pdbx_diffrn_protocol             'SINGLE WAVELENGTH' 
_diffrn_radiation.pdbx_scattering_type             x-ray 
# 
_diffrn_radiation_wavelength.id           1 
_diffrn_radiation_wavelength.wavelength   1.5418 
_diffrn_radiation_wavelength.wt           1.0 
# 
_diffrn_source.diffrn_id                   1 
_diffrn_source.source                      'ROTATING ANODE' 
_diffrn_source.type                        'RIGAKU RU200' 
_diffrn_source.pdbx_synchrotron_site       ? 
_diffrn_source.pdbx_synchrotron_beamline   ? 
_diffrn_source.pdbx_wavelength             ? 
_diffrn_source.pdbx_wavelength_list        1.5418 
# 
_reflns.entry_id                     1MPU 
_reflns.observed_criterion_sigma_F   0.0 
_reflns.observed_criterion_sigma_I   0.0 
_reflns.d_resolution_high            2.5 
_reflns.d_resolution_low             20.0 
_reflns.number_all                   5240 
_reflns.number_obs                   5057 
_reflns.percent_possible_obs         96.5 
_reflns.pdbx_Rmerge_I_obs            ? 
_reflns.pdbx_Rsym_value              0.066 
_reflns.pdbx_netI_over_sigmaI        20.2 
_reflns.B_iso_Wilson_estimate        ? 
_reflns.pdbx_redundancy              21.1 
_reflns.R_free_details               ? 
_reflns.limit_h_max                  ? 
_reflns.limit_h_min                  ? 
_reflns.limit_k_max                  ? 
_reflns.limit_k_min                  ? 
_reflns.limit_l_max                  ? 
_reflns.limit_l_min                  ? 
_reflns.observed_criterion_F_max     ? 
_reflns.observed_criterion_F_min     ? 
_reflns.pdbx_ordinal                 1 
_reflns.pdbx_diffrn_id               1 
# 
_reflns_shell.d_res_high             2.50 
_reflns_shell.d_res_low              2.59 
_reflns_shell.percent_possible_all   90.1 
_reflns_shell.Rmerge_I_obs           ? 
_reflns_shell.pdbx_Rsym_value        0.199 
_reflns_shell.meanI_over_sigI_obs    6.8 
_reflns_shell.pdbx_redundancy        ? 
_reflns_shell.percent_possible_obs   ? 
_reflns_shell.number_unique_all      517 
_reflns_shell.pdbx_ordinal           1 
_reflns_shell.pdbx_diffrn_id         1 
# 
_refine.entry_id                                 1MPU 
_refine.ls_d_res_high                            2.5 
_refine.ls_d_res_low                             20.0 
_refine.pdbx_ls_sigma_F                          0.0 
_refine.pdbx_ls_sigma_I                          ? 
_refine.ls_number_reflns_all                     5057 
_refine.ls_number_reflns_obs                     4838 
_refine.ls_number_reflns_R_free                  498 
_refine.ls_percent_reflns_obs                    95.7 
_refine.ls_R_factor_all                          ? 
_refine.ls_R_factor_obs                          ? 
_refine.ls_R_factor_R_work                       0.245 
_refine.ls_R_factor_R_free                       0.296 
_refine.ls_redundancy_reflns_obs                 ? 
_refine.pdbx_data_cutoff_high_absF               ? 
_refine.pdbx_data_cutoff_low_absF                ? 
_refine.ls_number_parameters                     ? 
_refine.ls_number_restraints                     ? 
_refine.ls_percent_reflns_R_free                 ? 
_refine.ls_R_factor_R_free_error                 ? 
_refine.ls_R_factor_R_free_error_details         ? 
_refine.pdbx_method_to_determine_struct          'MOLECULAR REPLACEMENT' 
_refine.pdbx_starting_model                      'PDB ENTRY 1HYR (CHAIN A)' 
_refine.pdbx_ls_cross_valid_method               THROUGHOUT 
_refine.pdbx_R_Free_selection_details            random 
_refine.pdbx_stereochem_target_val_spec_case     ? 
_refine.pdbx_stereochemistry_target_values       'Engh & Huber' 
_refine.solvent_model_details                    ? 
_refine.solvent_model_param_bsol                 ? 
_refine.solvent_model_param_ksol                 ? 
_refine.occupancy_max                            ? 
_refine.occupancy_min                            ? 
_refine.pdbx_isotropic_thermal_model             anisotropic 
_refine.B_iso_mean                               ? 
_refine.aniso_B[1][1]                            20.861 
_refine.aniso_B[1][2]                            ? 
_refine.aniso_B[1][3]                            ? 
_refine.aniso_B[2][2]                            14.583 
_refine.aniso_B[2][3]                            ? 
_refine.aniso_B[3][3]                            -35.444 
_refine.details                                  ? 
_refine.B_iso_min                                ? 
_refine.B_iso_max                                ? 
_refine.correlation_coeff_Fo_to_Fc               ? 
_refine.correlation_coeff_Fo_to_Fc_free          ? 
_refine.pdbx_solvent_vdw_probe_radii             ? 
_refine.pdbx_solvent_ion_probe_radii             ? 
_refine.pdbx_solvent_shrinkage_radii             ? 
_refine.overall_SU_R_Cruickshank_DPI             ? 
_refine.overall_SU_R_free                        ? 
_refine.overall_SU_B                             ? 
_refine.overall_SU_ML                            ? 
_refine.pdbx_overall_ESU_R                       ? 
_refine.pdbx_overall_ESU_R_Free                  ? 
_refine.pdbx_data_cutoff_high_rms_absF           ? 
_refine.pdbx_refine_id                           'X-RAY DIFFRACTION' 
_refine.pdbx_diffrn_id                           1 
_refine.pdbx_TLS_residual_ADP_flag               ? 
_refine.pdbx_overall_phase_error                 ? 
_refine.pdbx_overall_SU_R_free_Cruickshank_DPI   ? 
_refine.pdbx_overall_SU_R_Blow_DPI               ? 
_refine.pdbx_overall_SU_R_free_Blow_DPI          ? 
# 
_refine_analyze.entry_id                        1MPU 
_refine_analyze.Luzzati_coordinate_error_obs    0.37 
_refine_analyze.Luzzati_sigma_a_obs             0.50 
_refine_analyze.Luzzati_d_res_low_obs           5.0 
_refine_analyze.Luzzati_coordinate_error_free   ? 
_refine_analyze.Luzzati_sigma_a_free            ? 
_refine_analyze.Luzzati_d_res_low_free          ? 
_refine_analyze.number_disordered_residues      ? 
_refine_analyze.occupancy_sum_non_hydrogen      ? 
_refine_analyze.occupancy_sum_hydrogen          ? 
_refine_analyze.pdbx_Luzzati_d_res_high_obs     ? 
_refine_analyze.pdbx_refine_id                  'X-RAY DIFFRACTION' 
# 
_refine_hist.pdbx_refine_id                   'X-RAY DIFFRACTION' 
_refine_hist.cycle_id                         LAST 
_refine_hist.pdbx_number_atoms_protein        1029 
_refine_hist.pdbx_number_atoms_nucleic_acid   0 
_refine_hist.pdbx_number_atoms_ligand         5 
_refine_hist.number_atoms_solvent             105 
_refine_hist.number_atoms_total               1139 
_refine_hist.d_res_high                       2.5 
_refine_hist.d_res_low                        20.0 
# 
loop_
_refine_ls_restr.type 
_refine_ls_restr.dev_ideal 
_refine_ls_restr.dev_ideal_target 
_refine_ls_restr.weight 
_refine_ls_restr.number 
_refine_ls_restr.pdbx_refine_id 
_refine_ls_restr.pdbx_restraint_function 
c_bond_d           0.008 ? ? ? 'X-RAY DIFFRACTION' ? 
c_angle_deg        1.9   ? ? ? 'X-RAY DIFFRACTION' ? 
c_dihedral_angle_d 26.4  ? ? ? 'X-RAY DIFFRACTION' ? 
c_improper_angle_d 1.4   ? ? ? 'X-RAY DIFFRACTION' ? 
# 
_refine_ls_shell.pdbx_total_number_of_bins_used   ? 
_refine_ls_shell.d_res_high                       2.5 
_refine_ls_shell.d_res_low                        2.59 
_refine_ls_shell.number_reflns_R_work             ? 
_refine_ls_shell.R_factor_R_work                  0.3623 
_refine_ls_shell.percent_reflns_obs               ? 
_refine_ls_shell.R_factor_R_free                  0.5083 
_refine_ls_shell.R_factor_R_free_error            ? 
_refine_ls_shell.percent_reflns_R_free            ? 
_refine_ls_shell.number_reflns_R_free             38 
_refine_ls_shell.number_reflns_obs                421 
_refine_ls_shell.redundancy_reflns_obs            ? 
_refine_ls_shell.number_reflns_all                ? 
_refine_ls_shell.pdbx_refine_id                   'X-RAY DIFFRACTION' 
_refine_ls_shell.R_factor_all                     ? 
# 
_struct.entry_id                  1MPU 
_struct.title                     'Crystal Structure of the free human NKG2D immunoreceptor' 
_struct.pdbx_model_details        ? 
_struct.pdbx_CASP_flag            ? 
_struct.pdbx_model_type_details   ? 
# 
_struct_keywords.entry_id        1MPU 
_struct_keywords.pdbx_keywords   'IMMUNE SYSTEM' 
_struct_keywords.text            'C-type lectin-like domain, IMMUNE SYSTEM' 
# 
loop_
_struct_asym.id 
_struct_asym.pdbx_blank_PDB_chainid_flag 
_struct_asym.pdbx_modified 
_struct_asym.entity_id 
_struct_asym.details 
A N N 1 ? 
B N N 2 ? 
C N N 3 ? 
# 
_struct_ref.id                         1 
_struct_ref.db_name                    UNP 
_struct_ref.db_code                    NKG2D_HUMAN 
_struct_ref.entity_id                  1 
_struct_ref.pdbx_seq_one_letter_code   
;NSLFNQEVQIPLTESYCGPCPKNWICYKNNCYQFFDESKNWYESQASCMSQNASLLKVYSKEDQDLLKLVKSYHWMGLVH
IPTNGSWQWEDGSILSPNLLTIIEMQKGDCALYASSFKGYIENCSTPNTYICMQRTV
;
_struct_ref.pdbx_align_begin           80 
_struct_ref.pdbx_db_accession          P26718 
_struct_ref.pdbx_db_isoform            ? 
# 
_struct_ref_seq.align_id                      1 
_struct_ref_seq.ref_id                        1 
_struct_ref_seq.pdbx_PDB_id_code              1MPU 
_struct_ref_seq.pdbx_strand_id                A 
_struct_ref_seq.seq_align_beg                 2 
_struct_ref_seq.pdbx_seq_align_beg_ins_code   ? 
_struct_ref_seq.seq_align_end                 138 
_struct_ref_seq.pdbx_seq_align_end_ins_code   ? 
_struct_ref_seq.pdbx_db_accession             P26718 
_struct_ref_seq.db_align_beg                  80 
_struct_ref_seq.pdbx_db_align_beg_ins_code    ? 
_struct_ref_seq.db_align_end                  216 
_struct_ref_seq.pdbx_db_align_end_ins_code    ? 
_struct_ref_seq.pdbx_auth_seq_align_beg       80 
_struct_ref_seq.pdbx_auth_seq_align_end       216 
# 
_struct_ref_seq_dif.align_id                     1 
_struct_ref_seq_dif.pdbx_pdb_id_code             1MPU 
_struct_ref_seq_dif.mon_id                       MET 
_struct_ref_seq_dif.pdbx_pdb_strand_id           A 
_struct_ref_seq_dif.seq_num                      1 
_struct_ref_seq_dif.pdbx_pdb_ins_code            ? 
_struct_ref_seq_dif.pdbx_seq_db_name             UNP 
_struct_ref_seq_dif.pdbx_seq_db_accession_code   P26718 
_struct_ref_seq_dif.db_mon_id                    ? 
_struct_ref_seq_dif.pdbx_seq_db_seq_num          ? 
_struct_ref_seq_dif.details                      'initiating methionine' 
_struct_ref_seq_dif.pdbx_auth_seq_num            79 
_struct_ref_seq_dif.pdbx_ordinal                 1 
# 
_pdbx_struct_assembly.id                   1 
_pdbx_struct_assembly.details              author_and_software_defined_assembly 
_pdbx_struct_assembly.method_details       PISA,PQS 
_pdbx_struct_assembly.oligomeric_details   dimeric 
_pdbx_struct_assembly.oligomeric_count     2 
# 
loop_
_pdbx_struct_assembly_prop.biol_id 
_pdbx_struct_assembly_prop.type 
_pdbx_struct_assembly_prop.value 
_pdbx_struct_assembly_prop.details 
1 'ABSA (A^2)' 3210  ? 
1 MORE         -35   ? 
1 'SSA (A^2)'  13030 ? 
# 
_pdbx_struct_assembly_gen.assembly_id       1 
_pdbx_struct_assembly_gen.oper_expression   1,2 
_pdbx_struct_assembly_gen.asym_id_list      A,B,C 
# 
loop_
_pdbx_struct_oper_list.id 
_pdbx_struct_oper_list.type 
_pdbx_struct_oper_list.name 
_pdbx_struct_oper_list.symmetry_operation 
_pdbx_struct_oper_list.matrix[1][1] 
_pdbx_struct_oper_list.matrix[1][2] 
_pdbx_struct_oper_list.matrix[1][3] 
_pdbx_struct_oper_list.vector[1] 
_pdbx_struct_oper_list.matrix[2][1] 
_pdbx_struct_oper_list.matrix[2][2] 
_pdbx_struct_oper_list.matrix[2][3] 
_pdbx_struct_oper_list.vector[2] 
_pdbx_struct_oper_list.matrix[3][1] 
_pdbx_struct_oper_list.matrix[3][2] 
_pdbx_struct_oper_list.matrix[3][3] 
_pdbx_struct_oper_list.vector[3] 
1 'identity operation'         1_555 x,y,z  1.0000000000  0.0000000000  0.0000000000 0.0000000000   0.0000000000  1.0000000000  0.0000000000  0.0000000000   0.0000000000 0.0000000000  1.0000000000  0.0000000000  
2 'crystal symmetry operation' 7_555 y,x,-z -0.4387360460 -0.7243436700 0.5318241529 -16.5869260778 -0.7243436700 -0.0651925025 -0.6863499001 -17.3073168852 0.5318241529 -0.6863499001 -0.4960714515 -6.0674222823 
# 
_struct_biol.id                    1 
_struct_biol.details               'The biological assembly is a homodimer is generated by the two-fold axis: 1/2+x, 1/2-y, 3/4-z.' 
_struct_biol.pdbx_parent_biol_id   ? 
# 
loop_
_struct_conf.conf_type_id 
_struct_conf.id 
_struct_conf.pdbx_PDB_helix_id 
_struct_conf.beg_label_comp_id 
_struct_conf.beg_label_asym_id 
_struct_conf.beg_label_seq_id 
_struct_conf.pdbx_beg_PDB_ins_code 
_struct_conf.end_label_comp_id 
_struct_conf.end_label_asym_id 
_struct_conf.end_label_seq_id 
_struct_conf.pdbx_end_PDB_ins_code 
_struct_conf.beg_auth_comp_id 
_struct_conf.beg_auth_asym_id 
_struct_conf.beg_auth_seq_id 
_struct_conf.end_auth_comp_id 
_struct_conf.end_auth_asym_id 
_struct_conf.end_auth_seq_id 
_struct_conf.pdbx_PDB_helix_class 
_struct_conf.details 
_struct_conf.pdbx_PDB_helix_length 
HELX_P HELX_P1 1 ASN A 41 ? GLN A 52 ? ASN A 119 GLN A 130 1 ? 12 
HELX_P HELX_P2 2 GLN A 65 ? VAL A 71 ? GLN A 143 VAL A 149 5 ? 7  
# 
_struct_conf_type.id          HELX_P 
_struct_conf_type.criteria    ? 
_struct_conf_type.reference   ? 
# 
loop_
_struct_conn.id 
_struct_conn.conn_type_id 
_struct_conn.pdbx_leaving_atom_flag 
_struct_conn.pdbx_PDB_id 
_struct_conn.ptnr1_label_asym_id 
_struct_conn.ptnr1_label_comp_id 
_struct_conn.ptnr1_label_seq_id 
_struct_conn.ptnr1_label_atom_id 
_struct_conn.pdbx_ptnr1_label_alt_id 
_struct_conn.pdbx_ptnr1_PDB_ins_code 
_struct_conn.pdbx_ptnr1_standard_comp_id 
_struct_conn.ptnr1_symmetry 
_struct_conn.ptnr2_label_asym_id 
_struct_conn.ptnr2_label_comp_id 
_struct_conn.ptnr2_label_seq_id 
_struct_conn.ptnr2_label_atom_id 
_struct_conn.pdbx_ptnr2_label_alt_id 
_struct_conn.pdbx_ptnr2_PDB_ins_code 
_struct_conn.ptnr1_auth_asym_id 
_struct_conn.ptnr1_auth_comp_id 
_struct_conn.ptnr1_auth_seq_id 
_struct_conn.ptnr2_auth_asym_id 
_struct_conn.ptnr2_auth_comp_id 
_struct_conn.ptnr2_auth_seq_id 
_struct_conn.ptnr2_symmetry 
_struct_conn.pdbx_ptnr3_label_atom_id 
_struct_conn.pdbx_ptnr3_label_seq_id 
_struct_conn.pdbx_ptnr3_label_comp_id 
_struct_conn.pdbx_ptnr3_label_asym_id 
_struct_conn.pdbx_ptnr3_label_alt_id 
_struct_conn.pdbx_ptnr3_PDB_ins_code 
_struct_conn.details 
_struct_conn.pdbx_dist_value 
_struct_conn.pdbx_value_order 
_struct_conn.pdbx_role 
disulf1 disulf ? ? A CYS 18  SG ? ? ? 1_555 A CYS 27  SG ? ? A CYS 96  A CYS 105 1_555 ? ? ? ? ? ? ? 2.023 ? ? 
disulf2 disulf ? ? A CYS 21  SG ? ? ? 1_555 A CYS 32  SG ? ? A CYS 99  A CYS 110 1_555 ? ? ? ? ? ? ? 2.024 ? ? 
disulf3 disulf ? ? A CYS 49  SG ? ? ? 1_555 A CYS 133 SG ? ? A CYS 127 A CYS 211 1_555 ? ? ? ? ? ? ? 2.032 ? ? 
disulf4 disulf ? ? A CYS 111 SG ? ? ? 1_555 A CYS 125 SG ? ? A CYS 189 A CYS 203 1_555 ? ? ? ? ? ? ? 2.031 ? ? 
# 
_struct_conn_type.id          disulf 
_struct_conn_type.criteria    ? 
_struct_conn_type.reference   ? 
# 
loop_
_pdbx_modification_feature.ordinal 
_pdbx_modification_feature.label_comp_id 
_pdbx_modification_feature.label_asym_id 
_pdbx_modification_feature.label_seq_id 
_pdbx_modification_feature.label_alt_id 
_pdbx_modification_feature.modified_residue_label_comp_id 
_pdbx_modification_feature.modified_residue_label_asym_id 
_pdbx_modification_feature.modified_residue_label_seq_id 
_pdbx_modification_feature.modified_residue_label_alt_id 
_pdbx_modification_feature.auth_comp_id 
_pdbx_modification_feature.auth_asym_id 
_pdbx_modification_feature.auth_seq_id 
_pdbx_modification_feature.PDB_ins_code 
_pdbx_modification_feature.symmetry 
_pdbx_modification_feature.modified_residue_auth_comp_id 
_pdbx_modification_feature.modified_residue_auth_asym_id 
_pdbx_modification_feature.modified_residue_auth_seq_id 
_pdbx_modification_feature.modified_residue_PDB_ins_code 
_pdbx_modification_feature.modified_residue_symmetry 
_pdbx_modification_feature.comp_id_linking_atom 
_pdbx_modification_feature.modified_residue_id_linking_atom 
_pdbx_modification_feature.modified_residue_id 
_pdbx_modification_feature.ref_pcm_id 
_pdbx_modification_feature.ref_comp_id 
_pdbx_modification_feature.type 
_pdbx_modification_feature.category 
1 CYS A 18  ? CYS A 27  ? CYS A 96  ? 1_555 CYS A 105 ? 1_555 SG SG . . . None 'Disulfide bridge' 
2 CYS A 21  ? CYS A 32  ? CYS A 99  ? 1_555 CYS A 110 ? 1_555 SG SG . . . None 'Disulfide bridge' 
3 CYS A 49  ? CYS A 133 ? CYS A 127 ? 1_555 CYS A 211 ? 1_555 SG SG . . . None 'Disulfide bridge' 
4 CYS A 111 ? CYS A 125 ? CYS A 189 ? 1_555 CYS A 203 ? 1_555 SG SG . . . None 'Disulfide bridge' 
# 
loop_
_struct_sheet.id 
_struct_sheet.type 
_struct_sheet.number_strands 
_struct_sheet.details 
A ? 4 ? 
B ? 5 ? 
# 
loop_
_struct_sheet_order.sheet_id 
_struct_sheet_order.range_id_1 
_struct_sheet_order.range_id_2 
_struct_sheet_order.offset 
_struct_sheet_order.sense 
A 1 2 ? anti-parallel 
A 2 3 ? anti-parallel 
A 3 4 ? anti-parallel 
B 1 2 ? anti-parallel 
B 2 3 ? anti-parallel 
B 3 4 ? anti-parallel 
B 4 5 ? parallel      
# 
loop_
_struct_sheet_range.sheet_id 
_struct_sheet_range.id 
_struct_sheet_range.beg_label_comp_id 
_struct_sheet_range.beg_label_asym_id 
_struct_sheet_range.beg_label_seq_id 
_struct_sheet_range.pdbx_beg_PDB_ins_code 
_struct_sheet_range.end_label_comp_id 
_struct_sheet_range.end_label_asym_id 
_struct_sheet_range.end_label_seq_id 
_struct_sheet_range.pdbx_end_PDB_ins_code 
_struct_sheet_range.beg_auth_comp_id 
_struct_sheet_range.beg_auth_asym_id 
_struct_sheet_range.beg_auth_seq_id 
_struct_sheet_range.end_auth_comp_id 
_struct_sheet_range.end_auth_asym_id 
_struct_sheet_range.end_auth_seq_id 
A 1 ILE A 26  ? CYS A 27  ? ILE A 104 CYS A 105 
A 2 CYS A 32  ? LYS A 40  ? CYS A 110 LYS A 118 
A 3 ASN A 129 ? GLN A 135 ? ASN A 207 GLN A 213 
A 4 SER A 55  ? LEU A 56  ? SER A 133 LEU A 134 
B 1 TRP A 88  ? TRP A 90  ? TRP A 166 TRP A 168 
B 2 TYR A 74  ? HIS A 81  ? TYR A 152 HIS A 159 
B 3 CYS A 111 ? ALA A 115 ? CYS A 189 ALA A 193 
B 4 LYS A 119 ? GLU A 123 ? LYS A 197 GLU A 201 
B 5 THR A 102 ? ILE A 104 ? THR A 180 ILE A 182 
# 
loop_
_pdbx_struct_sheet_hbond.sheet_id 
_pdbx_struct_sheet_hbond.range_id_1 
_pdbx_struct_sheet_hbond.range_id_2 
_pdbx_struct_sheet_hbond.range_1_label_atom_id 
_pdbx_struct_sheet_hbond.range_1_label_comp_id 
_pdbx_struct_sheet_hbond.range_1_label_asym_id 
_pdbx_struct_sheet_hbond.range_1_label_seq_id 
_pdbx_struct_sheet_hbond.range_1_PDB_ins_code 
_pdbx_struct_sheet_hbond.range_1_auth_atom_id 
_pdbx_struct_sheet_hbond.range_1_auth_comp_id 
_pdbx_struct_sheet_hbond.range_1_auth_asym_id 
_pdbx_struct_sheet_hbond.range_1_auth_seq_id 
_pdbx_struct_sheet_hbond.range_2_label_atom_id 
_pdbx_struct_sheet_hbond.range_2_label_comp_id 
_pdbx_struct_sheet_hbond.range_2_label_asym_id 
_pdbx_struct_sheet_hbond.range_2_label_seq_id 
_pdbx_struct_sheet_hbond.range_2_PDB_ins_code 
_pdbx_struct_sheet_hbond.range_2_auth_atom_id 
_pdbx_struct_sheet_hbond.range_2_auth_comp_id 
_pdbx_struct_sheet_hbond.range_2_auth_asym_id 
_pdbx_struct_sheet_hbond.range_2_auth_seq_id 
A 1 2 N ILE A 26  ? N ILE A 104 O TYR A 33  ? O TYR A 111 
A 2 3 N PHE A 36  ? N PHE A 114 O TYR A 131 ? O TYR A 209 
A 3 4 O MET A 134 ? O MET A 212 N SER A 55  ? N SER A 133 
B 1 2 O GLN A 89  ? O GLN A 167 N VAL A 80  ? N VAL A 158 
B 2 3 N HIS A 75  ? N HIS A 153 O TYR A 114 ? O TYR A 192 
B 3 4 N LEU A 113 ? N LEU A 191 O TYR A 121 ? O TYR A 199 
B 4 5 O GLY A 120 ? O GLY A 198 N ILE A 104 ? N ILE A 182 
# 
_struct_site.id                   AC1 
_struct_site.pdbx_evidence_code   Software 
_struct_site.pdbx_auth_asym_id    A 
_struct_site.pdbx_auth_comp_id    PO4 
_struct_site.pdbx_auth_seq_id     500 
_struct_site.pdbx_auth_ins_code   ? 
_struct_site.pdbx_num_residues    6 
_struct_site.details              'BINDING SITE FOR RESIDUE PO4 A 500' 
# 
loop_
_struct_site_gen.id 
_struct_site_gen.site_id 
_struct_site_gen.pdbx_num_res 
_struct_site_gen.label_comp_id 
_struct_site_gen.label_asym_id 
_struct_site_gen.label_seq_id 
_struct_site_gen.pdbx_auth_ins_code 
_struct_site_gen.auth_comp_id 
_struct_site_gen.auth_asym_id 
_struct_site_gen.auth_seq_id 
_struct_site_gen.label_atom_id 
_struct_site_gen.label_alt_id 
_struct_site_gen.symmetry 
_struct_site_gen.details 
1 AC1 6 LYS A 58 ? LYS A 136 . ? 1_555 ? 
2 AC1 6 ILE A 95 ? ILE A 173 . ? 1_555 ? 
3 AC1 6 SER A 97 ? SER A 175 . ? 1_555 ? 
4 AC1 6 HOH C .  ? HOH A 303 . ? 1_555 ? 
5 AC1 6 HOH C .  ? HOH A 340 . ? 1_555 ? 
6 AC1 6 HOH C .  ? HOH A 365 . ? 1_555 ? 
# 
_pdbx_entry_details.entry_id                   1MPU 
_pdbx_entry_details.compound_details           ? 
_pdbx_entry_details.source_details             ? 
_pdbx_entry_details.nonpolymer_details         ? 
_pdbx_entry_details.sequence_details           ? 
_pdbx_entry_details.has_ligand_of_interest     ? 
_pdbx_entry_details.has_protein_modification   Y 
# 
_pdbx_validate_rmsd_angle.id                         1 
_pdbx_validate_rmsd_angle.PDB_model_num              1 
_pdbx_validate_rmsd_angle.auth_atom_id_1             O 
_pdbx_validate_rmsd_angle.auth_asym_id_1             A 
_pdbx_validate_rmsd_angle.auth_comp_id_1             SER 
_pdbx_validate_rmsd_angle.auth_seq_id_1              139 
_pdbx_validate_rmsd_angle.PDB_ins_code_1             ? 
_pdbx_validate_rmsd_angle.label_alt_id_1             ? 
_pdbx_validate_rmsd_angle.auth_atom_id_2             C 
_pdbx_validate_rmsd_angle.auth_asym_id_2             A 
_pdbx_validate_rmsd_angle.auth_comp_id_2             SER 
_pdbx_validate_rmsd_angle.auth_seq_id_2              139 
_pdbx_validate_rmsd_angle.PDB_ins_code_2             ? 
_pdbx_validate_rmsd_angle.label_alt_id_2             ? 
_pdbx_validate_rmsd_angle.auth_atom_id_3             N 
_pdbx_validate_rmsd_angle.auth_asym_id_3             A 
_pdbx_validate_rmsd_angle.auth_comp_id_3             LYS 
_pdbx_validate_rmsd_angle.auth_seq_id_3              140 
_pdbx_validate_rmsd_angle.PDB_ins_code_3             ? 
_pdbx_validate_rmsd_angle.label_alt_id_3             ? 
_pdbx_validate_rmsd_angle.angle_value                111.94 
_pdbx_validate_rmsd_angle.angle_target_value         122.70 
_pdbx_validate_rmsd_angle.angle_deviation            -10.76 
_pdbx_validate_rmsd_angle.angle_standard_deviation   1.60 
_pdbx_validate_rmsd_angle.linker_flag                Y 
# 
loop_
_pdbx_validate_torsion.id 
_pdbx_validate_torsion.PDB_model_num 
_pdbx_validate_torsion.auth_comp_id 
_pdbx_validate_torsion.auth_asym_id 
_pdbx_validate_torsion.auth_seq_id 
_pdbx_validate_torsion.PDB_ins_code 
_pdbx_validate_torsion.label_alt_id 
_pdbx_validate_torsion.phi 
_pdbx_validate_torsion.psi 
1  1 ILE A 89  ? ? -46.44  173.82  
2  1 PRO A 90  ? ? -50.62  106.30  
3  1 GLU A 93  ? ? -167.25 103.12  
4  1 PRO A 98  ? ? -35.40  133.00  
5  1 LYS A 107 ? ? 35.75   44.49   
6  1 ASN A 108 ? ? 56.19   70.91   
7  1 SER A 117 ? ? -26.80  124.90  
8  1 ASN A 131 ? ? 59.45   77.45   
9  1 ALA A 132 ? ? -174.34 -175.62 
10 1 GLN A 143 ? ? -141.23 21.46   
11 1 SER A 151 ? ? 64.22   -161.18 
12 1 PRO A 161 ? ? -49.04  16.20   
13 1 THR A 162 ? ? -65.59  18.63   
14 1 GLU A 169 ? ? -49.18  -17.70  
15 1 LEU A 178 ? ? -117.30 -75.54  
16 1 SER A 195 ? ? 95.02   55.95   
17 1 PHE A 196 ? ? 40.97   84.41   
# 
loop_
_pdbx_unobs_or_zero_occ_residues.id 
_pdbx_unobs_or_zero_occ_residues.PDB_model_num 
_pdbx_unobs_or_zero_occ_residues.polymer_flag 
_pdbx_unobs_or_zero_occ_residues.occupancy_flag 
_pdbx_unobs_or_zero_occ_residues.auth_asym_id 
_pdbx_unobs_or_zero_occ_residues.auth_comp_id 
_pdbx_unobs_or_zero_occ_residues.auth_seq_id 
_pdbx_unobs_or_zero_occ_residues.PDB_ins_code 
_pdbx_unobs_or_zero_occ_residues.label_asym_id 
_pdbx_unobs_or_zero_occ_residues.label_comp_id 
_pdbx_unobs_or_zero_occ_residues.label_seq_id 
1  1 Y 1 A MET 79  ? A MET 1   
2  1 Y 1 A ASN 80  ? A ASN 2   
3  1 Y 1 A SER 81  ? A SER 3   
4  1 Y 1 A LEU 82  ? A LEU 4   
5  1 Y 1 A PHE 83  ? A PHE 5   
6  1 Y 1 A ASN 84  ? A ASN 6   
7  1 Y 1 A GLN 85  ? A GLN 7   
8  1 Y 1 A GLU 86  ? A GLU 8   
9  1 Y 1 A VAL 87  ? A VAL 9   
10 1 Y 1 A VAL 216 ? A VAL 138 
# 
loop_
_chem_comp_atom.comp_id 
_chem_comp_atom.atom_id 
_chem_comp_atom.type_symbol 
_chem_comp_atom.pdbx_aromatic_flag 
_chem_comp_atom.pdbx_stereo_config 
_chem_comp_atom.pdbx_ordinal 
ALA N    N N N 1   
ALA CA   C N S 2   
ALA C    C N N 3   
ALA O    O N N 4   
ALA CB   C N N 5   
ALA OXT  O N N 6   
ALA H    H N N 7   
ALA H2   H N N 8   
ALA HA   H N N 9   
ALA HB1  H N N 10  
ALA HB2  H N N 11  
ALA HB3  H N N 12  
ALA HXT  H N N 13  
ARG N    N N N 14  
ARG CA   C N S 15  
ARG C    C N N 16  
ARG O    O N N 17  
ARG CB   C N N 18  
ARG CG   C N N 19  
ARG CD   C N N 20  
ARG NE   N N N 21  
ARG CZ   C N N 22  
ARG NH1  N N N 23  
ARG NH2  N N N 24  
ARG OXT  O N N 25  
ARG H    H N N 26  
ARG H2   H N N 27  
ARG HA   H N N 28  
ARG HB2  H N N 29  
ARG HB3  H N N 30  
ARG HG2  H N N 31  
ARG HG3  H N N 32  
ARG HD2  H N N 33  
ARG HD3  H N N 34  
ARG HE   H N N 35  
ARG HH11 H N N 36  
ARG HH12 H N N 37  
ARG HH21 H N N 38  
ARG HH22 H N N 39  
ARG HXT  H N N 40  
ASN N    N N N 41  
ASN CA   C N S 42  
ASN C    C N N 43  
ASN O    O N N 44  
ASN CB   C N N 45  
ASN CG   C N N 46  
ASN OD1  O N N 47  
ASN ND2  N N N 48  
ASN OXT  O N N 49  
ASN H    H N N 50  
ASN H2   H N N 51  
ASN HA   H N N 52  
ASN HB2  H N N 53  
ASN HB3  H N N 54  
ASN HD21 H N N 55  
ASN HD22 H N N 56  
ASN HXT  H N N 57  
ASP N    N N N 58  
ASP CA   C N S 59  
ASP C    C N N 60  
ASP O    O N N 61  
ASP CB   C N N 62  
ASP CG   C N N 63  
ASP OD1  O N N 64  
ASP OD2  O N N 65  
ASP OXT  O N N 66  
ASP H    H N N 67  
ASP H2   H N N 68  
ASP HA   H N N 69  
ASP HB2  H N N 70  
ASP HB3  H N N 71  
ASP HD2  H N N 72  
ASP HXT  H N N 73  
CYS N    N N N 74  
CYS CA   C N R 75  
CYS C    C N N 76  
CYS O    O N N 77  
CYS CB   C N N 78  
CYS SG   S N N 79  
CYS OXT  O N N 80  
CYS H    H N N 81  
CYS H2   H N N 82  
CYS HA   H N N 83  
CYS HB2  H N N 84  
CYS HB3  H N N 85  
CYS HG   H N N 86  
CYS HXT  H N N 87  
GLN N    N N N 88  
GLN CA   C N S 89  
GLN C    C N N 90  
GLN O    O N N 91  
GLN CB   C N N 92  
GLN CG   C N N 93  
GLN CD   C N N 94  
GLN OE1  O N N 95  
GLN NE2  N N N 96  
GLN OXT  O N N 97  
GLN H    H N N 98  
GLN H2   H N N 99  
GLN HA   H N N 100 
GLN HB2  H N N 101 
GLN HB3  H N N 102 
GLN HG2  H N N 103 
GLN HG3  H N N 104 
GLN HE21 H N N 105 
GLN HE22 H N N 106 
GLN HXT  H N N 107 
GLU N    N N N 108 
GLU CA   C N S 109 
GLU C    C N N 110 
GLU O    O N N 111 
GLU CB   C N N 112 
GLU CG   C N N 113 
GLU CD   C N N 114 
GLU OE1  O N N 115 
GLU OE2  O N N 116 
GLU OXT  O N N 117 
GLU H    H N N 118 
GLU H2   H N N 119 
GLU HA   H N N 120 
GLU HB2  H N N 121 
GLU HB3  H N N 122 
GLU HG2  H N N 123 
GLU HG3  H N N 124 
GLU HE2  H N N 125 
GLU HXT  H N N 126 
GLY N    N N N 127 
GLY CA   C N N 128 
GLY C    C N N 129 
GLY O    O N N 130 
GLY OXT  O N N 131 
GLY H    H N N 132 
GLY H2   H N N 133 
GLY HA2  H N N 134 
GLY HA3  H N N 135 
GLY HXT  H N N 136 
HIS N    N N N 137 
HIS CA   C N S 138 
HIS C    C N N 139 
HIS O    O N N 140 
HIS CB   C N N 141 
HIS CG   C Y N 142 
HIS ND1  N Y N 143 
HIS CD2  C Y N 144 
HIS CE1  C Y N 145 
HIS NE2  N Y N 146 
HIS OXT  O N N 147 
HIS H    H N N 148 
HIS H2   H N N 149 
HIS HA   H N N 150 
HIS HB2  H N N 151 
HIS HB3  H N N 152 
HIS HD1  H N N 153 
HIS HD2  H N N 154 
HIS HE1  H N N 155 
HIS HE2  H N N 156 
HIS HXT  H N N 157 
HOH O    O N N 158 
HOH H1   H N N 159 
HOH H2   H N N 160 
ILE N    N N N 161 
ILE CA   C N S 162 
ILE C    C N N 163 
ILE O    O N N 164 
ILE CB   C N S 165 
ILE CG1  C N N 166 
ILE CG2  C N N 167 
ILE CD1  C N N 168 
ILE OXT  O N N 169 
ILE H    H N N 170 
ILE H2   H N N 171 
ILE HA   H N N 172 
ILE HB   H N N 173 
ILE HG12 H N N 174 
ILE HG13 H N N 175 
ILE HG21 H N N 176 
ILE HG22 H N N 177 
ILE HG23 H N N 178 
ILE HD11 H N N 179 
ILE HD12 H N N 180 
ILE HD13 H N N 181 
ILE HXT  H N N 182 
LEU N    N N N 183 
LEU CA   C N S 184 
LEU C    C N N 185 
LEU O    O N N 186 
LEU CB   C N N 187 
LEU CG   C N N 188 
LEU CD1  C N N 189 
LEU CD2  C N N 190 
LEU OXT  O N N 191 
LEU H    H N N 192 
LEU H2   H N N 193 
LEU HA   H N N 194 
LEU HB2  H N N 195 
LEU HB3  H N N 196 
LEU HG   H N N 197 
LEU HD11 H N N 198 
LEU HD12 H N N 199 
LEU HD13 H N N 200 
LEU HD21 H N N 201 
LEU HD22 H N N 202 
LEU HD23 H N N 203 
LEU HXT  H N N 204 
LYS N    N N N 205 
LYS CA   C N S 206 
LYS C    C N N 207 
LYS O    O N N 208 
LYS CB   C N N 209 
LYS CG   C N N 210 
LYS CD   C N N 211 
LYS CE   C N N 212 
LYS NZ   N N N 213 
LYS OXT  O N N 214 
LYS H    H N N 215 
LYS H2   H N N 216 
LYS HA   H N N 217 
LYS HB2  H N N 218 
LYS HB3  H N N 219 
LYS HG2  H N N 220 
LYS HG3  H N N 221 
LYS HD2  H N N 222 
LYS HD3  H N N 223 
LYS HE2  H N N 224 
LYS HE3  H N N 225 
LYS HZ1  H N N 226 
LYS HZ2  H N N 227 
LYS HZ3  H N N 228 
LYS HXT  H N N 229 
MET N    N N N 230 
MET CA   C N S 231 
MET C    C N N 232 
MET O    O N N 233 
MET CB   C N N 234 
MET CG   C N N 235 
MET SD   S N N 236 
MET CE   C N N 237 
MET OXT  O N N 238 
MET H    H N N 239 
MET H2   H N N 240 
MET HA   H N N 241 
MET HB2  H N N 242 
MET HB3  H N N 243 
MET HG2  H N N 244 
MET HG3  H N N 245 
MET HE1  H N N 246 
MET HE2  H N N 247 
MET HE3  H N N 248 
MET HXT  H N N 249 
PHE N    N N N 250 
PHE CA   C N S 251 
PHE C    C N N 252 
PHE O    O N N 253 
PHE CB   C N N 254 
PHE CG   C Y N 255 
PHE CD1  C Y N 256 
PHE CD2  C Y N 257 
PHE CE1  C Y N 258 
PHE CE2  C Y N 259 
PHE CZ   C Y N 260 
PHE OXT  O N N 261 
PHE H    H N N 262 
PHE H2   H N N 263 
PHE HA   H N N 264 
PHE HB2  H N N 265 
PHE HB3  H N N 266 
PHE HD1  H N N 267 
PHE HD2  H N N 268 
PHE HE1  H N N 269 
PHE HE2  H N N 270 
PHE HZ   H N N 271 
PHE HXT  H N N 272 
PO4 P    P N N 273 
PO4 O1   O N N 274 
PO4 O2   O N N 275 
PO4 O3   O N N 276 
PO4 O4   O N N 277 
PRO N    N N N 278 
PRO CA   C N S 279 
PRO C    C N N 280 
PRO O    O N N 281 
PRO CB   C N N 282 
PRO CG   C N N 283 
PRO CD   C N N 284 
PRO OXT  O N N 285 
PRO H    H N N 286 
PRO HA   H N N 287 
PRO HB2  H N N 288 
PRO HB3  H N N 289 
PRO HG2  H N N 290 
PRO HG3  H N N 291 
PRO HD2  H N N 292 
PRO HD3  H N N 293 
PRO HXT  H N N 294 
SER N    N N N 295 
SER CA   C N S 296 
SER C    C N N 297 
SER O    O N N 298 
SER CB   C N N 299 
SER OG   O N N 300 
SER OXT  O N N 301 
SER H    H N N 302 
SER H2   H N N 303 
SER HA   H N N 304 
SER HB2  H N N 305 
SER HB3  H N N 306 
SER HG   H N N 307 
SER HXT  H N N 308 
THR N    N N N 309 
THR CA   C N S 310 
THR C    C N N 311 
THR O    O N N 312 
THR CB   C N R 313 
THR OG1  O N N 314 
THR CG2  C N N 315 
THR OXT  O N N 316 
THR H    H N N 317 
THR H2   H N N 318 
THR HA   H N N 319 
THR HB   H N N 320 
THR HG1  H N N 321 
THR HG21 H N N 322 
THR HG22 H N N 323 
THR HG23 H N N 324 
THR HXT  H N N 325 
TRP N    N N N 326 
TRP CA   C N S 327 
TRP C    C N N 328 
TRP O    O N N 329 
TRP CB   C N N 330 
TRP CG   C Y N 331 
TRP CD1  C Y N 332 
TRP CD2  C Y N 333 
TRP NE1  N Y N 334 
TRP CE2  C Y N 335 
TRP CE3  C Y N 336 
TRP CZ2  C Y N 337 
TRP CZ3  C Y N 338 
TRP CH2  C Y N 339 
TRP OXT  O N N 340 
TRP H    H N N 341 
TRP H2   H N N 342 
TRP HA   H N N 343 
TRP HB2  H N N 344 
TRP HB3  H N N 345 
TRP HD1  H N N 346 
TRP HE1  H N N 347 
TRP HE3  H N N 348 
TRP HZ2  H N N 349 
TRP HZ3  H N N 350 
TRP HH2  H N N 351 
TRP HXT  H N N 352 
TYR N    N N N 353 
TYR CA   C N S 354 
TYR C    C N N 355 
TYR O    O N N 356 
TYR CB   C N N 357 
TYR CG   C Y N 358 
TYR CD1  C Y N 359 
TYR CD2  C Y N 360 
TYR CE1  C Y N 361 
TYR CE2  C Y N 362 
TYR CZ   C Y N 363 
TYR OH   O N N 364 
TYR OXT  O N N 365 
TYR H    H N N 366 
TYR H2   H N N 367 
TYR HA   H N N 368 
TYR HB2  H N N 369 
TYR HB3  H N N 370 
TYR HD1  H N N 371 
TYR HD2  H N N 372 
TYR HE1  H N N 373 
TYR HE2  H N N 374 
TYR HH   H N N 375 
TYR HXT  H N N 376 
VAL N    N N N 377 
VAL CA   C N S 378 
VAL C    C N N 379 
VAL O    O N N 380 
VAL CB   C N N 381 
VAL CG1  C N N 382 
VAL CG2  C N N 383 
VAL OXT  O N N 384 
VAL H    H N N 385 
VAL H2   H N N 386 
VAL HA   H N N 387 
VAL HB   H N N 388 
VAL HG11 H N N 389 
VAL HG12 H N N 390 
VAL HG13 H N N 391 
VAL HG21 H N N 392 
VAL HG22 H N N 393 
VAL HG23 H N N 394 
VAL HXT  H N N 395 
# 
loop_
_chem_comp_bond.comp_id 
_chem_comp_bond.atom_id_1 
_chem_comp_bond.atom_id_2 
_chem_comp_bond.value_order 
_chem_comp_bond.pdbx_aromatic_flag 
_chem_comp_bond.pdbx_stereo_config 
_chem_comp_bond.pdbx_ordinal 
ALA N   CA   sing N N 1   
ALA N   H    sing N N 2   
ALA N   H2   sing N N 3   
ALA CA  C    sing N N 4   
ALA CA  CB   sing N N 5   
ALA CA  HA   sing N N 6   
ALA C   O    doub N N 7   
ALA C   OXT  sing N N 8   
ALA CB  HB1  sing N N 9   
ALA CB  HB2  sing N N 10  
ALA CB  HB3  sing N N 11  
ALA OXT HXT  sing N N 12  
ARG N   CA   sing N N 13  
ARG N   H    sing N N 14  
ARG N   H2   sing N N 15  
ARG CA  C    sing N N 16  
ARG CA  CB   sing N N 17  
ARG CA  HA   sing N N 18  
ARG C   O    doub N N 19  
ARG C   OXT  sing N N 20  
ARG CB  CG   sing N N 21  
ARG CB  HB2  sing N N 22  
ARG CB  HB3  sing N N 23  
ARG CG  CD   sing N N 24  
ARG CG  HG2  sing N N 25  
ARG CG  HG3  sing N N 26  
ARG CD  NE   sing N N 27  
ARG CD  HD2  sing N N 28  
ARG CD  HD3  sing N N 29  
ARG NE  CZ   sing N N 30  
ARG NE  HE   sing N N 31  
ARG CZ  NH1  sing N N 32  
ARG CZ  NH2  doub N N 33  
ARG NH1 HH11 sing N N 34  
ARG NH1 HH12 sing N N 35  
ARG NH2 HH21 sing N N 36  
ARG NH2 HH22 sing N N 37  
ARG OXT HXT  sing N N 38  
ASN N   CA   sing N N 39  
ASN N   H    sing N N 40  
ASN N   H2   sing N N 41  
ASN CA  C    sing N N 42  
ASN CA  CB   sing N N 43  
ASN CA  HA   sing N N 44  
ASN C   O    doub N N 45  
ASN C   OXT  sing N N 46  
ASN CB  CG   sing N N 47  
ASN CB  HB2  sing N N 48  
ASN CB  HB3  sing N N 49  
ASN CG  OD1  doub N N 50  
ASN CG  ND2  sing N N 51  
ASN ND2 HD21 sing N N 52  
ASN ND2 HD22 sing N N 53  
ASN OXT HXT  sing N N 54  
ASP N   CA   sing N N 55  
ASP N   H    sing N N 56  
ASP N   H2   sing N N 57  
ASP CA  C    sing N N 58  
ASP CA  CB   sing N N 59  
ASP CA  HA   sing N N 60  
ASP C   O    doub N N 61  
ASP C   OXT  sing N N 62  
ASP CB  CG   sing N N 63  
ASP CB  HB2  sing N N 64  
ASP CB  HB3  sing N N 65  
ASP CG  OD1  doub N N 66  
ASP CG  OD2  sing N N 67  
ASP OD2 HD2  sing N N 68  
ASP OXT HXT  sing N N 69  
CYS N   CA   sing N N 70  
CYS N   H    sing N N 71  
CYS N   H2   sing N N 72  
CYS CA  C    sing N N 73  
CYS CA  CB   sing N N 74  
CYS CA  HA   sing N N 75  
CYS C   O    doub N N 76  
CYS C   OXT  sing N N 77  
CYS CB  SG   sing N N 78  
CYS CB  HB2  sing N N 79  
CYS CB  HB3  sing N N 80  
CYS SG  HG   sing N N 81  
CYS OXT HXT  sing N N 82  
GLN N   CA   sing N N 83  
GLN N   H    sing N N 84  
GLN N   H2   sing N N 85  
GLN CA  C    sing N N 86  
GLN CA  CB   sing N N 87  
GLN CA  HA   sing N N 88  
GLN C   O    doub N N 89  
GLN C   OXT  sing N N 90  
GLN CB  CG   sing N N 91  
GLN CB  HB2  sing N N 92  
GLN CB  HB3  sing N N 93  
GLN CG  CD   sing N N 94  
GLN CG  HG2  sing N N 95  
GLN CG  HG3  sing N N 96  
GLN CD  OE1  doub N N 97  
GLN CD  NE2  sing N N 98  
GLN NE2 HE21 sing N N 99  
GLN NE2 HE22 sing N N 100 
GLN OXT HXT  sing N N 101 
GLU N   CA   sing N N 102 
GLU N   H    sing N N 103 
GLU N   H2   sing N N 104 
GLU CA  C    sing N N 105 
GLU CA  CB   sing N N 106 
GLU CA  HA   sing N N 107 
GLU C   O    doub N N 108 
GLU C   OXT  sing N N 109 
GLU CB  CG   sing N N 110 
GLU CB  HB2  sing N N 111 
GLU CB  HB3  sing N N 112 
GLU CG  CD   sing N N 113 
GLU CG  HG2  sing N N 114 
GLU CG  HG3  sing N N 115 
GLU CD  OE1  doub N N 116 
GLU CD  OE2  sing N N 117 
GLU OE2 HE2  sing N N 118 
GLU OXT HXT  sing N N 119 
GLY N   CA   sing N N 120 
GLY N   H    sing N N 121 
GLY N   H2   sing N N 122 
GLY CA  C    sing N N 123 
GLY CA  HA2  sing N N 124 
GLY CA  HA3  sing N N 125 
GLY C   O    doub N N 126 
GLY C   OXT  sing N N 127 
GLY OXT HXT  sing N N 128 
HIS N   CA   sing N N 129 
HIS N   H    sing N N 130 
HIS N   H2   sing N N 131 
HIS CA  C    sing N N 132 
HIS CA  CB   sing N N 133 
HIS CA  HA   sing N N 134 
HIS C   O    doub N N 135 
HIS C   OXT  sing N N 136 
HIS CB  CG   sing N N 137 
HIS CB  HB2  sing N N 138 
HIS CB  HB3  sing N N 139 
HIS CG  ND1  sing Y N 140 
HIS CG  CD2  doub Y N 141 
HIS ND1 CE1  doub Y N 142 
HIS ND1 HD1  sing N N 143 
HIS CD2 NE2  sing Y N 144 
HIS CD2 HD2  sing N N 145 
HIS CE1 NE2  sing Y N 146 
HIS CE1 HE1  sing N N 147 
HIS NE2 HE2  sing N N 148 
HIS OXT HXT  sing N N 149 
HOH O   H1   sing N N 150 
HOH O   H2   sing N N 151 
ILE N   CA   sing N N 152 
ILE N   H    sing N N 153 
ILE N   H2   sing N N 154 
ILE CA  C    sing N N 155 
ILE CA  CB   sing N N 156 
ILE CA  HA   sing N N 157 
ILE C   O    doub N N 158 
ILE C   OXT  sing N N 159 
ILE CB  CG1  sing N N 160 
ILE CB  CG2  sing N N 161 
ILE CB  HB   sing N N 162 
ILE CG1 CD1  sing N N 163 
ILE CG1 HG12 sing N N 164 
ILE CG1 HG13 sing N N 165 
ILE CG2 HG21 sing N N 166 
ILE CG2 HG22 sing N N 167 
ILE CG2 HG23 sing N N 168 
ILE CD1 HD11 sing N N 169 
ILE CD1 HD12 sing N N 170 
ILE CD1 HD13 sing N N 171 
ILE OXT HXT  sing N N 172 
LEU N   CA   sing N N 173 
LEU N   H    sing N N 174 
LEU N   H2   sing N N 175 
LEU CA  C    sing N N 176 
LEU CA  CB   sing N N 177 
LEU CA  HA   sing N N 178 
LEU C   O    doub N N 179 
LEU C   OXT  sing N N 180 
LEU CB  CG   sing N N 181 
LEU CB  HB2  sing N N 182 
LEU CB  HB3  sing N N 183 
LEU CG  CD1  sing N N 184 
LEU CG  CD2  sing N N 185 
LEU CG  HG   sing N N 186 
LEU CD1 HD11 sing N N 187 
LEU CD1 HD12 sing N N 188 
LEU CD1 HD13 sing N N 189 
LEU CD2 HD21 sing N N 190 
LEU CD2 HD22 sing N N 191 
LEU CD2 HD23 sing N N 192 
LEU OXT HXT  sing N N 193 
LYS N   CA   sing N N 194 
LYS N   H    sing N N 195 
LYS N   H2   sing N N 196 
LYS CA  C    sing N N 197 
LYS CA  CB   sing N N 198 
LYS CA  HA   sing N N 199 
LYS C   O    doub N N 200 
LYS C   OXT  sing N N 201 
LYS CB  CG   sing N N 202 
LYS CB  HB2  sing N N 203 
LYS CB  HB3  sing N N 204 
LYS CG  CD   sing N N 205 
LYS CG  HG2  sing N N 206 
LYS CG  HG3  sing N N 207 
LYS CD  CE   sing N N 208 
LYS CD  HD2  sing N N 209 
LYS CD  HD3  sing N N 210 
LYS CE  NZ   sing N N 211 
LYS CE  HE2  sing N N 212 
LYS CE  HE3  sing N N 213 
LYS NZ  HZ1  sing N N 214 
LYS NZ  HZ2  sing N N 215 
LYS NZ  HZ3  sing N N 216 
LYS OXT HXT  sing N N 217 
MET N   CA   sing N N 218 
MET N   H    sing N N 219 
MET N   H2   sing N N 220 
MET CA  C    sing N N 221 
MET CA  CB   sing N N 222 
MET CA  HA   sing N N 223 
MET C   O    doub N N 224 
MET C   OXT  sing N N 225 
MET CB  CG   sing N N 226 
MET CB  HB2  sing N N 227 
MET CB  HB3  sing N N 228 
MET CG  SD   sing N N 229 
MET CG  HG2  sing N N 230 
MET CG  HG3  sing N N 231 
MET SD  CE   sing N N 232 
MET CE  HE1  sing N N 233 
MET CE  HE2  sing N N 234 
MET CE  HE3  sing N N 235 
MET OXT HXT  sing N N 236 
PHE N   CA   sing N N 237 
PHE N   H    sing N N 238 
PHE N   H2   sing N N 239 
PHE CA  C    sing N N 240 
PHE CA  CB   sing N N 241 
PHE CA  HA   sing N N 242 
PHE C   O    doub N N 243 
PHE C   OXT  sing N N 244 
PHE CB  CG   sing N N 245 
PHE CB  HB2  sing N N 246 
PHE CB  HB3  sing N N 247 
PHE CG  CD1  doub Y N 248 
PHE CG  CD2  sing Y N 249 
PHE CD1 CE1  sing Y N 250 
PHE CD1 HD1  sing N N 251 
PHE CD2 CE2  doub Y N 252 
PHE CD2 HD2  sing N N 253 
PHE CE1 CZ   doub Y N 254 
PHE CE1 HE1  sing N N 255 
PHE CE2 CZ   sing Y N 256 
PHE CE2 HE2  sing N N 257 
PHE CZ  HZ   sing N N 258 
PHE OXT HXT  sing N N 259 
PO4 P   O1   doub N N 260 
PO4 P   O2   sing N N 261 
PO4 P   O3   sing N N 262 
PO4 P   O4   sing N N 263 
PRO N   CA   sing N N 264 
PRO N   CD   sing N N 265 
PRO N   H    sing N N 266 
PRO CA  C    sing N N 267 
PRO CA  CB   sing N N 268 
PRO CA  HA   sing N N 269 
PRO C   O    doub N N 270 
PRO C   OXT  sing N N 271 
PRO CB  CG   sing N N 272 
PRO CB  HB2  sing N N 273 
PRO CB  HB3  sing N N 274 
PRO CG  CD   sing N N 275 
PRO CG  HG2  sing N N 276 
PRO CG  HG3  sing N N 277 
PRO CD  HD2  sing N N 278 
PRO CD  HD3  sing N N 279 
PRO OXT HXT  sing N N 280 
SER N   CA   sing N N 281 
SER N   H    sing N N 282 
SER N   H2   sing N N 283 
SER CA  C    sing N N 284 
SER CA  CB   sing N N 285 
SER CA  HA   sing N N 286 
SER C   O    doub N N 287 
SER C   OXT  sing N N 288 
SER CB  OG   sing N N 289 
SER CB  HB2  sing N N 290 
SER CB  HB3  sing N N 291 
SER OG  HG   sing N N 292 
SER OXT HXT  sing N N 293 
THR N   CA   sing N N 294 
THR N   H    sing N N 295 
THR N   H2   sing N N 296 
THR CA  C    sing N N 297 
THR CA  CB   sing N N 298 
THR CA  HA   sing N N 299 
THR C   O    doub N N 300 
THR C   OXT  sing N N 301 
THR CB  OG1  sing N N 302 
THR CB  CG2  sing N N 303 
THR CB  HB   sing N N 304 
THR OG1 HG1  sing N N 305 
THR CG2 HG21 sing N N 306 
THR CG2 HG22 sing N N 307 
THR CG2 HG23 sing N N 308 
THR OXT HXT  sing N N 309 
TRP N   CA   sing N N 310 
TRP N   H    sing N N 311 
TRP N   H2   sing N N 312 
TRP CA  C    sing N N 313 
TRP CA  CB   sing N N 314 
TRP CA  HA   sing N N 315 
TRP C   O    doub N N 316 
TRP C   OXT  sing N N 317 
TRP CB  CG   sing N N 318 
TRP CB  HB2  sing N N 319 
TRP CB  HB3  sing N N 320 
TRP CG  CD1  doub Y N 321 
TRP CG  CD2  sing Y N 322 
TRP CD1 NE1  sing Y N 323 
TRP CD1 HD1  sing N N 324 
TRP CD2 CE2  doub Y N 325 
TRP CD2 CE3  sing Y N 326 
TRP NE1 CE2  sing Y N 327 
TRP NE1 HE1  sing N N 328 
TRP CE2 CZ2  sing Y N 329 
TRP CE3 CZ3  doub Y N 330 
TRP CE3 HE3  sing N N 331 
TRP CZ2 CH2  doub Y N 332 
TRP CZ2 HZ2  sing N N 333 
TRP CZ3 CH2  sing Y N 334 
TRP CZ3 HZ3  sing N N 335 
TRP CH2 HH2  sing N N 336 
TRP OXT HXT  sing N N 337 
TYR N   CA   sing N N 338 
TYR N   H    sing N N 339 
TYR N   H2   sing N N 340 
TYR CA  C    sing N N 341 
TYR CA  CB   sing N N 342 
TYR CA  HA   sing N N 343 
TYR C   O    doub N N 344 
TYR C   OXT  sing N N 345 
TYR CB  CG   sing N N 346 
TYR CB  HB2  sing N N 347 
TYR CB  HB3  sing N N 348 
TYR CG  CD1  doub Y N 349 
TYR CG  CD2  sing Y N 350 
TYR CD1 CE1  sing Y N 351 
TYR CD1 HD1  sing N N 352 
TYR CD2 CE2  doub Y N 353 
TYR CD2 HD2  sing N N 354 
TYR CE1 CZ   doub Y N 355 
TYR CE1 HE1  sing N N 356 
TYR CE2 CZ   sing Y N 357 
TYR CE2 HE2  sing N N 358 
TYR CZ  OH   sing N N 359 
TYR OH  HH   sing N N 360 
TYR OXT HXT  sing N N 361 
VAL N   CA   sing N N 362 
VAL N   H    sing N N 363 
VAL N   H2   sing N N 364 
VAL CA  C    sing N N 365 
VAL CA  CB   sing N N 366 
VAL CA  HA   sing N N 367 
VAL C   O    doub N N 368 
VAL C   OXT  sing N N 369 
VAL CB  CG1  sing N N 370 
VAL CB  CG2  sing N N 371 
VAL CB  HB   sing N N 372 
VAL CG1 HG11 sing N N 373 
VAL CG1 HG12 sing N N 374 
VAL CG1 HG13 sing N N 375 
VAL CG2 HG21 sing N N 376 
VAL CG2 HG22 sing N N 377 
VAL CG2 HG23 sing N N 378 
VAL OXT HXT  sing N N 379 
# 
_pdbx_initial_refinement_model.id               1 
_pdbx_initial_refinement_model.entity_id_list   ? 
_pdbx_initial_refinement_model.type             'experimental model' 
_pdbx_initial_refinement_model.source_name      PDB 
_pdbx_initial_refinement_model.accession_code   1HYR 
_pdbx_initial_refinement_model.details          'PDB ENTRY 1HYR (CHAIN A)' 
# 
_atom_sites.entry_id                    1MPU 
_atom_sites.fract_transf_matrix[1][1]   0.00174470 
_atom_sites.fract_transf_matrix[1][2]   0.01081696 
_atom_sites.fract_transf_matrix[1][3]   -0.00318034 
_atom_sites.fract_transf_matrix[2][1]   -0.01029205 
_atom_sites.fract_transf_matrix[2][2]   0.00021388 
_atom_sites.fract_transf_matrix[2][3]   -0.00491867 
_atom_sites.fract_transf_matrix[3][1]   -0.01116875 
_atom_sites.fract_transf_matrix[3][2]   0.00878486 
_atom_sites.fract_transf_matrix[3][3]   0.02375199 
_atom_sites.fract_transf_vector[1]      0.759165 
_atom_sites.fract_transf_vector[2]      0.562310 
_atom_sites.fract_transf_vector[3]      0.055450 
# 
loop_
_atom_type.symbol 
C 
N 
O 
P 
S 
# 
loop_
_atom_site.group_PDB 
_atom_site.id 
_atom_site.type_symbol 
_atom_site.label_atom_id 
_atom_site.label_alt_id 
_atom_site.label_comp_id 
_atom_site.label_asym_id 
_atom_site.label_entity_id 
_atom_site.label_seq_id 
_atom_site.pdbx_PDB_ins_code 
_atom_site.Cartn_x 
_atom_site.Cartn_y 
_atom_site.Cartn_z 
_atom_site.occupancy 
_atom_site.B_iso_or_equiv 
_atom_site.pdbx_formal_charge 
_atom_site.auth_seq_id 
_atom_site.auth_comp_id 
_atom_site.auth_asym_id 
_atom_site.auth_atom_id 
_atom_site.pdbx_PDB_model_num 
ATOM   1    N N   . GLN A 1 10  ? -5.020  -32.105 -15.664 1.00 74.55 ? 88  GLN A N   1 
ATOM   2    C CA  . GLN A 1 10  ? -5.378  -32.385 -14.241 1.00 74.11 ? 88  GLN A CA  1 
ATOM   3    C C   . GLN A 1 10  ? -4.093  -32.648 -13.454 1.00 72.65 ? 88  GLN A C   1 
ATOM   4    O O   . GLN A 1 10  ? -3.982  -33.570 -12.640 1.00 71.80 ? 88  GLN A O   1 
ATOM   5    C CB  . GLN A 1 10  ? -6.338  -33.569 -14.191 1.00 75.84 ? 88  GLN A CB  1 
ATOM   6    C CG  . GLN A 1 10  ? -7.605  -33.310 -15.010 1.00 78.58 ? 88  GLN A CG  1 
ATOM   7    C CD  . GLN A 1 10  ? -8.666  -34.377 -14.820 1.00 81.03 ? 88  GLN A CD  1 
ATOM   8    O OE1 . GLN A 1 10  ? -8.438  -35.381 -14.146 1.00 82.83 ? 88  GLN A OE1 1 
ATOM   9    N NE2 . GLN A 1 10  ? -9.835  -34.164 -15.420 1.00 82.10 ? 88  GLN A NE2 1 
ATOM   10   N N   . ILE A 1 11  ? -3.152  -31.758 -13.747 1.00 71.00 ? 89  ILE A N   1 
ATOM   11   C CA  . ILE A 1 11  ? -1.776  -31.636 -13.264 1.00 69.15 ? 89  ILE A CA  1 
ATOM   12   C C   . ILE A 1 11  ? -1.382  -31.743 -11.773 1.00 67.36 ? 89  ILE A C   1 
ATOM   13   O O   . ILE A 1 11  ? -2.248  -31.809 -10.895 1.00 67.43 ? 89  ILE A O   1 
ATOM   14   C CB  . ILE A 1 11  ? -1.255  -30.319 -13.827 1.00 69.10 ? 89  ILE A CB  1 
ATOM   15   C CG1 . ILE A 1 11  ? -2.347  -29.254 -13.672 1.00 68.59 ? 89  ILE A CG1 1 
ATOM   16   C CG2 . ILE A 1 11  ? -0.906  -30.496 -15.302 1.00 69.60 ? 89  ILE A CG2 1 
ATOM   17   C CD1 . ILE A 1 11  ? -1.976  -27.885 -14.171 1.00 67.83 ? 89  ILE A CD1 1 
ATOM   18   N N   . PRO A 1 12  ? -0.053  -31.739 -11.478 1.00 65.42 ? 90  PRO A N   1 
ATOM   19   C CA  . PRO A 1 12  ? 0.536   -31.836 -10.133 1.00 63.71 ? 90  PRO A CA  1 
ATOM   20   C C   . PRO A 1 12  ? -0.031  -30.855 -9.104  1.00 62.08 ? 90  PRO A C   1 
ATOM   21   O O   . PRO A 1 12  ? 0.280   -29.662 -9.138  1.00 62.06 ? 90  PRO A O   1 
ATOM   22   C CB  . PRO A 1 12  ? 2.024   -31.586 -10.394 1.00 64.11 ? 90  PRO A CB  1 
ATOM   23   C CG  . PRO A 1 12  ? 2.004   -30.689 -11.589 1.00 63.79 ? 90  PRO A CG  1 
ATOM   24   C CD  . PRO A 1 12  ? 1.018   -31.438 -12.447 1.00 64.44 ? 90  PRO A CD  1 
ATOM   25   N N   . LEU A 1 13  ? -0.841  -31.359 -8.176  1.00 59.34 ? 91  LEU A N   1 
ATOM   26   C CA  . LEU A 1 13  ? -1.432  -30.487 -7.173  1.00 56.92 ? 91  LEU A CA  1 
ATOM   27   C C   . LEU A 1 13  ? -0.325  -29.962 -6.277  1.00 54.55 ? 91  LEU A C   1 
ATOM   28   O O   . LEU A 1 13  ? 0.597   -30.700 -5.927  1.00 54.24 ? 91  LEU A O   1 
ATOM   29   C CB  . LEU A 1 13  ? -2.461  -31.237 -6.318  1.00 57.53 ? 91  LEU A CB  1 
ATOM   30   C CG  . LEU A 1 13  ? -3.416  -32.241 -6.975  1.00 60.18 ? 91  LEU A CG  1 
ATOM   31   C CD1 . LEU A 1 13  ? -4.243  -32.895 -5.871  1.00 62.28 ? 91  LEU A CD1 1 
ATOM   32   C CD2 . LEU A 1 13  ? -4.335  -31.572 -7.997  1.00 61.08 ? 91  LEU A CD2 1 
ATOM   33   N N   . THR A 1 14  ? -0.400  -28.678 -5.939  1.00 51.02 ? 92  THR A N   1 
ATOM   34   C CA  . THR A 1 14  ? 0.576   -28.056 -5.050  1.00 46.09 ? 92  THR A CA  1 
ATOM   35   C C   . THR A 1 14  ? -0.175  -27.780 -3.768  1.00 42.73 ? 92  THR A C   1 
ATOM   36   O O   . THR A 1 14  ? -1.402  -27.737 -3.771  1.00 42.52 ? 92  THR A O   1 
ATOM   37   C CB  . THR A 1 14  ? 1.108   -26.707 -5.598  1.00 46.10 ? 92  THR A CB  1 
ATOM   38   O OG1 . THR A 1 14  ? 0.014   -25.895 -6.043  1.00 47.31 ? 92  THR A OG1 1 
ATOM   39   C CG2 . THR A 1 14  ? 2.072   -26.927 -6.739  1.00 46.85 ? 92  THR A CG2 1 
ATOM   40   N N   . GLU A 1 15  ? 0.556   -27.603 -2.675  1.00 39.63 ? 93  GLU A N   1 
ATOM   41   C CA  . GLU A 1 15  ? -0.058  -27.307 -1.381  1.00 37.52 ? 93  GLU A CA  1 
ATOM   42   C C   . GLU A 1 15  ? 1.037   -26.849 -0.414  1.00 36.30 ? 93  GLU A C   1 
ATOM   43   O O   . GLU A 1 15  ? 1.815   -27.659 0.099   1.00 35.18 ? 93  GLU A O   1 
ATOM   44   C CB  . GLU A 1 15  ? -0.786  -28.548 -0.844  1.00 36.58 ? 93  GLU A CB  1 
ATOM   45   C CG  . GLU A 1 15  ? -2.114  -28.249 -0.153  1.00 34.22 ? 93  GLU A CG  1 
ATOM   46   C CD  . GLU A 1 15  ? -3.177  -27.647 -1.085  1.00 32.99 ? 93  GLU A CD  1 
ATOM   47   O OE1 . GLU A 1 15  ? -3.883  -28.395 -1.788  1.00 28.71 ? 93  GLU A OE1 1 
ATOM   48   O OE2 . GLU A 1 15  ? -3.305  -26.409 -1.118  1.00 32.95 ? 93  GLU A OE2 1 
ATOM   49   N N   . SER A 1 16  ? 1.098   -25.540 -0.184  1.00 36.21 ? 94  SER A N   1 
ATOM   50   C CA  . SER A 1 16  ? 2.112   -24.954 0.691   1.00 36.25 ? 94  SER A CA  1 
ATOM   51   C C   . SER A 1 16  ? 1.516   -23.896 1.608   1.00 35.99 ? 94  SER A C   1 
ATOM   52   O O   . SER A 1 16  ? 0.516   -23.269 1.288   1.00 33.99 ? 94  SER A O   1 
ATOM   53   C CB  . SER A 1 16  ? 3.213   -24.303 -0.146  1.00 36.12 ? 94  SER A CB  1 
ATOM   54   O OG  . SER A 1 16  ? 3.579   -25.115 -1.247  1.00 37.03 ? 94  SER A OG  1 
ATOM   55   N N   . TYR A 1 17  ? 2.132   -23.696 2.761   1.00 37.74 ? 95  TYR A N   1 
ATOM   56   C CA  . TYR A 1 17  ? 1.632   -22.683 3.670   1.00 39.33 ? 95  TYR A CA  1 
ATOM   57   C C   . TYR A 1 17  ? 2.107   -21.350 3.107   1.00 40.24 ? 95  TYR A C   1 
ATOM   58   O O   . TYR A 1 17  ? 2.854   -21.322 2.125   1.00 41.21 ? 95  TYR A O   1 
ATOM   59   C CB  . TYR A 1 17  ? 2.187   -22.918 5.081   1.00 39.84 ? 95  TYR A CB  1 
ATOM   60   C CG  . TYR A 1 17  ? 1.434   -23.975 5.868   1.00 38.98 ? 95  TYR A CG  1 
ATOM   61   C CD1 . TYR A 1 17  ? 0.142   -23.733 6.331   1.00 38.69 ? 95  TYR A CD1 1 
ATOM   62   C CD2 . TYR A 1 17  ? 2.007   -25.216 6.146   1.00 40.50 ? 95  TYR A CD2 1 
ATOM   63   C CE1 . TYR A 1 17  ? -0.569  -24.703 7.053   1.00 38.14 ? 95  TYR A CE1 1 
ATOM   64   C CE2 . TYR A 1 17  ? 1.299   -26.199 6.871   1.00 39.45 ? 95  TYR A CE2 1 
ATOM   65   C CZ  . TYR A 1 17  ? 0.012   -25.928 7.319   1.00 37.63 ? 95  TYR A CZ  1 
ATOM   66   O OH  . TYR A 1 17  ? -0.700  -26.871 8.025   1.00 35.22 ? 95  TYR A OH  1 
ATOM   67   N N   . CYS A 1 18  ? 1.664   -20.244 3.697   1.00 39.10 ? 96  CYS A N   1 
ATOM   68   C CA  . CYS A 1 18  ? 2.093   -18.933 3.223   1.00 37.85 ? 96  CYS A CA  1 
ATOM   69   C C   . CYS A 1 18  ? 2.784   -18.133 4.362   1.00 38.67 ? 96  CYS A C   1 
ATOM   70   O O   . CYS A 1 18  ? 2.123   -17.666 5.292   1.00 37.58 ? 96  CYS A O   1 
ATOM   71   C CB  . CYS A 1 18  ? 0.879   -18.200 2.624   1.00 37.28 ? 96  CYS A CB  1 
ATOM   72   S SG  . CYS A 1 18  ? 1.169   -16.609 1.779   1.00 34.77 ? 96  CYS A SG  1 
ATOM   73   N N   . GLY A 1 19  ? 4.121   -18.028 4.255   1.00 40.55 ? 97  GLY A N   1 
ATOM   74   C CA  . GLY A 1 19  ? 5.029   -17.345 5.200   1.00 40.30 ? 97  GLY A CA  1 
ATOM   75   C C   . GLY A 1 19  ? 4.418   -16.604 6.373   1.00 41.00 ? 97  GLY A C   1 
ATOM   76   O O   . GLY A 1 19  ? 3.613   -15.715 6.134   1.00 44.16 ? 97  GLY A O   1 
ATOM   77   N N   . PRO A 1 20  ? 4.853   -16.832 7.628   1.00 40.02 ? 98  PRO A N   1 
ATOM   78   C CA  . PRO A 1 20  ? 4.118   -16.049 8.633   1.00 38.43 ? 98  PRO A CA  1 
ATOM   79   C C   . PRO A 1 20  ? 3.633   -14.634 8.323   1.00 36.03 ? 98  PRO A C   1 
ATOM   80   O O   . PRO A 1 20  ? 4.346   -13.781 7.774   1.00 35.77 ? 98  PRO A O   1 
ATOM   81   C CB  . PRO A 1 20  ? 4.992   -16.099 9.896   1.00 38.42 ? 98  PRO A CB  1 
ATOM   82   C CG  . PRO A 1 20  ? 6.281   -16.671 9.495   1.00 40.37 ? 98  PRO A CG  1 
ATOM   83   C CD  . PRO A 1 20  ? 6.252   -17.059 8.032   1.00 39.93 ? 98  PRO A CD  1 
ATOM   84   N N   . CYS A 1 21  ? 2.369   -14.451 8.683   1.00 33.00 ? 99  CYS A N   1 
ATOM   85   C CA  . CYS A 1 21  ? 1.621   -13.213 8.551   1.00 31.90 ? 99  CYS A CA  1 
ATOM   86   C C   . CYS A 1 21  ? 0.866   -12.987 9.848   1.00 33.11 ? 99  CYS A C   1 
ATOM   87   O O   . CYS A 1 21  ? 0.676   -13.908 10.649  1.00 32.24 ? 99  CYS A O   1 
ATOM   88   C CB  . CYS A 1 21  ? 0.592   -13.317 7.439   1.00 29.06 ? 99  CYS A CB  1 
ATOM   89   S SG  . CYS A 1 21  ? 1.293   -13.102 5.798   1.00 24.38 ? 99  CYS A SG  1 
ATOM   90   N N   . PRO A 1 22  ? 0.441   -11.746 10.091  1.00 34.66 ? 100 PRO A N   1 
ATOM   91   C CA  . PRO A 1 22  ? -0.297  -11.559 11.341  1.00 36.69 ? 100 PRO A CA  1 
ATOM   92   C C   . PRO A 1 22  ? -1.569  -12.406 11.275  1.00 38.06 ? 100 PRO A C   1 
ATOM   93   O O   . PRO A 1 22  ? -1.878  -12.979 10.230  1.00 39.99 ? 100 PRO A O   1 
ATOM   94   C CB  . PRO A 1 22  ? -0.588  -10.063 11.340  1.00 36.31 ? 100 PRO A CB  1 
ATOM   95   C CG  . PRO A 1 22  ? 0.641   -9.500  10.676  1.00 35.67 ? 100 PRO A CG  1 
ATOM   96   C CD  . PRO A 1 22  ? 0.846   -10.453 9.512   1.00 34.68 ? 100 PRO A CD  1 
ATOM   97   N N   . LYS A 1 23  ? -2.308  -12.478 12.375  1.00 38.70 ? 101 LYS A N   1 
ATOM   98   C CA  . LYS A 1 23  ? -3.539  -13.277 12.419  1.00 39.15 ? 101 LYS A CA  1 
ATOM   99   C C   . LYS A 1 23  ? -4.679  -12.723 11.541  1.00 38.44 ? 101 LYS A C   1 
ATOM   100  O O   . LYS A 1 23  ? -4.988  -11.528 11.577  1.00 38.24 ? 101 LYS A O   1 
ATOM   101  C CB  . LYS A 1 23  ? -4.015  -13.410 13.878  1.00 39.15 ? 101 LYS A CB  1 
ATOM   102  C CG  . LYS A 1 23  ? -5.304  -14.211 14.073  1.00 39.48 ? 101 LYS A CG  1 
ATOM   103  C CD  . LYS A 1 23  ? -5.046  -15.710 14.280  1.00 40.46 ? 101 LYS A CD  1 
ATOM   104  C CE  . LYS A 1 23  ? -6.358  -16.500 14.375  1.00 40.37 ? 101 LYS A CE  1 
ATOM   105  N NZ  . LYS A 1 23  ? -6.148  -17.921 14.791  1.00 42.21 ? 101 LYS A NZ  1 
ATOM   106  N N   . ASN A 1 24  ? -5.292  -13.606 10.754  1.00 37.69 ? 102 ASN A N   1 
ATOM   107  C CA  . ASN A 1 24  ? -6.409  -13.254 9.867   1.00 35.96 ? 102 ASN A CA  1 
ATOM   108  C C   . ASN A 1 24  ? -6.086  -12.264 8.753   1.00 33.20 ? 102 ASN A C   1 
ATOM   109  O O   . ASN A 1 24  ? -6.991  -11.679 8.165   1.00 33.56 ? 102 ASN A O   1 
ATOM   110  C CB  . ASN A 1 24  ? -7.594  -12.703 10.669  1.00 37.19 ? 102 ASN A CB  1 
ATOM   111  C CG  . ASN A 1 24  ? -8.107  -13.682 11.706  1.00 40.71 ? 102 ASN A CG  1 
ATOM   112  O OD1 . ASN A 1 24  ? -8.093  -14.900 11.498  1.00 41.29 ? 102 ASN A OD1 1 
ATOM   113  N ND2 . ASN A 1 24  ? -8.582  -13.150 12.832  1.00 41.75 ? 102 ASN A ND2 1 
ATOM   114  N N   . TRP A 1 25  ? -4.807  -12.068 8.470   1.00 30.27 ? 103 TRP A N   1 
ATOM   115  C CA  . TRP A 1 25  ? -4.394  -11.153 7.408   1.00 28.83 ? 103 TRP A CA  1 
ATOM   116  C C   . TRP A 1 25  ? -4.403  -11.879 6.068   1.00 26.53 ? 103 TRP A C   1 
ATOM   117  O O   . TRP A 1 25  ? -4.527  -13.100 6.015   1.00 24.78 ? 103 TRP A O   1 
ATOM   118  C CB  . TRP A 1 25  ? -2.981  -10.623 7.679   1.00 29.87 ? 103 TRP A CB  1 
ATOM   119  C CG  . TRP A 1 25  ? -2.934  -9.423  8.561   1.00 30.83 ? 103 TRP A CG  1 
ATOM   120  C CD1 . TRP A 1 25  ? -3.661  -9.204  9.694   1.00 31.78 ? 103 TRP A CD1 1 
ATOM   121  C CD2 . TRP A 1 25  ? -2.101  -8.275  8.393   1.00 31.85 ? 103 TRP A CD2 1 
ATOM   122  N NE1 . TRP A 1 25  ? -3.330  -7.989  10.242  1.00 31.28 ? 103 TRP A NE1 1 
ATOM   123  C CE2 . TRP A 1 25  ? -2.370  -7.395  9.460   1.00 30.16 ? 103 TRP A CE2 1 
ATOM   124  C CE3 . TRP A 1 25  ? -1.142  -7.898  7.435   1.00 31.35 ? 103 TRP A CE3 1 
ATOM   125  C CZ2 . TRP A 1 25  ? -1.727  -6.167  9.608   1.00 30.48 ? 103 TRP A CZ2 1 
ATOM   126  C CZ3 . TRP A 1 25  ? -0.502  -6.672  7.580   1.00 29.51 ? 103 TRP A CZ3 1 
ATOM   127  C CH2 . TRP A 1 25  ? -0.797  -5.824  8.657   1.00 29.91 ? 103 TRP A CH2 1 
ATOM   128  N N   . ILE A 1 26  ? -4.282  -11.130 4.984   1.00 25.07 ? 104 ILE A N   1 
ATOM   129  C CA  . ILE A 1 26  ? -4.251  -11.752 3.676   1.00 25.93 ? 104 ILE A CA  1 
ATOM   130  C C   . ILE A 1 26  ? -2.817  -12.119 3.366   1.00 26.63 ? 104 ILE A C   1 
ATOM   131  O O   . ILE A 1 26  ? -1.916  -11.308 3.562   1.00 28.60 ? 104 ILE A O   1 
ATOM   132  C CB  . ILE A 1 26  ? -4.718  -10.814 2.573   1.00 24.47 ? 104 ILE A CB  1 
ATOM   133  C CG1 . ILE A 1 26  ? -6.216  -10.558 2.703   1.00 22.57 ? 104 ILE A CG1 1 
ATOM   134  C CG2 . ILE A 1 26  ? -4.363  -11.414 1.222   1.00 24.26 ? 104 ILE A CG2 1 
ATOM   135  C CD1 . ILE A 1 26  ? -6.785  -9.742  1.552   1.00 24.54 ? 104 ILE A CD1 1 
ATOM   136  N N   . CYS A 1 27  ? -2.598  -13.334 2.883   1.00 28.20 ? 105 CYS A N   1 
ATOM   137  C CA  . CYS A 1 27  ? -1.244  -13.765 2.537   1.00 29.73 ? 105 CYS A CA  1 
ATOM   138  C C   . CYS A 1 27  ? -1.097  -14.054 1.032   1.00 29.98 ? 105 CYS A C   1 
ATOM   139  O O   . CYS A 1 27  ? -1.933  -14.740 0.441   1.00 27.93 ? 105 CYS A O   1 
ATOM   140  C CB  . CYS A 1 27  ? -0.876  -15.007 3.336   1.00 29.09 ? 105 CYS A CB  1 
ATOM   141  S SG  . CYS A 1 27  ? 0.907   -15.329 3.324   1.00 31.97 ? 105 CYS A SG  1 
ATOM   142  N N   . TYR A 1 28  ? -0.040  -13.532 0.414   1.00 31.50 ? 106 TYR A N   1 
ATOM   143  C CA  . TYR A 1 28  ? 0.176   -13.750 -1.019  1.00 34.32 ? 106 TYR A CA  1 
ATOM   144  C C   . TYR A 1 28  ? 1.649   -13.624 -1.411  1.00 34.81 ? 106 TYR A C   1 
ATOM   145  O O   . TYR A 1 28  ? 2.298   -12.639 -1.062  1.00 34.74 ? 106 TYR A O   1 
ATOM   146  C CB  . TYR A 1 28  ? -0.664  -12.748 -1.823  1.00 34.83 ? 106 TYR A CB  1 
ATOM   147  C CG  . TYR A 1 28  ? -0.543  -12.896 -3.322  1.00 35.53 ? 106 TYR A CG  1 
ATOM   148  C CD1 . TYR A 1 28  ? -1.119  -13.978 -3.985  1.00 37.11 ? 106 TYR A CD1 1 
ATOM   149  C CD2 . TYR A 1 28  ? 0.167   -11.968 -4.076  1.00 35.99 ? 106 TYR A CD2 1 
ATOM   150  C CE1 . TYR A 1 28  ? -0.986  -14.129 -5.367  1.00 37.63 ? 106 TYR A CE1 1 
ATOM   151  C CE2 . TYR A 1 28  ? 0.307   -12.110 -5.449  1.00 37.51 ? 106 TYR A CE2 1 
ATOM   152  C CZ  . TYR A 1 28  ? -0.270  -13.190 -6.090  1.00 37.47 ? 106 TYR A CZ  1 
ATOM   153  O OH  . TYR A 1 28  ? -0.127  -13.312 -7.451  1.00 38.02 ? 106 TYR A OH  1 
ATOM   154  N N   . LYS A 1 29  ? 2.158   -14.609 -2.155  1.00 36.72 ? 107 LYS A N   1 
ATOM   155  C CA  . LYS A 1 29  ? 3.565   -14.636 -2.592  1.00 39.37 ? 107 LYS A CA  1 
ATOM   156  C C   . LYS A 1 29  ? 4.480   -14.057 -1.508  1.00 40.95 ? 107 LYS A C   1 
ATOM   157  O O   . LYS A 1 29  ? 5.386   -13.259 -1.776  1.00 41.10 ? 107 LYS A O   1 
ATOM   158  C CB  . LYS A 1 29  ? 3.745   -13.875 -3.916  1.00 38.03 ? 107 LYS A CB  1 
ATOM   159  C CG  . LYS A 1 29  ? 3.026   -14.516 -5.099  1.00 39.09 ? 107 LYS A CG  1 
ATOM   160  C CD  . LYS A 1 29  ? 3.290   -13.767 -6.392  1.00 41.07 ? 107 LYS A CD  1 
ATOM   161  C CE  . LYS A 1 29  ? 2.572   -14.424 -7.561  1.00 41.18 ? 107 LYS A CE  1 
ATOM   162  N NZ  . LYS A 1 29  ? 2.952   -13.843 -8.886  1.00 42.76 ? 107 LYS A NZ  1 
ATOM   163  N N   . ASN A 1 30  ? 4.207   -14.485 -0.279  1.00 42.55 ? 108 ASN A N   1 
ATOM   164  C CA  . ASN A 1 30  ? 4.936   -14.075 0.916   1.00 44.05 ? 108 ASN A CA  1 
ATOM   165  C C   . ASN A 1 30  ? 4.968   -12.569 1.135   1.00 43.04 ? 108 ASN A C   1 
ATOM   166  O O   . ASN A 1 30  ? 6.005   -11.937 0.976   1.00 44.97 ? 108 ASN A O   1 
ATOM   167  C CB  . ASN A 1 30  ? 6.362   -14.627 0.900   1.00 46.43 ? 108 ASN A CB  1 
ATOM   168  C CG  . ASN A 1 30  ? 6.399   -16.144 0.955   1.00 48.35 ? 108 ASN A CG  1 
ATOM   169  O OD1 . ASN A 1 30  ? 5.648   -16.776 1.710   1.00 46.87 ? 108 ASN A OD1 1 
ATOM   170  N ND2 . ASN A 1 30  ? 7.280   -16.734 0.164   1.00 48.72 ? 108 ASN A ND2 1 
ATOM   171  N N   . ASN A 1 31  ? 3.811   -12.027 1.495   1.00 39.55 ? 109 ASN A N   1 
ATOM   172  C CA  . ASN A 1 31  ? 3.597   -10.618 1.782   1.00 35.50 ? 109 ASN A CA  1 
ATOM   173  C C   . ASN A 1 31  ? 2.248   -10.664 2.473   1.00 32.62 ? 109 ASN A C   1 
ATOM   174  O O   . ASN A 1 31  ? 1.375   -11.449 2.105   1.00 31.38 ? 109 ASN A O   1 
ATOM   175  C CB  . ASN A 1 31  ? 3.544   -9.782  0.496   1.00 34.96 ? 109 ASN A CB  1 
ATOM   176  C CG  . ASN A 1 31  ? 4.912   -9.275  0.073   1.00 34.15 ? 109 ASN A CG  1 
ATOM   177  O OD1 . ASN A 1 31  ? 5.184   -9.111  -1.113  1.00 34.67 ? 109 ASN A OD1 1 
ATOM   178  N ND2 . ASN A 1 31  ? 5.778   -9.015  1.047   1.00 32.56 ? 109 ASN A ND2 1 
ATOM   179  N N   . CYS A 1 32  ? 2.087   -9.843  3.493   1.00 30.41 ? 110 CYS A N   1 
ATOM   180  C CA  . CYS A 1 32  ? 0.858   -9.845  4.254   1.00 28.64 ? 110 CYS A CA  1 
ATOM   181  C C   . CYS A 1 32  ? 0.092   -8.541  4.121   1.00 28.37 ? 110 CYS A C   1 
ATOM   182  O O   . CYS A 1 32  ? 0.642   -7.463  4.325   1.00 26.68 ? 110 CYS A O   1 
ATOM   183  C CB  . CYS A 1 32  ? 1.182   -10.092 5.722   1.00 28.83 ? 110 CYS A CB  1 
ATOM   184  S SG  . CYS A 1 32  ? 2.387   -11.417 6.040   1.00 25.90 ? 110 CYS A SG  1 
ATOM   185  N N   . TYR A 1 33  ? -1.190  -8.649  3.802   1.00 28.23 ? 111 TYR A N   1 
ATOM   186  C CA  . TYR A 1 33  ? -2.021  -7.474  3.642   1.00 27.97 ? 111 TYR A CA  1 
ATOM   187  C C   . TYR A 1 33  ? -3.234  -7.474  4.552   1.00 29.07 ? 111 TYR A C   1 
ATOM   188  O O   . TYR A 1 33  ? -3.733  -8.522  4.954   1.00 30.56 ? 111 TYR A O   1 
ATOM   189  C CB  . TYR A 1 33  ? -2.473  -7.359  2.196   1.00 25.40 ? 111 TYR A CB  1 
ATOM   190  C CG  . TYR A 1 33  ? -1.343  -7.459  1.202   1.00 25.45 ? 111 TYR A CG  1 
ATOM   191  C CD1 . TYR A 1 33  ? -0.909  -8.692  0.737   1.00 24.40 ? 111 TYR A CD1 1 
ATOM   192  C CD2 . TYR A 1 33  ? -0.721  -6.318  0.708   1.00 25.80 ? 111 TYR A CD2 1 
ATOM   193  C CE1 . TYR A 1 33  ? 0.100   -8.796  -0.196  1.00 24.11 ? 111 TYR A CE1 1 
ATOM   194  C CE2 . TYR A 1 33  ? 0.309   -6.413  -0.230  1.00 27.45 ? 111 TYR A CE2 1 
ATOM   195  C CZ  . TYR A 1 33  ? 0.710   -7.660  -0.680  1.00 26.17 ? 111 TYR A CZ  1 
ATOM   196  O OH  . TYR A 1 33  ? 1.716   -7.771  -1.620  1.00 26.90 ? 111 TYR A OH  1 
ATOM   197  N N   . GLN A 1 34  ? -3.673  -6.275  4.897   1.00 29.84 ? 112 GLN A N   1 
ATOM   198  C CA  . GLN A 1 34  ? -4.851  -6.084  5.718   1.00 30.93 ? 112 GLN A CA  1 
ATOM   199  C C   . GLN A 1 34  ? -5.514  -4.762  5.316   1.00 30.97 ? 112 GLN A C   1 
ATOM   200  O O   . GLN A 1 34  ? -4.904  -3.688  5.298   1.00 29.58 ? 112 GLN A O   1 
ATOM   201  C CB  . GLN A 1 34  ? -4.525  -6.124  7.213   1.00 32.30 ? 112 GLN A CB  1 
ATOM   202  C CG  . GLN A 1 34  ? -5.776  -6.231  8.114   1.00 36.83 ? 112 GLN A CG  1 
ATOM   203  C CD  . GLN A 1 34  ? -6.602  -7.500  7.879   1.00 40.69 ? 112 GLN A CD  1 
ATOM   204  O OE1 . GLN A 1 34  ? -6.680  -8.004  6.763   1.00 44.45 ? 112 GLN A OE1 1 
ATOM   205  N NE2 . GLN A 1 34  ? -7.237  -8.003  8.935   1.00 41.79 ? 112 GLN A NE2 1 
ATOM   206  N N   A PHE A 1 35  ? -6.794  -4.877  5.013   0.50 30.53 ? 113 PHE A N   1 
ATOM   207  N N   B PHE A 1 35  ? -6.794  -4.890  4.988   0.50 30.64 ? 113 PHE A N   1 
ATOM   208  C CA  A PHE A 1 35  ? -7.666  -3.814  4.551   0.50 30.73 ? 113 PHE A CA  1 
ATOM   209  C CA  B PHE A 1 35  ? -7.626  -3.791  4.548   0.50 30.93 ? 113 PHE A CA  1 
ATOM   210  C C   A PHE A 1 35  ? -8.538  -3.253  5.665   0.50 31.62 ? 113 PHE A C   1 
ATOM   211  C C   B PHE A 1 35  ? -8.530  -3.252  5.656   0.50 31.73 ? 113 PHE A C   1 
ATOM   212  O O   A PHE A 1 35  ? -9.503  -3.892  6.069   0.50 32.79 ? 113 PHE A O   1 
ATOM   213  O O   B PHE A 1 35  ? -9.498  -3.901  6.046   0.50 32.87 ? 113 PHE A O   1 
ATOM   214  C CB  A PHE A 1 35  ? -8.544  -4.416  3.458   0.50 31.47 ? 113 PHE A CB  1 
ATOM   215  C CB  B PHE A 1 35  ? -8.458  -4.280  3.364   0.50 31.99 ? 113 PHE A CB  1 
ATOM   216  C CG  A PHE A 1 35  ? -8.925  -5.864  3.726   0.50 31.91 ? 113 PHE A CG  1 
ATOM   217  C CG  B PHE A 1 35  ? -7.644  -4.549  2.122   0.50 32.68 ? 113 PHE A CG  1 
ATOM   218  C CD1 A PHE A 1 35  ? -8.004  -6.758  4.281   0.50 31.07 ? 113 PHE A CD1 1 
ATOM   219  C CD1 B PHE A 1 35  ? -7.586  -3.595  1.119   0.50 33.09 ? 113 PHE A CD1 1 
ATOM   220  C CD2 A PHE A 1 35  ? -10.204 -6.325  3.467   0.50 31.39 ? 113 PHE A CD2 1 
ATOM   221  C CD2 B PHE A 1 35  ? -6.944  -5.746  1.949   0.50 32.01 ? 113 PHE A CD2 1 
ATOM   222  C CE1 A PHE A 1 35  ? -8.345  -8.064  4.578   0.50 29.70 ? 113 PHE A CE1 1 
ATOM   223  C CE1 B PHE A 1 35  ? -6.845  -3.812  -0.030  0.50 33.86 ? 113 PHE A CE1 1 
ATOM   224  C CE2 A PHE A 1 35  ? -10.552 -7.640  3.761   0.50 30.76 ? 113 PHE A CE2 1 
ATOM   225  C CE2 B PHE A 1 35  ? -6.187  -5.971  0.789   0.50 32.93 ? 113 PHE A CE2 1 
ATOM   226  C CZ  A PHE A 1 35  ? -9.621  -8.507  4.320   0.50 29.69 ? 113 PHE A CZ  1 
ATOM   227  C CZ  B PHE A 1 35  ? -6.144  -5.000  -0.203  0.50 33.85 ? 113 PHE A CZ  1 
ATOM   228  N N   . PHE A 1 36  ? -8.230  -2.045  6.130   1.00 32.42 ? 114 PHE A N   1 
ATOM   229  C CA  . PHE A 1 36  ? -9.010  -1.416  7.201   1.00 33.61 ? 114 PHE A CA  1 
ATOM   230  C C   . PHE A 1 36  ? -10.059 -0.442  6.697   1.00 36.54 ? 114 PHE A C   1 
ATOM   231  O O   . PHE A 1 36  ? -9.746  0.514   5.982   1.00 38.67 ? 114 PHE A O   1 
ATOM   232  C CB  . PHE A 1 36  ? -8.083  -0.698  8.179   1.00 32.99 ? 114 PHE A CB  1 
ATOM   233  C CG  . PHE A 1 36  ? -7.181  -1.623  8.933   1.00 33.35 ? 114 PHE A CG  1 
ATOM   234  C CD1 . PHE A 1 36  ? -6.074  -2.198  8.316   1.00 32.00 ? 114 PHE A CD1 1 
ATOM   235  C CD2 . PHE A 1 36  ? -7.465  -1.959  10.252  1.00 33.79 ? 114 PHE A CD2 1 
ATOM   236  C CE1 . PHE A 1 36  ? -5.270  -3.100  8.995   1.00 32.42 ? 114 PHE A CE1 1 
ATOM   237  C CE2 . PHE A 1 36  ? -6.669  -2.863  10.943  1.00 33.70 ? 114 PHE A CE2 1 
ATOM   238  C CZ  . PHE A 1 36  ? -5.567  -3.434  10.314  1.00 34.89 ? 114 PHE A CZ  1 
ATOM   239  N N   . ASP A 1 37  ? -11.307 -0.667  7.074   1.00 38.83 ? 115 ASP A N   1 
ATOM   240  C CA  . ASP A 1 37  ? -12.359 0.214   6.619   1.00 42.93 ? 115 ASP A CA  1 
ATOM   241  C C   . ASP A 1 37  ? -12.664 1.328   7.600   1.00 44.59 ? 115 ASP A C   1 
ATOM   242  O O   . ASP A 1 37  ? -13.580 2.106   7.371   1.00 46.83 ? 115 ASP A O   1 
ATOM   243  C CB  . ASP A 1 37  ? -13.644 -0.570  6.305   1.00 45.08 ? 115 ASP A CB  1 
ATOM   244  C CG  . ASP A 1 37  ? -14.315 -1.135  7.547   1.00 48.29 ? 115 ASP A CG  1 
ATOM   245  O OD1 . ASP A 1 37  ? -14.462 -0.399  8.550   1.00 48.59 ? 115 ASP A OD1 1 
ATOM   246  O OD2 . ASP A 1 37  ? -14.718 -2.320  7.510   1.00 50.79 ? 115 ASP A OD2 1 
ATOM   247  N N   . GLU A 1 38  ? -11.908 1.417   8.688   1.00 45.98 ? 116 GLU A N   1 
ATOM   248  C CA  . GLU A 1 38  ? -12.148 2.481   9.658   1.00 48.64 ? 116 GLU A CA  1 
ATOM   249  C C   . GLU A 1 38  ? -11.453 3.803   9.280   1.00 49.04 ? 116 GLU A C   1 
ATOM   250  O O   . GLU A 1 38  ? -10.485 4.208   9.921   1.00 50.21 ? 116 GLU A O   1 
ATOM   251  C CB  . GLU A 1 38  ? -11.705 2.038   11.058  1.00 51.28 ? 116 GLU A CB  1 
ATOM   252  C CG  . GLU A 1 38  ? -12.853 1.567   11.958  1.00 56.39 ? 116 GLU A CG  1 
ATOM   253  C CD  . GLU A 1 38  ? -13.183 0.088   11.808  1.00 58.77 ? 116 GLU A CD  1 
ATOM   254  O OE1 . GLU A 1 38  ? -14.360 -0.275  12.030  1.00 60.22 ? 116 GLU A OE1 1 
ATOM   255  O OE2 . GLU A 1 38  ? -12.270 -0.709  11.490  1.00 59.74 ? 116 GLU A OE2 1 
ATOM   256  N N   . SER A 1 39  ? -11.960 4.463   8.241   1.00 47.65 ? 117 SER A N   1 
ATOM   257  C CA  . SER A 1 39  ? -11.432 5.740   7.743   1.00 47.04 ? 117 SER A CA  1 
ATOM   258  C C   . SER A 1 39  ? -10.704 6.644   8.747   1.00 45.76 ? 117 SER A C   1 
ATOM   259  O O   . SER A 1 39  ? -11.256 7.021   9.783   1.00 46.18 ? 117 SER A O   1 
ATOM   260  C CB  . SER A 1 39  ? -12.571 6.533   7.105   1.00 47.58 ? 117 SER A CB  1 
ATOM   261  O OG  . SER A 1 39  ? -12.445 7.915   7.394   1.00 51.22 ? 117 SER A OG  1 
ATOM   262  N N   . LYS A 1 40  ? -9.472  7.008   8.409   1.00 44.24 ? 118 LYS A N   1 
ATOM   263  C CA  . LYS A 1 40  ? -8.637  7.867   9.245   1.00 43.43 ? 118 LYS A CA  1 
ATOM   264  C C   . LYS A 1 40  ? -7.717  8.656   8.323   1.00 42.67 ? 118 LYS A C   1 
ATOM   265  O O   . LYS A 1 40  ? -7.502  8.258   7.175   1.00 42.46 ? 118 LYS A O   1 
ATOM   266  C CB  . LYS A 1 40  ? -7.777  7.025   10.183  1.00 44.25 ? 118 LYS A CB  1 
ATOM   267  C CG  . LYS A 1 40  ? -8.542  6.017   11.005  1.00 47.42 ? 118 LYS A CG  1 
ATOM   268  C CD  . LYS A 1 40  ? -7.606  5.160   11.845  1.00 51.11 ? 118 LYS A CD  1 
ATOM   269  C CE  . LYS A 1 40  ? -8.361  4.007   12.494  1.00 53.94 ? 118 LYS A CE  1 
ATOM   270  N NZ  . LYS A 1 40  ? -7.470  3.151   13.332  1.00 58.10 ? 118 LYS A NZ  1 
ATOM   271  N N   . ASN A 1 41  ? -7.174  9.774   8.803   1.00 41.62 ? 119 ASN A N   1 
ATOM   272  C CA  . ASN A 1 41  ? -6.267  10.543  7.961   1.00 40.10 ? 119 ASN A CA  1 
ATOM   273  C C   . ASN A 1 41  ? -5.019  9.698   7.766   1.00 39.70 ? 119 ASN A C   1 
ATOM   274  O O   . ASN A 1 41  ? -4.872  8.643   8.388   1.00 39.08 ? 119 ASN A O   1 
ATOM   275  C CB  . ASN A 1 41  ? -5.920  11.900  8.582   1.00 38.84 ? 119 ASN A CB  1 
ATOM   276  C CG  . ASN A 1 41  ? -5.281  11.779  9.945   1.00 39.43 ? 119 ASN A CG  1 
ATOM   277  O OD1 . ASN A 1 41  ? -4.314  11.043  10.127  1.00 38.18 ? 119 ASN A OD1 1 
ATOM   278  N ND2 . ASN A 1 41  ? -5.810  12.522  10.915  1.00 38.35 ? 119 ASN A ND2 1 
ATOM   279  N N   . TRP A 1 42  ? -4.126  10.153  6.900   1.00 39.78 ? 120 TRP A N   1 
ATOM   280  C CA  . TRP A 1 42  ? -2.911  9.400   6.604   1.00 39.12 ? 120 TRP A CA  1 
ATOM   281  C C   . TRP A 1 42  ? -2.018  9.157   7.818   1.00 38.27 ? 120 TRP A C   1 
ATOM   282  O O   . TRP A 1 42  ? -1.401  8.102   7.932   1.00 37.80 ? 120 TRP A O   1 
ATOM   283  C CB  . TRP A 1 42  ? -2.111  10.108  5.508   1.00 37.35 ? 120 TRP A CB  1 
ATOM   284  C CG  . TRP A 1 42  ? -0.957  9.310   5.010   1.00 35.26 ? 120 TRP A CG  1 
ATOM   285  C CD1 . TRP A 1 42  ? -0.898  8.577   3.856   1.00 34.52 ? 120 TRP A CD1 1 
ATOM   286  C CD2 . TRP A 1 42  ? 0.313   9.147   5.657   1.00 35.53 ? 120 TRP A CD2 1 
ATOM   287  N NE1 . TRP A 1 42  ? 0.332   7.971   3.744   1.00 35.29 ? 120 TRP A NE1 1 
ATOM   288  C CE2 . TRP A 1 42  ? 1.094   8.302   4.835   1.00 35.29 ? 120 TRP A CE2 1 
ATOM   289  C CE3 . TRP A 1 42  ? 0.867   9.634   6.853   1.00 34.90 ? 120 TRP A CE3 1 
ATOM   290  C CZ2 . TRP A 1 42  ? 2.406   7.932   5.174   1.00 34.88 ? 120 TRP A CZ2 1 
ATOM   291  C CZ3 . TRP A 1 42  ? 2.169   9.265   7.185   1.00 33.38 ? 120 TRP A CZ3 1 
ATOM   292  C CH2 . TRP A 1 42  ? 2.923   8.422   6.348   1.00 33.39 ? 120 TRP A CH2 1 
ATOM   293  N N   . TYR A 1 43  ? -1.936  10.132  8.714   1.00 38.12 ? 121 TYR A N   1 
ATOM   294  C CA  . TYR A 1 43  ? -1.105  9.991   9.907   1.00 37.82 ? 121 TYR A CA  1 
ATOM   295  C C   . TYR A 1 43  ? -1.671  8.920   10.837  1.00 37.43 ? 121 TYR A C   1 
ATOM   296  O O   . TYR A 1 43  ? -0.974  7.965   11.186  1.00 36.29 ? 121 TYR A O   1 
ATOM   297  C CB  . TYR A 1 43  ? -1.013  11.326  10.648  1.00 38.43 ? 121 TYR A CB  1 
ATOM   298  C CG  . TYR A 1 43  ? -0.525  12.469  9.791   1.00 38.27 ? 121 TYR A CG  1 
ATOM   299  C CD1 . TYR A 1 43  ? -1.384  13.510  9.438   1.00 37.78 ? 121 TYR A CD1 1 
ATOM   300  C CD2 . TYR A 1 43  ? 0.795   12.507  9.327   1.00 38.85 ? 121 TYR A CD2 1 
ATOM   301  C CE1 . TYR A 1 43  ? -0.944  14.567  8.645   1.00 40.49 ? 121 TYR A CE1 1 
ATOM   302  C CE2 . TYR A 1 43  ? 1.249   13.560  8.531   1.00 40.18 ? 121 TYR A CE2 1 
ATOM   303  C CZ  . TYR A 1 43  ? 0.374   14.585  8.196   1.00 41.07 ? 121 TYR A CZ  1 
ATOM   304  O OH  . TYR A 1 43  ? 0.820   15.641  7.434   1.00 43.36 ? 121 TYR A OH  1 
ATOM   305  N N   . GLU A 1 44  ? -2.928  9.096   11.242  1.00 37.39 ? 122 GLU A N   1 
ATOM   306  C CA  . GLU A 1 44  ? -3.609  8.137   12.107  1.00 38.75 ? 122 GLU A CA  1 
ATOM   307  C C   . GLU A 1 44  ? -3.495  6.768   11.442  1.00 39.50 ? 122 GLU A C   1 
ATOM   308  O O   . GLU A 1 44  ? -3.365  5.733   12.104  1.00 39.15 ? 122 GLU A O   1 
ATOM   309  C CB  . GLU A 1 44  ? -5.096  8.484   12.235  1.00 39.36 ? 122 GLU A CB  1 
ATOM   310  C CG  . GLU A 1 44  ? -5.440  9.650   13.143  1.00 41.00 ? 122 GLU A CG  1 
ATOM   311  C CD  . GLU A 1 44  ? -6.930  9.994   13.104  1.00 42.78 ? 122 GLU A CD  1 
ATOM   312  O OE1 . GLU A 1 44  ? -7.405  10.486  12.049  1.00 41.97 ? 122 GLU A OE1 1 
ATOM   313  O OE2 . GLU A 1 44  ? -7.627  9.765   14.122  1.00 41.86 ? 122 GLU A OE2 1 
ATOM   314  N N   . SER A 1 45  ? -3.551  6.785   10.117  1.00 39.35 ? 123 SER A N   1 
ATOM   315  C CA  . SER A 1 45  ? -3.479  5.574   9.329   1.00 40.19 ? 123 SER A CA  1 
ATOM   316  C C   . SER A 1 45  ? -2.153  4.837   9.483   1.00 38.78 ? 123 SER A C   1 
ATOM   317  O O   . SER A 1 45  ? -2.135  3.635   9.737   1.00 40.55 ? 123 SER A O   1 
ATOM   318  C CB  . SER A 1 45  ? -3.731  5.914   7.861   1.00 43.22 ? 123 SER A CB  1 
ATOM   319  O OG  . SER A 1 45  ? -3.824  4.742   7.076   1.00 46.78 ? 123 SER A OG  1 
ATOM   320  N N   . GLN A 1 46  ? -1.046  5.550   9.333   1.00 37.79 ? 124 GLN A N   1 
ATOM   321  C CA  . GLN A 1 46  ? 0.266   4.927   9.457   1.00 37.52 ? 124 GLN A CA  1 
ATOM   322  C C   . GLN A 1 46  ? 0.506   4.412   10.869  1.00 36.98 ? 124 GLN A C   1 
ATOM   323  O O   . GLN A 1 46  ? 1.300   3.495   11.083  1.00 36.45 ? 124 GLN A O   1 
ATOM   324  C CB  . GLN A 1 46  ? 1.367   5.915   9.077   1.00 37.38 ? 124 GLN A CB  1 
ATOM   325  C CG  . GLN A 1 46  ? 2.773   5.362   9.235   1.00 40.06 ? 124 GLN A CG  1 
ATOM   326  C CD  . GLN A 1 46  ? 3.027   4.105   8.412   1.00 41.20 ? 124 GLN A CD  1 
ATOM   327  O OE1 . GLN A 1 46  ? 4.103   3.505   8.492   1.00 41.50 ? 124 GLN A OE1 1 
ATOM   328  N NE2 . GLN A 1 46  ? 2.046   3.702   7.618   1.00 42.46 ? 124 GLN A NE2 1 
ATOM   329  N N   . ALA A 1 47  ? -0.191  5.006   11.828  1.00 36.28 ? 125 ALA A N   1 
ATOM   330  C CA  . ALA A 1 47  ? -0.073  4.609   13.224  1.00 34.18 ? 125 ALA A CA  1 
ATOM   331  C C   . ALA A 1 47  ? -0.665  3.214   13.437  1.00 33.60 ? 125 ALA A C   1 
ATOM   332  O O   . ALA A 1 47  ? -0.046  2.350   14.069  1.00 34.59 ? 125 ALA A O   1 
ATOM   333  C CB  . ALA A 1 47  ? -0.783  5.626   14.110  1.00 34.57 ? 125 ALA A CB  1 
ATOM   334  N N   . SER A 1 48  ? -1.866  2.994   12.914  1.00 32.94 ? 126 SER A N   1 
ATOM   335  C CA  . SER A 1 48  ? -2.512  1.694   13.048  1.00 32.24 ? 126 SER A CA  1 
ATOM   336  C C   . SER A 1 48  ? -1.560  0.609   12.551  1.00 32.25 ? 126 SER A C   1 
ATOM   337  O O   . SER A 1 48  ? -1.205  -0.310  13.293  1.00 32.47 ? 126 SER A O   1 
ATOM   338  C CB  . SER A 1 48  ? -3.811  1.662   12.239  1.00 33.64 ? 126 SER A CB  1 
ATOM   339  O OG  . SER A 1 48  ? -4.671  2.727   12.612  1.00 34.53 ? 126 SER A OG  1 
ATOM   340  N N   . CYS A 1 49  ? -1.130  0.723   11.299  1.00 31.34 ? 127 CYS A N   1 
ATOM   341  C CA  . CYS A 1 49  ? -0.214  -0.263  10.731  1.00 32.10 ? 127 CYS A CA  1 
ATOM   342  C C   . CYS A 1 49  ? 0.980   -0.578  11.636  1.00 34.08 ? 127 CYS A C   1 
ATOM   343  O O   . CYS A 1 49  ? 1.276   -1.749  11.895  1.00 32.77 ? 127 CYS A O   1 
ATOM   344  C CB  . CYS A 1 49  ? 0.309   0.205   9.380   1.00 27.94 ? 127 CYS A CB  1 
ATOM   345  S SG  . CYS A 1 49  ? -0.968  0.478   8.134   1.00 24.44 ? 127 CYS A SG  1 
ATOM   346  N N   . MET A 1 50  ? 1.677   0.464   12.092  1.00 35.88 ? 128 MET A N   1 
ATOM   347  C CA  . MET A 1 50  ? 2.831   0.279   12.969  1.00 38.55 ? 128 MET A CA  1 
ATOM   348  C C   . MET A 1 50  ? 2.385   -0.401  14.264  1.00 40.39 ? 128 MET A C   1 
ATOM   349  O O   . MET A 1 50  ? 3.082   -1.264  14.797  1.00 40.39 ? 128 MET A O   1 
ATOM   350  C CB  . MET A 1 50  ? 3.474   1.626   13.301  1.00 38.89 ? 128 MET A CB  1 
ATOM   351  C CG  . MET A 1 50  ? 4.019   2.388   12.105  1.00 39.43 ? 128 MET A CG  1 
ATOM   352  S SD  . MET A 1 50  ? 4.672   4.012   12.573  1.00 39.23 ? 128 MET A SD  1 
ATOM   353  C CE  . MET A 1 50  ? 6.361   3.581   12.919  1.00 38.27 ? 128 MET A CE  1 
ATOM   354  N N   . SER A 1 51  ? 1.217   0.002   14.760  1.00 41.65 ? 129 SER A N   1 
ATOM   355  C CA  . SER A 1 51  ? 0.638   -0.553  15.980  1.00 44.10 ? 129 SER A CA  1 
ATOM   356  C C   . SER A 1 51  ? 0.518   -2.078  15.944  1.00 44.26 ? 129 SER A C   1 
ATOM   357  O O   . SER A 1 51  ? 0.464   -2.746  16.979  1.00 44.16 ? 129 SER A O   1 
ATOM   358  C CB  . SER A 1 51  ? -0.742  0.061   16.203  1.00 45.58 ? 129 SER A CB  1 
ATOM   359  O OG  . SER A 1 51  ? -1.488  -0.690  17.143  1.00 50.31 ? 129 SER A OG  1 
ATOM   360  N N   . GLN A 1 52  ? 0.454   -2.521  14.691  1.00 44.51 ? 130 GLN A N   1 
ATOM   361  C CA  . GLN A 1 52  ? 0.341   -3.964  14.646  1.00 44.01 ? 130 GLN A CA  1 
ATOM   362  C C   . GLN A 1 52  ? 1.631   -4.459  14.009  1.00 42.94 ? 130 GLN A C   1 
ATOM   363  O O   . GLN A 1 52  ? 1.680   -5.496  13.356  1.00 42.94 ? 130 GLN A O   1 
ATOM   364  C CB  . GLN A 1 52  ? -0.902  -4.328  13.836  1.00 47.50 ? 130 GLN A CB  1 
ATOM   365  C CG  . GLN A 1 52  ? -2.154  -3.674  14.439  1.00 51.66 ? 130 GLN A CG  1 
ATOM   366  C CD  . GLN A 1 52  ? -3.430  -3.911  13.650  1.00 54.41 ? 130 GLN A CD  1 
ATOM   367  O OE1 . GLN A 1 52  ? -3.898  -5.044  13.532  1.00 56.94 ? 130 GLN A OE1 1 
ATOM   368  N NE2 . GLN A 1 52  ? -4.002  -2.841  13.113  1.00 56.48 ? 130 GLN A NE2 1 
ATOM   369  N N   . ASN A 1 53  ? 2.652   -3.676  14.000  1.00 41.91 ? 131 ASN A N   1 
ATOM   370  C CA  . ASN A 1 53  ? 3.978   -3.822  13.409  1.00 41.43 ? 131 ASN A CA  1 
ATOM   371  C C   . ASN A 1 53  ? 4.062   -4.020  11.905  1.00 40.92 ? 131 ASN A C   1 
ATOM   372  O O   . ASN A 1 53  ? 4.362   -5.107  11.419  1.00 40.42 ? 131 ASN A O   1 
ATOM   373  C CB  . ASN A 1 53  ? 4.751   -4.935  14.100  1.00 42.64 ? 131 ASN A CB  1 
ATOM   374  C CG  . ASN A 1 53  ? 6.232   -4.887  13.773  1.00 43.86 ? 131 ASN A CG  1 
ATOM   375  O OD1 . ASN A 1 53  ? 6.847   -3.815  13.783  1.00 45.38 ? 131 ASN A OD1 1 
ATOM   376  N ND2 . ASN A 1 53  ? 6.815   -6.044  13.493  1.00 43.47 ? 131 ASN A ND2 1 
ATOM   377  N N   . ALA A 1 54  ? 3.887   -2.879  11.204  1.00 40.30 ? 132 ALA A N   1 
ATOM   378  C CA  . ALA A 1 54  ? 3.714   -2.886  9.764   1.00 38.05 ? 132 ALA A CA  1 
ATOM   379  C C   . ALA A 1 54  ? 3.694   -1.422  9.352   1.00 37.15 ? 132 ALA A C   1 
ATOM   380  O O   . ALA A 1 54  ? 4.103   -0.549  10.121  1.00 38.23 ? 132 ALA A O   1 
ATOM   381  C CB  . ALA A 1 54  ? 2.393   -3.556  9.400   1.00 38.58 ? 132 ALA A CB  1 
ATOM   382  N N   . SER A 1 55  ? 3.459   -1.209  8.103   1.00 34.33 ? 133 SER A N   1 
ATOM   383  C CA  . SER A 1 55  ? 3.286   0.127   7.551   1.00 31.50 ? 133 SER A CA  1 
ATOM   384  C C   . SER A 1 55  ? 2.239   0.050   6.443   1.00 28.45 ? 133 SER A C   1 
ATOM   385  O O   . SER A 1 55  ? 1.680   -1.017  6.170   1.00 25.58 ? 133 SER A O   1 
ATOM   386  C CB  . SER A 1 55  ? 4.613   0.678   7.000   1.00 32.38 ? 133 SER A CB  1 
ATOM   387  O OG  . SER A 1 55  ? 5.654   -0.280  7.065   1.00 33.42 ? 133 SER A OG  1 
ATOM   388  N N   . LEU A 1 56  ? 1.967   1.195   5.855   1.00 25.76 ? 134 LEU A N   1 
ATOM   389  C CA  . LEU A 1 56  ? 0.966   1.285   4.814   1.00 25.37 ? 134 LEU A CA  1 
ATOM   390  C C   . LEU A 1 56  ? 1.534   0.616   3.571   1.00 25.25 ? 134 LEU A C   1 
ATOM   391  O O   . LEU A 1 56  ? 2.742   0.581   3.367   1.00 24.63 ? 134 LEU A O   1 
ATOM   392  C CB  . LEU A 1 56  ? 0.620   2.747   4.546   1.00 25.16 ? 134 LEU A CB  1 
ATOM   393  C CG  . LEU A 1 56  ? -0.129  3.450   5.689   1.00 23.59 ? 134 LEU A CG  1 
ATOM   394  C CD1 . LEU A 1 56  ? 0.132   4.938   5.643   1.00 21.94 ? 134 LEU A CD1 1 
ATOM   395  C CD2 . LEU A 1 56  ? -1.611  3.149   5.597   1.00 21.91 ? 134 LEU A CD2 1 
ATOM   396  N N   . LEU A 1 57  ? 0.750   -0.033  2.742   1.00 24.82 ? 135 LEU A N   1 
ATOM   397  C CA  . LEU A 1 57  ? 1.023   -0.815  1.549   1.00 24.55 ? 135 LEU A CA  1 
ATOM   398  C C   . LEU A 1 57  ? 2.100   -0.245  0.614   1.00 25.02 ? 135 LEU A C   1 
ATOM   399  O O   . LEU A 1 57  ? 2.149   0.955   0.352   1.00 25.25 ? 135 LEU A O   1 
ATOM   400  C CB  . LEU A 1 57  ? -0.286  -0.980  0.773   1.00 23.23 ? 135 LEU A CB  1 
ATOM   401  C CG  . LEU A 1 57  ? -0.212  -0.941  -0.751  1.00 23.29 ? 135 LEU A CG  1 
ATOM   402  C CD1 . LEU A 1 57  ? 0.450   -2.209  -1.255  1.00 23.80 ? 135 LEU A CD1 1 
ATOM   403  C CD2 . LEU A 1 57  ? -1.613  -0.801  -1.331  1.00 22.81 ? 135 LEU A CD2 1 
ATOM   404  N N   . LYS A 1 58  ? 3.168   -0.918  0.333   1.00 25.60 ? 136 LYS A N   1 
ATOM   405  C CA  . LYS A 1 58  ? 4.239   -0.395  -0.496  1.00 27.99 ? 136 LYS A CA  1 
ATOM   406  C C   . LYS A 1 58  ? 4.206   -1.152  -1.822  1.00 28.06 ? 136 LYS A C   1 
ATOM   407  O O   . LYS A 1 58  ? 4.044   -2.369  -1.840  1.00 26.94 ? 136 LYS A O   1 
ATOM   408  C CB  . LYS A 1 58  ? 5.613   -0.580  0.148   1.00 29.50 ? 136 LYS A CB  1 
ATOM   409  C CG  . LYS A 1 58  ? 6.740   -0.168  -0.815  1.00 32.65 ? 136 LYS A CG  1 
ATOM   410  C CD  . LYS A 1 58  ? 8.134   -0.530  -0.310  1.00 34.23 ? 136 LYS A CD  1 
ATOM   411  C CE  . LYS A 1 58  ? 9.181   -0.281  -1.395  1.00 33.89 ? 136 LYS A CE  1 
ATOM   412  N NZ  . LYS A 1 58  ? 10.543  -0.717  -0.984  1.00 35.15 ? 136 LYS A NZ  1 
ATOM   413  N N   . VAL A 1 59  ? 4.359   -0.516  -2.925  1.00 28.49 ? 137 VAL A N   1 
ATOM   414  C CA  . VAL A 1 59  ? 4.356   -1.192  -4.221  1.00 29.91 ? 137 VAL A CA  1 
ATOM   415  C C   . VAL A 1 59  ? 5.784   -1.326  -4.759  1.00 31.12 ? 137 VAL A C   1 
ATOM   416  O O   . VAL A 1 59  ? 6.462   -0.322  -4.982  1.00 29.78 ? 137 VAL A O   1 
ATOM   417  C CB  . VAL A 1 59  ? 3.521   -0.417  -5.251  1.00 27.96 ? 137 VAL A CB  1 
ATOM   418  C CG1 . VAL A 1 59  ? 3.610   -1.098  -6.599  1.00 27.82 ? 137 VAL A CG1 1 
ATOM   419  C CG2 . VAL A 1 59  ? 2.088   -0.335  -4.792  1.00 28.28 ? 137 VAL A CG2 1 
ATOM   420  N N   . TYR A 1 60  ? 6.205   -2.540  -4.874  1.00 31.28 ? 138 TYR A N   1 
ATOM   421  C CA  . TYR A 1 60  ? 7.554   -2.731  -5.367  1.00 32.79 ? 138 TYR A CA  1 
ATOM   422  C C   . TYR A 1 60  ? 7.700   -3.592  -6.622  1.00 34.45 ? 138 TYR A C   1 
ATOM   423  O O   . TYR A 1 60  ? 8.748   -3.555  -7.277  1.00 34.82 ? 138 TYR A O   1 
ATOM   424  C CB  . TYR A 1 60  ? 8.437   -3.283  -4.245  1.00 34.26 ? 138 TYR A CB  1 
ATOM   425  C CG  . TYR A 1 60  ? 8.152   -4.709  -3.828  1.00 36.46 ? 138 TYR A CG  1 
ATOM   426  C CD1 . TYR A 1 60  ? 8.870   -5.773  -4.378  1.00 37.95 ? 138 TYR A CD1 1 
ATOM   427  C CD2 . TYR A 1 60  ? 7.169   -4.999  -2.878  1.00 37.72 ? 138 TYR A CD2 1 
ATOM   428  C CE1 . TYR A 1 60  ? 8.615   -7.098  -3.990  1.00 39.35 ? 138 TYR A CE1 1 
ATOM   429  C CE2 . TYR A 1 60  ? 6.910   -6.316  -2.482  1.00 38.41 ? 138 TYR A CE2 1 
ATOM   430  C CZ  . TYR A 1 60  ? 7.637   -7.357  -3.044  1.00 37.94 ? 138 TYR A CZ  1 
ATOM   431  O OH  . TYR A 1 60  ? 7.383   -8.655  -2.684  1.00 39.60 ? 138 TYR A OH  1 
ATOM   432  N N   . SER A 1 61  ? 6.685   -4.370  -6.970  1.00 33.35 ? 139 SER A N   1 
ATOM   433  C CA  . SER A 1 61  ? 6.864   -5.159  -8.184  1.00 32.84 ? 139 SER A CA  1 
ATOM   434  C C   . SER A 1 61  ? 5.565   -5.666  -8.782  1.00 34.93 ? 139 SER A C   1 
ATOM   435  O O   . SER A 1 61  ? 4.782   -6.345  -8.105  1.00 35.90 ? 139 SER A O   1 
ATOM   436  C CB  . SER A 1 61  ? 7.760   -6.353  -7.903  1.00 32.47 ? 139 SER A CB  1 
ATOM   437  O OG  . SER A 1 61  ? 7.106   -7.536  -8.318  1.00 30.15 ? 139 SER A OG  1 
ATOM   438  N N   . LYS A 1 62  ? 5.143   -5.514  -10.016 1.00 35.84 ? 140 LYS A N   1 
ATOM   439  C CA  . LYS A 1 62  ? 3.868   -5.938  -10.580 1.00 36.34 ? 140 LYS A CA  1 
ATOM   440  C C   . LYS A 1 62  ? 3.760   -7.434  -10.724 1.00 35.58 ? 140 LYS A C   1 
ATOM   441  O O   . LYS A 1 62  ? 2.743   -7.960  -11.192 1.00 35.85 ? 140 LYS A O   1 
ATOM   442  C CB  . LYS A 1 62  ? 3.608   -5.274  -11.926 1.00 39.55 ? 140 LYS A CB  1 
ATOM   443  C CG  . LYS A 1 62  ? 3.545   -3.752  -11.908 1.00 42.19 ? 140 LYS A CG  1 
ATOM   444  C CD  . LYS A 1 62  ? 2.832   -3.272  -13.187 1.00 46.49 ? 140 LYS A CD  1 
ATOM   445  C CE  . LYS A 1 62  ? 3.042   -1.794  -13.495 1.00 47.72 ? 140 LYS A CE  1 
ATOM   446  N NZ  . LYS A 1 62  ? 2.875   -1.525  -14.955 1.00 50.35 ? 140 LYS A NZ  1 
ATOM   447  N N   A GLU A 1 63  ? 4.819   -8.142  -10.341 0.50 35.81 ? 141 GLU A N   1 
ATOM   448  N N   B GLU A 1 63  ? 4.817   -8.141  -10.338 0.50 35.60 ? 141 GLU A N   1 
ATOM   449  C CA  A GLU A 1 63  ? 4.777   -9.594  -10.412 0.50 36.27 ? 141 GLU A CA  1 
ATOM   450  C CA  B GLU A 1 63  ? 4.781   -9.590  -10.413 0.50 35.91 ? 141 GLU A CA  1 
ATOM   451  C C   A GLU A 1 63  ? 4.393   -10.229 -9.068  0.50 35.93 ? 141 GLU A C   1 
ATOM   452  C C   B GLU A 1 63  ? 4.394   -10.225 -9.067  0.50 35.71 ? 141 GLU A C   1 
ATOM   453  O O   A GLU A 1 63  ? 3.646   -11.214 -8.999  0.50 34.46 ? 141 GLU A O   1 
ATOM   454  O O   B GLU A 1 63  ? 3.650   -11.204 -8.995  0.50 34.25 ? 141 GLU A O   1 
ATOM   455  C CB  A GLU A 1 63  ? 6.130   -10.142 -10.863 0.50 37.45 ? 141 GLU A CB  1 
ATOM   456  C CB  B GLU A 1 63  ? 6.145   -10.125 -10.838 0.50 36.65 ? 141 GLU A CB  1 
ATOM   457  C CG  A GLU A 1 63  ? 6.407   -9.981  -12.352 0.50 39.31 ? 141 GLU A CG  1 
ATOM   458  C CG  B GLU A 1 63  ? 6.698   -9.521  -12.116 0.50 37.86 ? 141 GLU A CG  1 
ATOM   459  C CD  A GLU A 1 63  ? 6.850   -8.573  -12.743 0.50 41.08 ? 141 GLU A CD  1 
ATOM   460  C CD  B GLU A 1 63  ? 7.308   -8.133  -11.912 0.50 38.83 ? 141 GLU A CD  1 
ATOM   461  O OE1 A GLU A 1 63  ? 7.104   -8.335  -13.945 0.50 40.85 ? 141 GLU A OE1 1 
ATOM   462  O OE1 B GLU A 1 63  ? 6.858   -7.176  -12.585 0.50 37.90 ? 141 GLU A OE1 1 
ATOM   463  O OE2 A GLU A 1 63  ? 6.957   -7.705  -11.853 0.50 42.99 ? 141 GLU A OE2 1 
ATOM   464  O OE2 B GLU A 1 63  ? 8.242   -8.004  -11.085 0.50 37.36 ? 141 GLU A OE2 1 
ATOM   465  N N   . ASP A 1 64  ? 4.926   -9.659  -7.977  1.00 36.41 ? 142 ASP A N   1 
ATOM   466  C CA  . ASP A 1 64  ? 4.653   -10.196 -6.659  1.00 39.26 ? 142 ASP A CA  1 
ATOM   467  C C   . ASP A 1 64  ? 3.496   -9.474  -5.964  1.00 38.10 ? 142 ASP A C   1 
ATOM   468  O O   . ASP A 1 64  ? 3.211   -9.741  -4.800  1.00 38.98 ? 142 ASP A O   1 
ATOM   469  C CB  . ASP A 1 64  ? 5.926   -10.121 -5.802  1.00 43.68 ? 142 ASP A CB  1 
ATOM   470  C CG  . ASP A 1 64  ? 7.098   -10.858 -6.422  1.00 49.30 ? 142 ASP A CG  1 
ATOM   471  O OD1 . ASP A 1 64  ? 6.866   -11.889 -7.098  1.00 51.70 ? 142 ASP A OD1 1 
ATOM   472  O OD2 . ASP A 1 64  ? 8.255   -10.419 -6.223  1.00 52.73 ? 142 ASP A OD2 1 
ATOM   473  N N   . GLN A 1 65  ? 2.826   -8.585  -6.678  1.00 36.25 ? 143 GLN A N   1 
ATOM   474  C CA  . GLN A 1 65  ? 1.708   -7.839  -6.089  1.00 34.19 ? 143 GLN A CA  1 
ATOM   475  C C   . GLN A 1 65  ? 0.574   -7.661  -7.082  1.00 33.84 ? 143 GLN A C   1 
ATOM   476  O O   . GLN A 1 65  ? -0.265  -6.778  -6.932  1.00 35.48 ? 143 GLN A O   1 
ATOM   477  C CB  . GLN A 1 65  ? 2.193   -6.472  -5.580  1.00 32.90 ? 143 GLN A CB  1 
ATOM   478  C CG  . GLN A 1 65  ? 3.168   -6.568  -4.406  1.00 32.05 ? 143 GLN A CG  1 
ATOM   479  C CD  . GLN A 1 65  ? 3.788   -5.231  -4.020  1.00 31.89 ? 143 GLN A CD  1 
ATOM   480  O OE1 . GLN A 1 65  ? 4.425   -4.565  -4.839  1.00 30.27 ? 143 GLN A OE1 1 
ATOM   481  N NE2 . GLN A 1 65  ? 3.613   -4.838  -2.761  1.00 30.19 ? 143 GLN A NE2 1 
ATOM   482  N N   . ASP A 1 66  ? 0.538   -8.518  -8.092  1.00 33.43 ? 144 ASP A N   1 
ATOM   483  C CA  . ASP A 1 66  ? -0.504  -8.434  -9.111  1.00 33.26 ? 144 ASP A CA  1 
ATOM   484  C C   . ASP A 1 66  ? -1.904  -8.562  -8.536  1.00 31.96 ? 144 ASP A C   1 
ATOM   485  O O   . ASP A 1 66  ? -2.878  -8.210  -9.191  1.00 33.08 ? 144 ASP A O   1 
ATOM   486  C CB  . ASP A 1 66  ? -0.305  -9.505  -10.180 1.00 33.13 ? 144 ASP A CB  1 
ATOM   487  C CG  . ASP A 1 66  ? -0.293  -10.891 -9.604  1.00 34.34 ? 144 ASP A CG  1 
ATOM   488  O OD1 . ASP A 1 66  ? -0.971  -11.124 -8.587  1.00 36.38 ? 144 ASP A OD1 1 
ATOM   489  O OD2 . ASP A 1 66  ? 0.387   -11.760 -10.174 1.00 37.41 ? 144 ASP A OD2 1 
ATOM   490  N N   . LEU A 1 67  ? -2.022  -9.091  -7.327  1.00 31.92 ? 145 LEU A N   1 
ATOM   491  C CA  . LEU A 1 67  ? -3.339  -9.202  -6.721  1.00 31.70 ? 145 LEU A CA  1 
ATOM   492  C C   . LEU A 1 67  ? -3.872  -7.788  -6.625  1.00 32.22 ? 145 LEU A C   1 
ATOM   493  O O   . LEU A 1 67  ? -5.074  -7.541  -6.765  1.00 34.00 ? 145 LEU A O   1 
ATOM   494  C CB  . LEU A 1 67  ? -3.263  -9.825  -5.324  1.00 32.46 ? 145 LEU A CB  1 
ATOM   495  C CG  . LEU A 1 67  ? -2.362  -9.307  -4.187  1.00 34.52 ? 145 LEU A CG  1 
ATOM   496  C CD1 . LEU A 1 67  ? -1.576  -8.073  -4.579  1.00 35.30 ? 145 LEU A CD1 1 
ATOM   497  C CD2 . LEU A 1 67  ? -3.237  -9.013  -2.983  1.00 34.75 ? 145 LEU A CD2 1 
ATOM   498  N N   . LEU A 1 68  ? -2.945  -6.857  -6.426  1.00 30.78 ? 146 LEU A N   1 
ATOM   499  C CA  . LEU A 1 68  ? -3.259  -5.446  -6.271  1.00 30.94 ? 146 LEU A CA  1 
ATOM   500  C C   . LEU A 1 68  ? -4.158  -4.878  -7.366  1.00 32.29 ? 146 LEU A C   1 
ATOM   501  O O   . LEU A 1 68  ? -4.838  -3.870  -7.155  1.00 31.70 ? 146 LEU A O   1 
ATOM   502  C CB  . LEU A 1 68  ? -1.954  -4.644  -6.175  1.00 30.10 ? 146 LEU A CB  1 
ATOM   503  C CG  . LEU A 1 68  ? -1.621  -4.006  -4.823  1.00 27.84 ? 146 LEU A CG  1 
ATOM   504  C CD1 . LEU A 1 68  ? -2.522  -4.568  -3.740  1.00 28.62 ? 146 LEU A CD1 1 
ATOM   505  C CD2 . LEU A 1 68  ? -0.173  -4.246  -4.487  1.00 26.33 ? 146 LEU A CD2 1 
ATOM   506  N N   . LYS A 1 69  ? -4.174  -5.532  -8.525  1.00 33.77 ? 147 LYS A N   1 
ATOM   507  C CA  . LYS A 1 69  ? -4.998  -5.075  -9.642  1.00 34.97 ? 147 LYS A CA  1 
ATOM   508  C C   . LYS A 1 69  ? -6.488  -5.197  -9.366  1.00 35.31 ? 147 LYS A C   1 
ATOM   509  O O   . LYS A 1 69  ? -7.283  -4.549  -10.027 1.00 34.42 ? 147 LYS A O   1 
ATOM   510  C CB  . LYS A 1 69  ? -4.709  -5.865  -10.921 1.00 35.75 ? 147 LYS A CB  1 
ATOM   511  C CG  . LYS A 1 69  ? -3.263  -5.880  -11.379 1.00 39.31 ? 147 LYS A CG  1 
ATOM   512  C CD  . LYS A 1 69  ? -3.162  -6.215  -12.875 1.00 41.22 ? 147 LYS A CD  1 
ATOM   513  C CE  . LYS A 1 69  ? -3.065  -4.934  -13.713 1.00 42.54 ? 147 LYS A CE  1 
ATOM   514  N NZ  . LYS A 1 69  ? -3.862  -4.976  -14.973 1.00 43.26 ? 147 LYS A NZ  1 
ATOM   515  N N   . LEU A 1 70  ? -6.869  -6.023  -8.397  1.00 36.41 ? 148 LEU A N   1 
ATOM   516  C CA  . LEU A 1 70  ? -8.284  -6.224  -8.100  1.00 37.64 ? 148 LEU A CA  1 
ATOM   517  C C   . LEU A 1 70  ? -8.885  -5.381  -6.981  1.00 37.30 ? 148 LEU A C   1 
ATOM   518  O O   . LEU A 1 70  ? -10.078 -5.489  -6.686  1.00 37.25 ? 148 LEU A O   1 
ATOM   519  C CB  . LEU A 1 70  ? -8.530  -7.691  -7.786  1.00 39.46 ? 148 LEU A CB  1 
ATOM   520  C CG  . LEU A 1 70  ? -8.131  -8.645  -8.901  1.00 41.05 ? 148 LEU A CG  1 
ATOM   521  C CD1 . LEU A 1 70  ? -8.118  -10.011 -8.311  1.00 40.37 ? 148 LEU A CD1 1 
ATOM   522  C CD2 . LEU A 1 70  ? -9.082  -8.550  -10.104 1.00 40.85 ? 148 LEU A CD2 1 
ATOM   523  N N   . VAL A 1 71  ? -8.071  -4.546  -6.352  1.00 36.36 ? 149 VAL A N   1 
ATOM   524  C CA  . VAL A 1 71  ? -8.572  -3.718  -5.269  1.00 34.62 ? 149 VAL A CA  1 
ATOM   525  C C   . VAL A 1 71  ? -9.557  -2.694  -5.810  1.00 34.01 ? 149 VAL A C   1 
ATOM   526  O O   . VAL A 1 71  ? -9.348  -2.106  -6.873  1.00 31.44 ? 149 VAL A O   1 
ATOM   527  C CB  . VAL A 1 71  ? -7.426  -2.983  -4.552  1.00 33.98 ? 149 VAL A CB  1 
ATOM   528  C CG1 . VAL A 1 71  ? -7.936  -2.360  -3.267  1.00 32.64 ? 149 VAL A CG1 1 
ATOM   529  C CG2 . VAL A 1 71  ? -6.294  -3.946  -4.276  1.00 33.96 ? 149 VAL A CG2 1 
ATOM   530  N N   . LYS A 1 72  ? -10.635 -2.477  -5.070  1.00 34.11 ? 150 LYS A N   1 
ATOM   531  C CA  . LYS A 1 72  ? -11.649 -1.522  -5.492  1.00 34.12 ? 150 LYS A CA  1 
ATOM   532  C C   . LYS A 1 72  ? -11.489 -0.245  -4.677  1.00 32.53 ? 150 LYS A C   1 
ATOM   533  O O   . LYS A 1 72  ? -10.893 -0.279  -3.607  1.00 32.88 ? 150 LYS A O   1 
ATOM   534  C CB  . LYS A 1 72  ? -13.039 -2.120  -5.259  1.00 36.27 ? 150 LYS A CB  1 
ATOM   535  C CG  . LYS A 1 72  ? -14.100 -1.567  -6.180  1.00 38.89 ? 150 LYS A CG  1 
ATOM   536  C CD  . LYS A 1 72  ? -15.509 -1.787  -5.640  1.00 41.87 ? 150 LYS A CD  1 
ATOM   537  C CE  . LYS A 1 72  ? -16.550 -1.296  -6.657  1.00 44.18 ? 150 LYS A CE  1 
ATOM   538  N NZ  . LYS A 1 72  ? -17.935 -1.235  -6.118  1.00 45.47 ? 150 LYS A NZ  1 
ATOM   539  N N   . SER A 1 73  ? -11.995 0.871   -5.199  1.00 30.95 ? 151 SER A N   1 
ATOM   540  C CA  . SER A 1 73  ? -11.952 2.164   -4.497  1.00 30.25 ? 151 SER A CA  1 
ATOM   541  C C   . SER A 1 73  ? -10.545 2.737   -4.247  1.00 29.85 ? 151 SER A C   1 
ATOM   542  O O   . SER A 1 73  ? -9.579  2.348   -4.904  1.00 28.77 ? 151 SER A O   1 
ATOM   543  C CB  . SER A 1 73  ? -12.706 2.039   -3.161  1.00 28.65 ? 151 SER A CB  1 
ATOM   544  O OG  . SER A 1 73  ? -13.553 3.147   -2.931  1.00 28.89 ? 151 SER A OG  1 
ATOM   545  N N   . TYR A 1 74  ? -10.445 3.674   -3.301  1.00 29.46 ? 152 TYR A N   1 
ATOM   546  C CA  . TYR A 1 74  ? -9.166  4.299   -2.960  1.00 30.19 ? 152 TYR A CA  1 
ATOM   547  C C   . TYR A 1 74  ? -8.747  3.924   -1.549  1.00 29.99 ? 152 TYR A C   1 
ATOM   548  O O   . TYR A 1 74  ? -9.586  3.775   -0.668  1.00 32.12 ? 152 TYR A O   1 
ATOM   549  C CB  . TYR A 1 74  ? -9.256  5.822   -3.051  1.00 31.21 ? 152 TYR A CB  1 
ATOM   550  C CG  . TYR A 1 74  ? -9.717  6.352   -4.390  1.00 31.49 ? 152 TYR A CG  1 
ATOM   551  C CD1 . TYR A 1 74  ? -11.073 6.498   -4.675  1.00 31.70 ? 152 TYR A CD1 1 
ATOM   552  C CD2 . TYR A 1 74  ? -8.793  6.706   -5.371  1.00 32.45 ? 152 TYR A CD2 1 
ATOM   553  C CE1 . TYR A 1 74  ? -11.500 6.989   -5.905  1.00 34.34 ? 152 TYR A CE1 1 
ATOM   554  C CE2 . TYR A 1 74  ? -9.202  7.192   -6.607  1.00 34.88 ? 152 TYR A CE2 1 
ATOM   555  C CZ  . TYR A 1 74  ? -10.555 7.334   -6.872  1.00 37.08 ? 152 TYR A CZ  1 
ATOM   556  O OH  . TYR A 1 74  ? -10.954 7.808   -8.106  1.00 38.74 ? 152 TYR A OH  1 
ATOM   557  N N   . HIS A 1 75  ? -7.450  3.780   -1.330  1.00 29.36 ? 153 HIS A N   1 
ATOM   558  C CA  . HIS A 1 75  ? -6.950  3.411   -0.011  1.00 28.66 ? 153 HIS A CA  1 
ATOM   559  C C   . HIS A 1 75  ? -5.587  4.032   0.201   1.00 27.79 ? 153 HIS A C   1 
ATOM   560  O O   . HIS A 1 75  ? -4.825  4.218   -0.749  1.00 28.14 ? 153 HIS A O   1 
ATOM   561  C CB  . HIS A 1 75  ? -6.837  1.891   0.105   1.00 29.59 ? 153 HIS A CB  1 
ATOM   562  C CG  . HIS A 1 75  ? -8.081  1.167   -0.298  1.00 31.09 ? 153 HIS A CG  1 
ATOM   563  N ND1 . HIS A 1 75  ? -9.232  1.194   0.457   1.00 31.07 ? 153 HIS A ND1 1 
ATOM   564  C CD2 . HIS A 1 75  ? -8.373  0.449   -1.408  1.00 30.95 ? 153 HIS A CD2 1 
ATOM   565  C CE1 . HIS A 1 75  ? -10.183 0.525   -0.171  1.00 30.86 ? 153 HIS A CE1 1 
ATOM   566  N NE2 . HIS A 1 75  ? -9.686  0.065   -1.304  1.00 31.88 ? 153 HIS A NE2 1 
ATOM   567  N N   . TRP A 1 76  ? -5.288  4.349   1.452   1.00 25.90 ? 154 TRP A N   1 
ATOM   568  C CA  . TRP A 1 76  ? -4.013  4.947   1.809   1.00 24.99 ? 154 TRP A CA  1 
ATOM   569  C C   . TRP A 1 76  ? -2.871  3.962   1.629   1.00 24.12 ? 154 TRP A C   1 
ATOM   570  O O   . TRP A 1 76  ? -2.989  2.787   1.990   1.00 21.98 ? 154 TRP A O   1 
ATOM   571  C CB  . TRP A 1 76  ? -4.021  5.373   3.274   1.00 26.16 ? 154 TRP A CB  1 
ATOM   572  C CG  . TRP A 1 76  ? -4.651  6.694   3.574   1.00 27.87 ? 154 TRP A CG  1 
ATOM   573  C CD1 . TRP A 1 76  ? -5.473  6.984   4.631   1.00 27.28 ? 154 TRP A CD1 1 
ATOM   574  C CD2 . TRP A 1 76  ? -4.403  7.938   2.905   1.00 26.79 ? 154 TRP A CD2 1 
ATOM   575  N NE1 . TRP A 1 76  ? -5.741  8.327   4.668   1.00 26.95 ? 154 TRP A NE1 1 
ATOM   576  C CE2 . TRP A 1 76  ? -5.102  8.938   3.627   1.00 27.34 ? 154 TRP A CE2 1 
ATOM   577  C CE3 . TRP A 1 76  ? -3.655  8.303   1.779   1.00 25.80 ? 154 TRP A CE3 1 
ATOM   578  C CZ2 . TRP A 1 76  ? -5.071  10.291  3.252   1.00 27.40 ? 154 TRP A CZ2 1 
ATOM   579  C CZ3 . TRP A 1 76  ? -3.622  9.644   1.405   1.00 26.43 ? 154 TRP A CZ3 1 
ATOM   580  C CH2 . TRP A 1 76  ? -4.328  10.625  2.144   1.00 29.40 ? 154 TRP A CH2 1 
ATOM   581  N N   . MET A 1 77  ? -1.771  4.445   1.063   1.00 23.50 ? 155 MET A N   1 
ATOM   582  C CA  . MET A 1 77  ? -0.575  3.631   0.908   1.00 25.25 ? 155 MET A CA  1 
ATOM   583  C C   . MET A 1 77  ? 0.596   4.471   1.437   1.00 24.71 ? 155 MET A C   1 
ATOM   584  O O   . MET A 1 77  ? 0.442   5.656   1.725   1.00 23.65 ? 155 MET A O   1 
ATOM   585  C CB  . MET A 1 77  ? -0.363  3.201   -0.559  1.00 24.62 ? 155 MET A CB  1 
ATOM   586  C CG  . MET A 1 77  ? -0.093  4.312   -1.551  1.00 25.37 ? 155 MET A CG  1 
ATOM   587  S SD  . MET A 1 77  ? 0.352   3.643   -3.176  1.00 26.80 ? 155 MET A SD  1 
ATOM   588  C CE  . MET A 1 77  ? -0.318  4.877   -4.257  1.00 23.76 ? 155 MET A CE  1 
ATOM   589  N N   . GLY A 1 78  ? 1.761   3.863   1.578   1.00 25.14 ? 156 GLY A N   1 
ATOM   590  C CA  . GLY A 1 78  ? 2.888   4.607   2.102   1.00 25.26 ? 156 GLY A CA  1 
ATOM   591  C C   . GLY A 1 78  ? 3.633   5.536   1.164   1.00 24.32 ? 156 GLY A C   1 
ATOM   592  O O   . GLY A 1 78  ? 4.834   5.726   1.329   1.00 24.50 ? 156 GLY A O   1 
ATOM   593  N N   . LEU A 1 79  ? 2.961   6.120   0.178   1.00 23.35 ? 157 LEU A N   1 
ATOM   594  C CA  . LEU A 1 79  ? 3.671   7.032   -0.714  1.00 22.98 ? 157 LEU A CA  1 
ATOM   595  C C   . LEU A 1 79  ? 3.454   8.466   -0.252  1.00 22.12 ? 157 LEU A C   1 
ATOM   596  O O   . LEU A 1 79  ? 2.329   8.923   -0.102  1.00 21.58 ? 157 LEU A O   1 
ATOM   597  C CB  . LEU A 1 79  ? 3.199   6.869   -2.161  1.00 22.64 ? 157 LEU A CB  1 
ATOM   598  C CG  . LEU A 1 79  ? 4.131   7.483   -3.218  1.00 21.97 ? 157 LEU A CG  1 
ATOM   599  C CD1 . LEU A 1 79  ? 5.392   6.650   -3.317  1.00 21.85 ? 157 LEU A CD1 1 
ATOM   600  C CD2 . LEU A 1 79  ? 3.427   7.529   -4.576  1.00 20.69 ? 157 LEU A CD2 1 
ATOM   601  N N   . VAL A 1 80  ? 4.546   9.171   -0.027  1.00 23.77 ? 158 VAL A N   1 
ATOM   602  C CA  . VAL A 1 80  ? 4.474   10.544  0.435   1.00 26.12 ? 158 VAL A CA  1 
ATOM   603  C C   . VAL A 1 80  ? 5.547   11.410  -0.195  1.00 28.52 ? 158 VAL A C   1 
ATOM   604  O O   . VAL A 1 80  ? 6.588   10.920  -0.608  1.00 28.31 ? 158 VAL A O   1 
ATOM   605  C CB  . VAL A 1 80  ? 4.662   10.605  1.953   1.00 26.48 ? 158 VAL A CB  1 
ATOM   606  C CG1 . VAL A 1 80  ? 3.516   9.882   2.647   1.00 25.90 ? 158 VAL A CG1 1 
ATOM   607  C CG2 . VAL A 1 80  ? 6.000   9.968   2.330   1.00 23.45 ? 158 VAL A CG2 1 
ATOM   608  N N   . HIS A 1 81  ? 5.276   12.703  -0.281  1.00 33.72 ? 159 HIS A N   1 
ATOM   609  C CA  . HIS A 1 81  ? 6.246   13.652  -0.822  1.00 37.88 ? 159 HIS A CA  1 
ATOM   610  C C   . HIS A 1 81  ? 6.730   14.538  0.332   1.00 38.77 ? 159 HIS A C   1 
ATOM   611  O O   . HIS A 1 81  ? 5.939   15.229  0.984   1.00 37.48 ? 159 HIS A O   1 
ATOM   612  C CB  . HIS A 1 81  ? 5.623   14.535  -1.912  1.00 39.65 ? 159 HIS A CB  1 
ATOM   613  C CG  . HIS A 1 81  ? 6.500   15.683  -2.332  1.00 42.55 ? 159 HIS A CG  1 
ATOM   614  N ND1 . HIS A 1 81  ? 6.001   16.816  -2.933  1.00 43.74 ? 159 HIS A ND1 1 
ATOM   615  C CD2 . HIS A 1 81  ? 7.835   15.874  -2.212  1.00 43.65 ? 159 HIS A CD2 1 
ATOM   616  C CE1 . HIS A 1 81  ? 6.994   17.662  -3.164  1.00 45.64 ? 159 HIS A CE1 1 
ATOM   617  N NE2 . HIS A 1 81  ? 8.116   17.115  -2.735  1.00 44.59 ? 159 HIS A NE2 1 
ATOM   618  N N   . ILE A 1 82  ? 8.028   14.502  0.589   1.00 39.78 ? 160 ILE A N   1 
ATOM   619  C CA  . ILE A 1 82  ? 8.596   15.318  1.644   1.00 43.07 ? 160 ILE A CA  1 
ATOM   620  C C   . ILE A 1 82  ? 9.222   16.500  0.913   1.00 46.72 ? 160 ILE A C   1 
ATOM   621  O O   . ILE A 1 82  ? 10.124  16.320  0.094   1.00 46.62 ? 160 ILE A O   1 
ATOM   622  C CB  . ILE A 1 82  ? 9.624   14.510  2.436   1.00 40.60 ? 160 ILE A CB  1 
ATOM   623  C CG1 . ILE A 1 82  ? 8.945   13.239  2.953   1.00 38.79 ? 160 ILE A CG1 1 
ATOM   624  C CG2 . ILE A 1 82  ? 10.138  15.318  3.609   1.00 40.47 ? 160 ILE A CG2 1 
ATOM   625  C CD1 . ILE A 1 82  ? 9.865   12.298  3.667   1.00 38.95 ? 160 ILE A CD1 1 
ATOM   626  N N   . PRO A 1 83  ? 8.734   17.726  1.194   1.00 50.27 ? 161 PRO A N   1 
ATOM   627  C CA  . PRO A 1 83  ? 9.184   18.985  0.587   1.00 53.12 ? 161 PRO A CA  1 
ATOM   628  C C   . PRO A 1 83  ? 10.675  19.284  0.527   1.00 56.21 ? 161 PRO A C   1 
ATOM   629  O O   . PRO A 1 83  ? 11.057  20.422  0.284   1.00 58.78 ? 161 PRO A O   1 
ATOM   630  C CB  . PRO A 1 83  ? 8.414   20.045  1.378   1.00 52.21 ? 161 PRO A CB  1 
ATOM   631  C CG  . PRO A 1 83  ? 8.274   19.427  2.712   1.00 51.36 ? 161 PRO A CG  1 
ATOM   632  C CD  . PRO A 1 83  ? 7.878   18.009  2.360   1.00 50.70 ? 161 PRO A CD  1 
ATOM   633  N N   . THR A 1 84  ? 11.514  18.272  0.720   1.00 58.22 ? 162 THR A N   1 
ATOM   634  C CA  . THR A 1 84  ? 12.968  18.445  0.685   1.00 59.36 ? 162 THR A CA  1 
ATOM   635  C C   . THR A 1 84  ? 13.427  18.840  -0.721  1.00 60.80 ? 162 THR A C   1 
ATOM   636  O O   . THR A 1 84  ? 14.616  18.733  -1.051  1.00 60.57 ? 162 THR A O   1 
ATOM   637  C CB  . THR A 1 84  ? 13.690  17.123  1.043   1.00 59.25 ? 162 THR A CB  1 
ATOM   638  O OG1 . THR A 1 84  ? 13.804  16.309  -0.132  1.00 59.78 ? 162 THR A OG1 1 
ATOM   639  C CG2 . THR A 1 84  ? 12.905  16.343  2.087   1.00 59.55 ? 162 THR A CG2 1 
ATOM   640  N N   . ASN A 1 85  ? 12.486  19.327  -1.528  1.00 62.02 ? 163 ASN A N   1 
ATOM   641  C CA  . ASN A 1 85  ? 12.753  19.651  -2.919  1.00 62.80 ? 163 ASN A CA  1 
ATOM   642  C C   . ASN A 1 85  ? 12.996  18.245  -3.480  1.00 62.75 ? 163 ASN A C   1 
ATOM   643  O O   . ASN A 1 85  ? 13.728  18.047  -4.445  1.00 62.93 ? 163 ASN A O   1 
ATOM   644  C CB  . ASN A 1 85  ? 13.985  20.571  -3.061  1.00 63.55 ? 163 ASN A CB  1 
ATOM   645  C CG  . ASN A 1 85  ? 13.657  22.030  -2.747  1.00 64.86 ? 163 ASN A CG  1 
ATOM   646  O OD1 . ASN A 1 85  ? 12.493  22.426  -2.802  1.00 65.36 ? 163 ASN A OD1 1 
ATOM   647  N ND2 . ASN A 1 85  ? 14.674  22.834  -2.433  1.00 65.82 ? 163 ASN A ND2 1 
ATOM   648  N N   . GLY A 1 86  ? 12.351  17.264  -2.846  1.00 61.68 ? 164 GLY A N   1 
ATOM   649  C CA  . GLY A 1 86  ? 12.514  15.886  -3.261  1.00 58.10 ? 164 GLY A CA  1 
ATOM   650  C C   . GLY A 1 86  ? 11.429  15.345  -4.167  1.00 56.28 ? 164 GLY A C   1 
ATOM   651  O O   . GLY A 1 86  ? 10.560  16.073  -4.651  1.00 56.05 ? 164 GLY A O   1 
ATOM   652  N N   . SER A 1 87  ? 11.501  14.037  -4.390  1.00 55.00 ? 165 SER A N   1 
ATOM   653  C CA  . SER A 1 87  ? 10.559  13.310  -5.230  1.00 52.48 ? 165 SER A CA  1 
ATOM   654  C C   . SER A 1 87  ? 9.624   12.578  -4.290  1.00 49.66 ? 165 SER A C   1 
ATOM   655  O O   . SER A 1 87  ? 9.672   12.768  -3.072  1.00 49.81 ? 165 SER A O   1 
ATOM   656  C CB  . SER A 1 87  ? 11.288  12.261  -6.079  1.00 52.89 ? 165 SER A CB  1 
ATOM   657  O OG  . SER A 1 87  ? 12.519  12.744  -6.588  1.00 56.53 ? 165 SER A OG  1 
ATOM   658  N N   . TRP A 1 88  ? 8.778   11.729  -4.858  1.00 45.91 ? 166 TRP A N   1 
ATOM   659  C CA  . TRP A 1 88  ? 7.870   10.953  -4.045  1.00 41.37 ? 166 TRP A CA  1 
ATOM   660  C C   . TRP A 1 88  ? 8.614   9.716   -3.560  1.00 39.78 ? 166 TRP A C   1 
ATOM   661  O O   . TRP A 1 88  ? 9.426   9.132   -4.277  1.00 39.14 ? 166 TRP A O   1 
ATOM   662  C CB  . TRP A 1 88  ? 6.621   10.589  -4.843  1.00 40.25 ? 166 TRP A CB  1 
ATOM   663  C CG  . TRP A 1 88  ? 5.679   11.751  -5.010  1.00 37.82 ? 166 TRP A CG  1 
ATOM   664  C CD1 . TRP A 1 88  ? 5.796   12.792  -5.887  1.00 37.20 ? 166 TRP A CD1 1 
ATOM   665  C CD2 . TRP A 1 88  ? 4.506   12.019  -4.226  1.00 37.05 ? 166 TRP A CD2 1 
ATOM   666  N NE1 . TRP A 1 88  ? 4.769   13.691  -5.697  1.00 35.09 ? 166 TRP A NE1 1 
ATOM   667  C CE2 . TRP A 1 88  ? 3.967   13.243  -4.684  1.00 35.14 ? 166 TRP A CE2 1 
ATOM   668  C CE3 . TRP A 1 88  ? 3.863   11.345  -3.179  1.00 35.75 ? 166 TRP A CE3 1 
ATOM   669  C CZ2 . TRP A 1 88  ? 2.814   13.805  -4.128  1.00 34.57 ? 166 TRP A CZ2 1 
ATOM   670  C CZ3 . TRP A 1 88  ? 2.716   11.906  -2.629  1.00 34.21 ? 166 TRP A CZ3 1 
ATOM   671  C CH2 . TRP A 1 88  ? 2.205   13.125  -3.105  1.00 34.67 ? 166 TRP A CH2 1 
ATOM   672  N N   . GLN A 1 89  ? 8.335   9.320   -2.330  1.00 38.42 ? 167 GLN A N   1 
ATOM   673  C CA  . GLN A 1 89  ? 9.018   8.186   -1.735  1.00 36.08 ? 167 GLN A CA  1 
ATOM   674  C C   . GLN A 1 89  ? 8.101   7.486   -0.759  1.00 33.12 ? 167 GLN A C   1 
ATOM   675  O O   . GLN A 1 89  ? 7.009   7.960   -0.471  1.00 32.63 ? 167 GLN A O   1 
ATOM   676  C CB  . GLN A 1 89  ? 10.241  8.691   -0.964  1.00 38.50 ? 167 GLN A CB  1 
ATOM   677  C CG  . GLN A 1 89  ? 9.867   9.471   0.320   1.00 39.11 ? 167 GLN A CG  1 
ATOM   678  C CD  . GLN A 1 89  ? 11.065  10.083  1.028   1.00 39.94 ? 167 GLN A CD  1 
ATOM   679  O OE1 . GLN A 1 89  ? 11.467  11.208  0.738   1.00 41.51 ? 167 GLN A OE1 1 
ATOM   680  N NE2 . GLN A 1 89  ? 11.643  9.338   1.952   1.00 40.31 ? 167 GLN A NE2 1 
ATOM   681  N N   . TRP A 1 90  ? 8.566   6.367   -0.224  1.00 31.47 ? 168 TRP A N   1 
ATOM   682  C CA  . TRP A 1 90  ? 7.788   5.645   0.765   1.00 31.05 ? 168 TRP A CA  1 
ATOM   683  C C   . TRP A 1 90  ? 8.133   6.187   2.145   1.00 32.70 ? 168 TRP A C   1 
ATOM   684  O O   . TRP A 1 90  ? 9.244   6.669   2.375   1.00 32.96 ? 168 TRP A O   1 
ATOM   685  C CB  . TRP A 1 90  ? 8.082   4.152   0.695   1.00 28.69 ? 168 TRP A CB  1 
ATOM   686  C CG  . TRP A 1 90  ? 7.772   3.581   -0.655  1.00 28.53 ? 168 TRP A CG  1 
ATOM   687  C CD1 . TRP A 1 90  ? 8.668   3.234   -1.628  1.00 26.48 ? 168 TRP A CD1 1 
ATOM   688  C CD2 . TRP A 1 90  ? 6.470   3.347   -1.208  1.00 26.34 ? 168 TRP A CD2 1 
ATOM   689  N NE1 . TRP A 1 90  ? 8.008   2.802   -2.751  1.00 25.39 ? 168 TRP A NE1 1 
ATOM   690  C CE2 . TRP A 1 90  ? 6.659   2.858   -2.524  1.00 25.74 ? 168 TRP A CE2 1 
ATOM   691  C CE3 . TRP A 1 90  ? 5.166   3.502   -0.724  1.00 25.68 ? 168 TRP A CE3 1 
ATOM   692  C CZ2 . TRP A 1 90  ? 5.594   2.523   -3.360  1.00 25.21 ? 168 TRP A CZ2 1 
ATOM   693  C CZ3 . TRP A 1 90  ? 4.100   3.170   -1.557  1.00 26.76 ? 168 TRP A CZ3 1 
ATOM   694  C CH2 . TRP A 1 90  ? 4.325   2.685   -2.864  1.00 26.87 ? 168 TRP A CH2 1 
ATOM   695  N N   . GLU A 1 91  ? 7.179   6.109   3.062   1.00 34.61 ? 169 GLU A N   1 
ATOM   696  C CA  . GLU A 1 91  ? 7.380   6.607   4.414   1.00 36.79 ? 169 GLU A CA  1 
ATOM   697  C C   . GLU A 1 91  ? 8.671   6.132   5.073   1.00 36.93 ? 169 GLU A C   1 
ATOM   698  O O   . GLU A 1 91  ? 9.116   6.730   6.054   1.00 38.13 ? 169 GLU A O   1 
ATOM   699  C CB  . GLU A 1 91  ? 6.181   6.228   5.289   1.00 39.39 ? 169 GLU A CB  1 
ATOM   700  C CG  . GLU A 1 91  ? 5.222   5.260   4.628   1.00 41.52 ? 169 GLU A CG  1 
ATOM   701  C CD  . GLU A 1 91  ? 5.547   3.821   4.928   1.00 44.57 ? 169 GLU A CD  1 
ATOM   702  O OE1 . GLU A 1 91  ? 5.096   2.942   4.166   1.00 47.64 ? 169 GLU A OE1 1 
ATOM   703  O OE2 . GLU A 1 91  ? 6.238   3.565   5.938   1.00 47.97 ? 169 GLU A OE2 1 
ATOM   704  N N   . ASP A 1 92  ? 9.282   5.077   4.547   1.00 35.56 ? 170 ASP A N   1 
ATOM   705  C CA  . ASP A 1 92  ? 10.505  4.577   5.161   1.00 35.00 ? 170 ASP A CA  1 
ATOM   706  C C   . ASP A 1 92  ? 11.803  5.031   4.514   1.00 34.97 ? 170 ASP A C   1 
ATOM   707  O O   . ASP A 1 92  ? 12.844  4.439   4.776   1.00 36.32 ? 170 ASP A O   1 
ATOM   708  C CB  . ASP A 1 92  ? 10.490  3.038   5.235   1.00 34.36 ? 170 ASP A CB  1 
ATOM   709  C CG  . ASP A 1 92  ? 10.591  2.371   3.865   1.00 33.73 ? 170 ASP A CG  1 
ATOM   710  O OD1 . ASP A 1 92  ? 10.901  3.059   2.878   1.00 31.64 ? 170 ASP A OD1 1 
ATOM   711  O OD2 . ASP A 1 92  ? 10.375  1.146   3.775   1.00 36.73 ? 170 ASP A OD2 1 
ATOM   712  N N   . GLY A 1 93  ? 11.756  6.077   3.690   1.00 34.75 ? 171 GLY A N   1 
ATOM   713  C CA  . GLY A 1 93  ? 12.963  6.552   3.028   1.00 34.28 ? 171 GLY A CA  1 
ATOM   714  C C   . GLY A 1 93  ? 13.288  5.733   1.789   1.00 34.29 ? 171 GLY A C   1 
ATOM   715  O O   . GLY A 1 93  ? 14.206  6.061   1.033   1.00 33.02 ? 171 GLY A O   1 
ATOM   716  N N   . SER A 1 94  ? 12.533  4.660   1.575   1.00 35.43 ? 172 SER A N   1 
ATOM   717  C CA  . SER A 1 94  ? 12.779  3.826   0.417   1.00 38.39 ? 172 SER A CA  1 
ATOM   718  C C   . SER A 1 94  ? 12.217  4.473   -0.838  1.00 39.28 ? 172 SER A C   1 
ATOM   719  O O   . SER A 1 94  ? 11.127  5.059   -0.865  1.00 39.73 ? 172 SER A O   1 
ATOM   720  C CB  . SER A 1 94  ? 12.244  2.391   0.606   1.00 38.58 ? 172 SER A CB  1 
ATOM   721  O OG  . SER A 1 94  ? 10.848  2.288   0.417   1.00 43.83 ? 172 SER A OG  1 
ATOM   722  N N   . ILE A 1 95  ? 13.021  4.354   -1.876  1.00 39.89 ? 173 ILE A N   1 
ATOM   723  C CA  . ILE A 1 95  ? 12.765  4.919   -3.177  1.00 41.90 ? 173 ILE A CA  1 
ATOM   724  C C   . ILE A 1 95  ? 11.690  4.268   -4.046  1.00 42.18 ? 173 ILE A C   1 
ATOM   725  O O   . ILE A 1 95  ? 11.586  3.045   -4.136  1.00 42.15 ? 173 ILE A O   1 
ATOM   726  C CB  . ILE A 1 95  ? 14.090  4.952   -3.938  1.00 43.50 ? 173 ILE A CB  1 
ATOM   727  C CG1 . ILE A 1 95  ? 13.935  4.348   -5.328  1.00 44.62 ? 173 ILE A CG1 1 
ATOM   728  C CG2 . ILE A 1 95  ? 15.130  4.147   -3.164  1.00 46.62 ? 173 ILE A CG2 1 
ATOM   729  C CD1 . ILE A 1 95  ? 14.800  5.020   -6.345  1.00 46.15 ? 173 ILE A CD1 1 
ATOM   730  N N   . LEU A 1 96  ? 10.884  5.109   -4.680  1.00 41.91 ? 174 LEU A N   1 
ATOM   731  C CA  . LEU A 1 96  ? 9.872   4.611   -5.581  1.00 42.31 ? 174 LEU A CA  1 
ATOM   732  C C   . LEU A 1 96  ? 10.659  4.203   -6.816  1.00 43.65 ? 174 LEU A C   1 
ATOM   733  O O   . LEU A 1 96  ? 11.604  4.885   -7.214  1.00 44.23 ? 174 LEU A O   1 
ATOM   734  C CB  . LEU A 1 96  ? 8.879   5.710   -5.946  1.00 40.55 ? 174 LEU A CB  1 
ATOM   735  C CG  . LEU A 1 96  ? 7.958   5.320   -7.107  1.00 40.24 ? 174 LEU A CG  1 
ATOM   736  C CD1 . LEU A 1 96  ? 7.149   4.057   -6.772  1.00 38.01 ? 174 LEU A CD1 1 
ATOM   737  C CD2 . LEU A 1 96  ? 7.051   6.485   -7.420  1.00 36.76 ? 174 LEU A CD2 1 
ATOM   738  N N   . SER A 1 97  ? 10.283  3.088   -7.419  1.00 44.58 ? 175 SER A N   1 
ATOM   739  C CA  . SER A 1 97  ? 10.982  2.616   -8.599  1.00 45.86 ? 175 SER A CA  1 
ATOM   740  C C   . SER A 1 97  ? 10.236  2.933   -9.885  1.00 47.13 ? 175 SER A C   1 
ATOM   741  O O   . SER A 1 97  ? 9.011   3.089   -9.891  1.00 46.88 ? 175 SER A O   1 
ATOM   742  C CB  . SER A 1 97  ? 11.234  1.111   -8.503  1.00 45.77 ? 175 SER A CB  1 
ATOM   743  O OG  . SER A 1 97  ? 12.491  0.842   -7.905  1.00 44.63 ? 175 SER A OG  1 
ATOM   744  N N   . PRO A 1 98  ? 10.982  3.032   -11.000 1.00 47.90 ? 176 PRO A N   1 
ATOM   745  C CA  . PRO A 1 98  ? 10.461  3.329   -12.336 1.00 47.23 ? 176 PRO A CA  1 
ATOM   746  C C   . PRO A 1 98  ? 9.607   2.202   -12.897 1.00 47.16 ? 176 PRO A C   1 
ATOM   747  O O   . PRO A 1 98  ? 9.780   1.035   -12.540 1.00 46.25 ? 176 PRO A O   1 
ATOM   748  C CB  . PRO A 1 98  ? 11.729  3.554   -13.151 1.00 46.07 ? 176 PRO A CB  1 
ATOM   749  C CG  . PRO A 1 98  ? 12.689  2.605   -12.516 1.00 46.05 ? 176 PRO A CG  1 
ATOM   750  C CD  . PRO A 1 98  ? 12.442  2.836   -11.046 1.00 46.82 ? 176 PRO A CD  1 
ATOM   751  N N   . ASN A 1 99  ? 8.673   2.576   -13.761 1.00 47.59 ? 177 ASN A N   1 
ATOM   752  C CA  . ASN A 1 99  ? 7.778   1.640   -14.421 1.00 48.22 ? 177 ASN A CA  1 
ATOM   753  C C   . ASN A 1 99  ? 6.829   0.873   -13.490 1.00 48.97 ? 177 ASN A C   1 
ATOM   754  O O   . ASN A 1 99  ? 6.525   -0.294  -13.753 1.00 49.46 ? 177 ASN A O   1 
ATOM   755  C CB  . ASN A 1 99  ? 8.598   0.637   -15.254 1.00 49.05 ? 177 ASN A CB  1 
ATOM   756  C CG  . ASN A 1 99  ? 9.616   1.318   -16.174 1.00 50.78 ? 177 ASN A CG  1 
ATOM   757  O OD1 . ASN A 1 99  ? 9.297   2.282   -16.881 1.00 51.52 ? 177 ASN A OD1 1 
ATOM   758  N ND2 . ASN A 1 99  ? 10.841  0.804   -16.178 1.00 50.21 ? 177 ASN A ND2 1 
ATOM   759  N N   . LEU A 1 100 ? 6.360   1.505   -12.411 1.00 48.48 ? 178 LEU A N   1 
ATOM   760  C CA  . LEU A 1 100 ? 5.433   0.829   -11.494 1.00 46.61 ? 178 LEU A CA  1 
ATOM   761  C C   . LEU A 1 100 ? 4.111   1.559   -11.482 1.00 45.49 ? 178 LEU A C   1 
ATOM   762  O O   . LEU A 1 100 ? 3.129   1.120   -12.078 1.00 46.96 ? 178 LEU A O   1 
ATOM   763  C CB  . LEU A 1 100 ? 5.948   0.815   -10.058 1.00 46.35 ? 178 LEU A CB  1 
ATOM   764  C CG  . LEU A 1 100 ? 7.288   0.192   -9.712  1.00 48.49 ? 178 LEU A CG  1 
ATOM   765  C CD1 . LEU A 1 100 ? 7.371   0.048   -8.202  1.00 50.58 ? 178 LEU A CD1 1 
ATOM   766  C CD2 . LEU A 1 100 ? 7.421   -1.158  -10.384 1.00 48.73 ? 178 LEU A CD2 1 
ATOM   767  N N   . LEU A 1 101 ? 4.109   2.697   -10.801 1.00 43.84 ? 179 LEU A N   1 
ATOM   768  C CA  . LEU A 1 101 ? 2.920   3.517   -10.650 1.00 41.66 ? 179 LEU A CA  1 
ATOM   769  C C   . LEU A 1 101 ? 2.770   4.699   -11.607 1.00 40.39 ? 179 LEU A C   1 
ATOM   770  O O   . LEU A 1 101 ? 3.740   5.348   -11.999 1.00 40.45 ? 179 LEU A O   1 
ATOM   771  C CB  . LEU A 1 101 ? 2.854   4.047   -9.216  1.00 39.31 ? 179 LEU A CB  1 
ATOM   772  C CG  . LEU A 1 101 ? 2.745   3.028   -8.089  1.00 38.72 ? 179 LEU A CG  1 
ATOM   773  C CD1 . LEU A 1 101 ? 3.005   3.709   -6.762  1.00 36.60 ? 179 LEU A CD1 1 
ATOM   774  C CD2 . LEU A 1 101 ? 1.366   2.383   -8.112  1.00 39.26 ? 179 LEU A CD2 1 
ATOM   775  N N   . THR A 1 102 ? 1.523   4.955   -11.977 1.00 38.96 ? 180 THR A N   1 
ATOM   776  C CA  . THR A 1 102 ? 1.163   6.079   -12.820 1.00 38.56 ? 180 THR A CA  1 
ATOM   777  C C   . THR A 1 102 ? 0.478   6.980   -11.795 1.00 38.17 ? 180 THR A C   1 
ATOM   778  O O   . THR A 1 102 ? -0.508  6.572   -11.186 1.00 37.92 ? 180 THR A O   1 
ATOM   779  C CB  . THR A 1 102 ? 0.135   5.679   -13.893 1.00 39.05 ? 180 THR A CB  1 
ATOM   780  O OG1 . THR A 1 102 ? 0.694   4.679   -14.751 1.00 42.48 ? 180 THR A OG1 1 
ATOM   781  C CG2 . THR A 1 102 ? -0.258  6.881   -14.719 1.00 39.55 ? 180 THR A CG2 1 
ATOM   782  N N   . ILE A 1 103 ? 0.997   8.188   -11.585 1.00 37.13 ? 181 ILE A N   1 
ATOM   783  C CA  . ILE A 1 103 ? 0.405   9.079   -10.599 1.00 35.67 ? 181 ILE A CA  1 
ATOM   784  C C   . ILE A 1 103 ? -0.621  10.036  -11.170 1.00 36.40 ? 181 ILE A C   1 
ATOM   785  O O   . ILE A 1 103 ? -0.483  10.513  -12.294 1.00 36.47 ? 181 ILE A O   1 
ATOM   786  C CB  . ILE A 1 103 ? 1.486   9.864   -9.866  1.00 35.39 ? 181 ILE A CB  1 
ATOM   787  C CG1 . ILE A 1 103 ? 2.444   8.878   -9.200  1.00 36.57 ? 181 ILE A CG1 1 
ATOM   788  C CG2 . ILE A 1 103 ? 0.868   10.741  -8.789  1.00 35.51 ? 181 ILE A CG2 1 
ATOM   789  C CD1 . ILE A 1 103 ? 3.548   9.539   -8.450  1.00 36.80 ? 181 ILE A CD1 1 
ATOM   790  N N   . ILE A 1 104 ? -1.659  10.298  -10.379 1.00 36.45 ? 182 ILE A N   1 
ATOM   791  C CA  . ILE A 1 104 ? -2.750  11.184  -10.768 1.00 37.13 ? 182 ILE A CA  1 
ATOM   792  C C   . ILE A 1 104 ? -2.812  12.345  -9.796  1.00 37.81 ? 182 ILE A C   1 
ATOM   793  O O   . ILE A 1 104 ? -2.590  12.167  -8.604  1.00 37.73 ? 182 ILE A O   1 
ATOM   794  C CB  . ILE A 1 104 ? -4.116  10.464  -10.701 1.00 37.90 ? 182 ILE A CB  1 
ATOM   795  C CG1 . ILE A 1 104 ? -4.003  9.043   -11.273 1.00 37.79 ? 182 ILE A CG1 1 
ATOM   796  C CG2 . ILE A 1 104 ? -5.172  11.295  -11.415 1.00 36.23 ? 182 ILE A CG2 1 
ATOM   797  C CD1 . ILE A 1 104 ? -3.319  8.944   -12.615 1.00 38.15 ? 182 ILE A CD1 1 
ATOM   798  N N   . GLU A 1 105 ? -3.134  13.529  -10.300 1.00 39.32 ? 183 GLU A N   1 
ATOM   799  C CA  . GLU A 1 105 ? -3.219  14.703  -9.447  1.00 42.51 ? 183 GLU A CA  1 
ATOM   800  C C   . GLU A 1 105 ? -4.459  15.525  -9.748  1.00 44.37 ? 183 GLU A C   1 
ATOM   801  O O   . GLU A 1 105 ? -4.584  16.093  -10.828 1.00 46.06 ? 183 GLU A O   1 
ATOM   802  C CB  . GLU A 1 105 ? -1.985  15.586  -9.625  1.00 43.18 ? 183 GLU A CB  1 
ATOM   803  C CG  . GLU A 1 105 ? -1.821  16.608  -8.508  1.00 43.50 ? 183 GLU A CG  1 
ATOM   804  C CD  . GLU A 1 105 ? -0.700  17.578  -8.768  1.00 43.71 ? 183 GLU A CD  1 
ATOM   805  O OE1 . GLU A 1 105 ? -0.172  18.130  -7.787  1.00 45.58 ? 183 GLU A OE1 1 
ATOM   806  O OE2 . GLU A 1 105 ? -0.354  17.803  -9.949  1.00 44.56 ? 183 GLU A OE2 1 
ATOM   807  N N   . MET A 1 106 ? -5.369  15.600  -8.783  1.00 45.91 ? 184 MET A N   1 
ATOM   808  C CA  . MET A 1 106 ? -6.607  16.354  -8.950  1.00 48.28 ? 184 MET A CA  1 
ATOM   809  C C   . MET A 1 106 ? -6.831  17.150  -7.672  1.00 48.58 ? 184 MET A C   1 
ATOM   810  O O   . MET A 1 106 ? -7.792  17.917  -7.547  1.00 48.05 ? 184 MET A O   1 
ATOM   811  C CB  . MET A 1 106 ? -7.791  15.397  -9.117  1.00 49.65 ? 184 MET A CB  1 
ATOM   812  C CG  . MET A 1 106 ? -7.542  14.183  -9.991  1.00 51.21 ? 184 MET A CG  1 
ATOM   813  S SD  . MET A 1 106 ? -8.446  14.297  -11.542 1.00 54.20 ? 184 MET A SD  1 
ATOM   814  C CE  . MET A 1 106 ? -7.637  13.019  -12.523 1.00 54.00 ? 184 MET A CE  1 
ATOM   815  N N   . GLN A 1 107 ? -5.910  16.972  -6.738  1.00 48.96 ? 185 GLN A N   1 
ATOM   816  C CA  . GLN A 1 107 ? -6.017  17.566  -5.417  1.00 48.57 ? 185 GLN A CA  1 
ATOM   817  C C   . GLN A 1 107 ? -4.629  17.983  -4.941  1.00 47.45 ? 185 GLN A C   1 
ATOM   818  O O   . GLN A 1 107 ? -3.623  17.555  -5.505  1.00 48.75 ? 185 GLN A O   1 
ATOM   819  C CB  . GLN A 1 107 ? -6.573  16.465  -4.522  1.00 50.06 ? 185 GLN A CB  1 
ATOM   820  C CG  . GLN A 1 107 ? -7.343  16.828  -3.296  1.00 51.66 ? 185 GLN A CG  1 
ATOM   821  C CD  . GLN A 1 107 ? -8.118  15.627  -2.801  1.00 52.56 ? 185 GLN A CD  1 
ATOM   822  O OE1 . GLN A 1 107 ? -9.149  15.263  -3.370  1.00 53.28 ? 185 GLN A OE1 1 
ATOM   823  N NE2 . GLN A 1 107 ? -7.604  14.977  -1.764  1.00 53.67 ? 185 GLN A NE2 1 
ATOM   824  N N   . LYS A 1 108 ? -4.555  18.818  -3.912  1.00 45.69 ? 186 LYS A N   1 
ATOM   825  C CA  . LYS A 1 108 ? -3.246  19.200  -3.401  1.00 43.48 ? 186 LYS A CA  1 
ATOM   826  C C   . LYS A 1 108 ? -2.927  18.251  -2.257  1.00 41.60 ? 186 LYS A C   1 
ATOM   827  O O   . LYS A 1 108 ? -3.757  18.040  -1.381  1.00 42.56 ? 186 LYS A O   1 
ATOM   828  C CB  . LYS A 1 108 ? -3.242  20.641  -2.892  1.00 43.50 ? 186 LYS A CB  1 
ATOM   829  C CG  . LYS A 1 108 ? -1.843  21.177  -2.663  1.00 43.56 ? 186 LYS A CG  1 
ATOM   830  C CD  . LYS A 1 108 ? -1.842  22.657  -2.319  1.00 45.73 ? 186 LYS A CD  1 
ATOM   831  C CE  . LYS A 1 108 ? -0.422  23.219  -2.331  1.00 47.39 ? 186 LYS A CE  1 
ATOM   832  N NZ  . LYS A 1 108 ? -0.331  24.635  -1.856  1.00 48.50 ? 186 LYS A NZ  1 
ATOM   833  N N   . GLY A 1 109 ? -1.736  17.662  -2.272  1.00 40.68 ? 187 GLY A N   1 
ATOM   834  C CA  . GLY A 1 109 ? -1.377  16.740  -1.207  1.00 37.22 ? 187 GLY A CA  1 
ATOM   835  C C   . GLY A 1 109 ? 0.051   16.227  -1.227  1.00 35.66 ? 187 GLY A C   1 
ATOM   836  O O   . GLY A 1 109 ? 0.744   16.271  -2.252  1.00 34.90 ? 187 GLY A O   1 
ATOM   837  N N   . ASP A 1 110 ? 0.484   15.738  -0.071  1.00 32.93 ? 188 ASP A N   1 
ATOM   838  C CA  . ASP A 1 110 ? 1.815   15.189  0.091   1.00 30.02 ? 188 ASP A CA  1 
ATOM   839  C C   . ASP A 1 110 ? 1.724   13.725  0.502   1.00 27.79 ? 188 ASP A C   1 
ATOM   840  O O   . ASP A 1 110 ? 2.671   13.155  1.017   1.00 27.63 ? 188 ASP A O   1 
ATOM   841  C CB  . ASP A 1 110 ? 2.580   16.002  1.130   1.00 31.54 ? 188 ASP A CB  1 
ATOM   842  C CG  . ASP A 1 110 ? 2.890   17.417  0.652   1.00 34.05 ? 188 ASP A CG  1 
ATOM   843  O OD1 . ASP A 1 110 ? 3.618   17.564  -0.362  1.00 31.36 ? 188 ASP A OD1 1 
ATOM   844  O OD2 . ASP A 1 110 ? 2.405   18.378  1.291   1.00 33.51 ? 188 ASP A OD2 1 
ATOM   845  N N   . CYS A 1 111 ? 0.557   13.139  0.265   1.00 26.72 ? 189 CYS A N   1 
ATOM   846  C CA  . CYS A 1 111 ? 0.274   11.735  0.550   1.00 26.72 ? 189 CYS A CA  1 
ATOM   847  C C   . CYS A 1 111 ? -0.418  11.194  -0.695  1.00 27.12 ? 189 CYS A C   1 
ATOM   848  O O   . CYS A 1 111 ? -0.795  11.973  -1.576  1.00 27.95 ? 189 CYS A O   1 
ATOM   849  C CB  . CYS A 1 111 ? -0.659  11.620  1.753   1.00 26.81 ? 189 CYS A CB  1 
ATOM   850  S SG  . CYS A 1 111 ? 0.209   12.047  3.282   1.00 31.40 ? 189 CYS A SG  1 
ATOM   851  N N   . ALA A 1 112 ? -0.598  9.880   -0.773  1.00 25.90 ? 190 ALA A N   1 
ATOM   852  C CA  . ALA A 1 112 ? -1.260  9.289   -1.926  1.00 24.87 ? 190 ALA A CA  1 
ATOM   853  C C   . ALA A 1 112 ? -2.087  8.052   -1.608  1.00 24.11 ? 190 ALA A C   1 
ATOM   854  O O   . ALA A 1 112 ? -1.703  7.232   -0.782  1.00 24.58 ? 190 ALA A O   1 
ATOM   855  C CB  . ALA A 1 112 ? -0.228  8.952   -3.004  1.00 24.97 ? 190 ALA A CB  1 
ATOM   856  N N   . LEU A 1 113 ? -3.227  7.940   -2.285  1.00 23.70 ? 191 LEU A N   1 
ATOM   857  C CA  . LEU A 1 113 ? -4.133  6.806   -2.147  1.00 24.08 ? 191 LEU A CA  1 
ATOM   858  C C   . LEU A 1 113 ? -3.810  5.845   -3.299  1.00 25.68 ? 191 LEU A C   1 
ATOM   859  O O   . LEU A 1 113 ? -3.497  6.284   -4.416  1.00 25.21 ? 191 LEU A O   1 
ATOM   860  C CB  . LEU A 1 113 ? -5.594  7.265   -2.282  1.00 22.71 ? 191 LEU A CB  1 
ATOM   861  C CG  . LEU A 1 113 ? -6.162  8.274   -1.276  1.00 24.81 ? 191 LEU A CG  1 
ATOM   862  C CD1 . LEU A 1 113 ? -7.360  8.990   -1.887  1.00 23.82 ? 191 LEU A CD1 1 
ATOM   863  C CD2 . LEU A 1 113 ? -6.552  7.571   0.017   1.00 25.25 ? 191 LEU A CD2 1 
ATOM   864  N N   . TYR A 1 114 ? -3.871  4.541   -3.033  1.00 26.08 ? 192 TYR A N   1 
ATOM   865  C CA  . TYR A 1 114 ? -3.610  3.559   -4.075  1.00 24.86 ? 192 TYR A CA  1 
ATOM   866  C C   . TYR A 1 114 ? -4.913  3.282   -4.794  1.00 24.99 ? 192 TYR A C   1 
ATOM   867  O O   . TYR A 1 114 ? -5.962  3.168   -4.166  1.00 23.76 ? 192 TYR A O   1 
ATOM   868  C CB  . TYR A 1 114 ? -3.069  2.242   -3.499  1.00 23.95 ? 192 TYR A CB  1 
ATOM   869  C CG  . TYR A 1 114 ? -3.080  1.125   -4.524  1.00 25.32 ? 192 TYR A CG  1 
ATOM   870  C CD1 . TYR A 1 114 ? -4.183  0.278   -4.656  1.00 24.76 ? 192 TYR A CD1 1 
ATOM   871  C CD2 . TYR A 1 114 ? -2.055  1.007   -5.461  1.00 27.07 ? 192 TYR A CD2 1 
ATOM   872  C CE1 . TYR A 1 114 ? -4.271  -0.632  -5.693  1.00 23.27 ? 192 TYR A CE1 1 
ATOM   873  C CE2 . TYR A 1 114 ? -2.138  0.091   -6.509  1.00 26.60 ? 192 TYR A CE2 1 
ATOM   874  C CZ  . TYR A 1 114 ? -3.249  -0.719  -6.617  1.00 25.79 ? 192 TYR A CZ  1 
ATOM   875  O OH  . TYR A 1 114 ? -3.343  -1.597  -7.669  1.00 27.55 ? 192 TYR A OH  1 
ATOM   876  N N   . ALA A 1 115 ? -4.845  3.176   -6.115  1.00 26.08 ? 193 ALA A N   1 
ATOM   877  C CA  . ALA A 1 115 ? -6.028  2.885   -6.911  1.00 27.64 ? 193 ALA A CA  1 
ATOM   878  C C   . ALA A 1 115 ? -5.735  1.684   -7.769  1.00 28.51 ? 193 ALA A C   1 
ATOM   879  O O   . ALA A 1 115 ? -4.592  1.466   -8.162  1.00 29.47 ? 193 ALA A O   1 
ATOM   880  C CB  . ALA A 1 115 ? -6.360  4.028   -7.769  1.00 27.42 ? 193 ALA A CB  1 
ATOM   881  N N   . SER A 1 116 ? -6.765  0.924   -8.100  1.00 29.66 ? 194 SER A N   1 
ATOM   882  C CA  . SER A 1 116 ? -6.522  -0.275  -8.872  1.00 31.86 ? 194 SER A CA  1 
ATOM   883  C C   . SER A 1 116 ? -5.928  -0.133  -10.264 1.00 32.70 ? 194 SER A C   1 
ATOM   884  O O   . SER A 1 116 ? -6.419  0.579   -11.148 1.00 30.46 ? 194 SER A O   1 
ATOM   885  C CB  . SER A 1 116 ? -7.759  -1.156  -8.936  1.00 31.99 ? 194 SER A CB  1 
ATOM   886  O OG  . SER A 1 116 ? -7.496  -2.240  -9.803  1.00 32.07 ? 194 SER A OG  1 
ATOM   887  N N   . SER A 1 117 ? -4.840  -0.879  -10.389 1.00 34.68 ? 195 SER A N   1 
ATOM   888  C CA  . SER A 1 117 ? -3.965  -1.039  -11.532 1.00 34.48 ? 195 SER A CA  1 
ATOM   889  C C   . SER A 1 117 ? -2.789  -0.109  -11.439 1.00 33.54 ? 195 SER A C   1 
ATOM   890  O O   . SER A 1 117 ? -2.520  0.698   -12.324 1.00 33.07 ? 195 SER A O   1 
ATOM   891  C CB  . SER A 1 117 ? -4.684  -0.885  -12.857 1.00 36.39 ? 195 SER A CB  1 
ATOM   892  O OG  . SER A 1 117 ? -4.225  -1.936  -13.694 1.00 40.69 ? 195 SER A OG  1 
ATOM   893  N N   . PHE A 1 118 ? -2.096  -0.249  -10.320 1.00 32.78 ? 196 PHE A N   1 
ATOM   894  C CA  . PHE A 1 118 ? -0.901  0.509   -10.029 1.00 33.66 ? 196 PHE A CA  1 
ATOM   895  C C   . PHE A 1 118 ? -0.987  1.964   -10.431 1.00 33.01 ? 196 PHE A C   1 
ATOM   896  O O   . PHE A 1 118 ? -0.537  2.357   -11.502 1.00 32.85 ? 196 PHE A O   1 
ATOM   897  C CB  . PHE A 1 118 ? 0.288   -0.178  -10.699 1.00 36.18 ? 196 PHE A CB  1 
ATOM   898  C CG  . PHE A 1 118 ? 0.468   -1.607  -10.262 1.00 37.52 ? 196 PHE A CG  1 
ATOM   899  C CD1 . PHE A 1 118 ? -0.052  -2.652  -11.015 1.00 37.53 ? 196 PHE A CD1 1 
ATOM   900  C CD2 . PHE A 1 118 ? 1.094   -1.902  -9.054  1.00 37.74 ? 196 PHE A CD2 1 
ATOM   901  C CE1 . PHE A 1 118 ? 0.042   -3.965  -10.570 1.00 37.37 ? 196 PHE A CE1 1 
ATOM   902  C CE2 . PHE A 1 118 ? 1.192   -3.213  -8.602  1.00 37.77 ? 196 PHE A CE2 1 
ATOM   903  C CZ  . PHE A 1 118 ? 0.663   -4.245  -9.360  1.00 38.14 ? 196 PHE A CZ  1 
ATOM   904  N N   . LYS A 1 119 ? -1.564  2.757   -9.537  1.00 32.68 ? 197 LYS A N   1 
ATOM   905  C CA  . LYS A 1 119 ? -1.751  4.181   -9.745  1.00 31.69 ? 197 LYS A CA  1 
ATOM   906  C C   . LYS A 1 119 ? -1.842  4.869   -8.398  1.00 30.68 ? 197 LYS A C   1 
ATOM   907  O O   . LYS A 1 119 ? -2.374  4.309   -7.444  1.00 30.49 ? 197 LYS A O   1 
ATOM   908  C CB  . LYS A 1 119 ? -3.037  4.436   -10.524 1.00 33.55 ? 197 LYS A CB  1 
ATOM   909  C CG  . LYS A 1 119 ? -2.894  4.410   -12.047 1.00 37.35 ? 197 LYS A CG  1 
ATOM   910  C CD  . LYS A 1 119 ? -4.077  3.720   -12.748 1.00 39.45 ? 197 LYS A CD  1 
ATOM   911  C CE  . LYS A 1 119 ? -5.359  3.737   -11.916 1.00 41.71 ? 197 LYS A CE  1 
ATOM   912  N NZ  . LYS A 1 119 ? -5.775  5.106   -11.513 1.00 43.77 ? 197 LYS A NZ  1 
ATOM   913  N N   . GLY A 1 120 ? -1.311  6.087   -8.344  1.00 30.30 ? 198 GLY A N   1 
ATOM   914  C CA  . GLY A 1 120 ? -1.312  6.864   -7.135  1.00 28.87 ? 198 GLY A CA  1 
ATOM   915  C C   . GLY A 1 120 ? -2.102  8.133   -7.368  1.00 28.86 ? 198 GLY A C   1 
ATOM   916  O O   . GLY A 1 120 ? -1.984  8.814   -8.407  1.00 28.53 ? 198 GLY A O   1 
ATOM   917  N N   A TYR A 1 121 ? -2.936  8.487   -6.392  0.50 27.87 ? 199 TYR A N   1 
ATOM   918  N N   B TYR A 1 121 ? -2.945  8.410   -6.393  0.50 28.73 ? 199 TYR A N   1 
ATOM   919  C CA  A TYR A 1 121 ? -3.766  9.681   -6.483  0.50 27.31 ? 199 TYR A CA  1 
ATOM   920  C CA  B TYR A 1 121 ? -3.783  9.571   -6.461  0.50 28.87 ? 199 TYR A CA  1 
ATOM   921  C C   A TYR A 1 121 ? -3.296  10.555  -5.360  0.50 27.86 ? 199 TYR A C   1 
ATOM   922  C C   B TYR A 1 121 ? -3.401  10.584  -5.364  0.50 28.90 ? 199 TYR A C   1 
ATOM   923  O O   A TYR A 1 121 ? -3.289  10.149  -4.185  0.50 28.83 ? 199 TYR A O   1 
ATOM   924  O O   B TYR A 1 121 ? -3.643  10.341  -4.192  0.50 30.10 ? 199 TYR A O   1 
ATOM   925  C CB  A TYR A 1 121 ? -5.270  9.382   -6.284  0.50 26.49 ? 199 TYR A CB  1 
ATOM   926  C CB  B TYR A 1 121 ? -5.221  9.086   -6.328  0.50 29.68 ? 199 TYR A CB  1 
ATOM   927  C CG  A TYR A 1 121 ? -5.989  8.719   -7.457  0.50 25.06 ? 199 TYR A CG  1 
ATOM   928  C CG  B TYR A 1 121 ? -6.301  10.144  -6.293  0.50 30.74 ? 199 TYR A CG  1 
ATOM   929  C CD1 A TYR A 1 121 ? -6.004  7.338   -7.593  0.50 25.23 ? 199 TYR A CD1 1 
ATOM   930  C CD1 B TYR A 1 121 ? -6.876  10.641  -7.469  0.50 30.82 ? 199 TYR A CD1 1 
ATOM   931  C CD2 A TYR A 1 121 ? -6.644  9.477   -8.434  0.50 24.10 ? 199 TYR A CD2 1 
ATOM   932  C CD2 B TYR A 1 121 ? -6.810  10.585  -5.075  0.50 30.94 ? 199 TYR A CD2 1 
ATOM   933  C CE1 A TYR A 1 121 ? -6.641  6.732   -8.658  0.50 24.95 ? 199 TYR A CE1 1 
ATOM   934  C CE1 B TYR A 1 121 ? -7.929  11.535  -7.417  0.50 31.52 ? 199 TYR A CE1 1 
ATOM   935  C CE2 A TYR A 1 121 ? -7.284  8.867   -9.508  0.50 23.83 ? 199 TYR A CE2 1 
ATOM   936  C CE2 B TYR A 1 121 ? -7.855  11.474  -5.019  0.50 30.80 ? 199 TYR A CE2 1 
ATOM   937  C CZ  A TYR A 1 121 ? -7.276  7.496   -9.610  0.50 24.31 ? 199 TYR A CZ  1 
ATOM   938  C CZ  B TYR A 1 121 ? -8.406  11.942  -6.186  0.50 31.36 ? 199 TYR A CZ  1 
ATOM   939  O OH  A TYR A 1 121 ? -7.917  6.889   -10.661 0.50 24.73 ? 199 TYR A OH  1 
ATOM   940  O OH  B TYR A 1 121 ? -9.432  12.840  -6.121  0.50 32.46 ? 199 TYR A OH  1 
ATOM   941  N N   . ILE A 1 122 ? -2.861  11.742  -5.730  1.00 27.49 ? 200 ILE A N   1 
ATOM   942  C CA  . ILE A 1 122 ? -2.448  12.701  -4.740  1.00 27.67 ? 200 ILE A CA  1 
ATOM   943  C C   . ILE A 1 122 ? -3.655  13.163  -3.893  1.00 28.48 ? 200 ILE A C   1 
ATOM   944  O O   . ILE A 1 122 ? -4.677  13.624  -4.412  1.00 30.35 ? 200 ILE A O   1 
ATOM   945  C CB  . ILE A 1 122 ? -1.711  13.882  -5.425  1.00 27.84 ? 200 ILE A CB  1 
ATOM   946  C CG1 . ILE A 1 122 ? -0.478  13.318  -6.138  1.00 25.72 ? 200 ILE A CG1 1 
ATOM   947  C CG2 . ILE A 1 122 ? -1.291  14.955  -4.384  1.00 26.51 ? 200 ILE A CG2 1 
ATOM   948  C CD1 . ILE A 1 122 ? 0.259   14.297  -7.035  1.00 28.13 ? 200 ILE A CD1 1 
ATOM   949  N N   . GLU A 1 123 ? -3.519  13.049  -2.576  1.00 27.87 ? 201 GLU A N   1 
ATOM   950  C CA  . GLU A 1 123 ? -4.585  13.434  -1.658  1.00 28.10 ? 201 GLU A CA  1 
ATOM   951  C C   . GLU A 1 123 ? -4.047  14.133  -0.421  1.00 27.24 ? 201 GLU A C   1 
ATOM   952  O O   . GLU A 1 123 ? -2.924  13.882  0.011   1.00 28.21 ? 201 GLU A O   1 
ATOM   953  C CB  . GLU A 1 123 ? -5.343  12.186  -1.221  1.00 31.01 ? 201 GLU A CB  1 
ATOM   954  C CG  . GLU A 1 123 ? -6.453  12.408  -0.206  1.00 33.87 ? 201 GLU A CG  1 
ATOM   955  C CD  . GLU A 1 123 ? -7.829  12.370  -0.837  1.00 34.84 ? 201 GLU A CD  1 
ATOM   956  O OE1 . GLU A 1 123 ? -8.829  12.353  -0.092  1.00 35.60 ? 201 GLU A OE1 1 
ATOM   957  O OE2 . GLU A 1 123 ? -7.908  12.364  -2.082  1.00 36.75 ? 201 GLU A OE2 1 
ATOM   958  N N   . ASN A 1 124 ? -4.867  15.006  0.146   1.00 26.66 ? 202 ASN A N   1 
ATOM   959  C CA  . ASN A 1 124 ? -4.513  15.731  1.354   1.00 26.62 ? 202 ASN A CA  1 
ATOM   960  C C   . ASN A 1 124 ? -4.263  14.677  2.442   1.00 26.61 ? 202 ASN A C   1 
ATOM   961  O O   . ASN A 1 124 ? -5.038  13.735  2.599   1.00 26.35 ? 202 ASN A O   1 
ATOM   962  C CB  . ASN A 1 124 ? -5.679  16.638  1.746   1.00 27.39 ? 202 ASN A CB  1 
ATOM   963  C CG  . ASN A 1 124 ? -5.304  17.663  2.787   1.00 27.79 ? 202 ASN A CG  1 
ATOM   964  O OD1 . ASN A 1 124 ? -4.746  17.342  3.831   1.00 27.90 ? 202 ASN A OD1 1 
ATOM   965  N ND2 . ASN A 1 124 ? -5.625  18.915  2.508   1.00 31.77 ? 202 ASN A ND2 1 
ATOM   966  N N   . CYS A 1 125 ? -3.177  14.826  3.186   1.00 27.46 ? 203 CYS A N   1 
ATOM   967  C CA  . CYS A 1 125 ? -2.850  13.862  4.227   1.00 29.82 ? 203 CYS A CA  1 
ATOM   968  C C   . CYS A 1 125 ? -3.808  13.907  5.408   1.00 32.19 ? 203 CYS A C   1 
ATOM   969  O O   . CYS A 1 125 ? -3.841  12.976  6.225   1.00 31.72 ? 203 CYS A O   1 
ATOM   970  C CB  . CYS A 1 125 ? -1.450  14.108  4.761   1.00 28.77 ? 203 CYS A CB  1 
ATOM   971  S SG  . CYS A 1 125 ? -0.105  14.035  3.555   1.00 29.36 ? 203 CYS A SG  1 
ATOM   972  N N   . SER A 1 126 ? -4.566  14.996  5.513   1.00 32.12 ? 204 SER A N   1 
ATOM   973  C CA  . SER A 1 126 ? -5.502  15.153  6.614   1.00 34.10 ? 204 SER A CA  1 
ATOM   974  C C   . SER A 1 126 ? -6.870  14.572  6.302   1.00 34.99 ? 204 SER A C   1 
ATOM   975  O O   . SER A 1 126 ? -7.682  14.370  7.208   1.00 36.29 ? 204 SER A O   1 
ATOM   976  C CB  . SER A 1 126 ? -5.642  16.632  6.987   1.00 34.46 ? 204 SER A CB  1 
ATOM   977  O OG  . SER A 1 126 ? -4.417  17.149  7.484   1.00 35.29 ? 204 SER A OG  1 
ATOM   978  N N   . THR A 1 127 ? -7.129  14.302  5.028   1.00 33.30 ? 205 THR A N   1 
ATOM   979  C CA  . THR A 1 127 ? -8.418  13.746  4.636   1.00 33.38 ? 205 THR A CA  1 
ATOM   980  C C   . THR A 1 127 ? -8.545  12.275  4.986   1.00 33.25 ? 205 THR A C   1 
ATOM   981  O O   . THR A 1 127 ? -7.773  11.447  4.515   1.00 36.58 ? 205 THR A O   1 
ATOM   982  C CB  . THR A 1 127 ? -8.661  13.888  3.140   1.00 33.08 ? 205 THR A CB  1 
ATOM   983  O OG1 . THR A 1 127 ? -8.737  15.275  2.801   1.00 33.75 ? 205 THR A OG1 1 
ATOM   984  C CG2 . THR A 1 127 ? -9.955  13.205  2.757   1.00 30.28 ? 205 THR A CG2 1 
ATOM   985  N N   . PRO A 1 128 ? -9.527  11.927  5.820   1.00 32.24 ? 206 PRO A N   1 
ATOM   986  C CA  . PRO A 1 128 ? -9.702  10.523  6.194   1.00 31.84 ? 206 PRO A CA  1 
ATOM   987  C C   . PRO A 1 128 ? -9.997  9.644   4.981   1.00 31.07 ? 206 PRO A C   1 
ATOM   988  O O   . PRO A 1 128 ? -10.554 10.110  3.991   1.00 30.80 ? 206 PRO A O   1 
ATOM   989  C CB  . PRO A 1 128 ? -10.868 10.571  7.187   1.00 31.70 ? 206 PRO A CB  1 
ATOM   990  C CG  . PRO A 1 128 ? -11.640 11.782  6.751   1.00 31.86 ? 206 PRO A CG  1 
ATOM   991  C CD  . PRO A 1 128 ? -10.558 12.778  6.441   1.00 31.23 ? 206 PRO A CD  1 
ATOM   992  N N   . ASN A 1 129 ? -9.602  8.377   5.068   1.00 30.33 ? 207 ASN A N   1 
ATOM   993  C CA  . ASN A 1 129 ? -9.817  7.399   4.001   1.00 28.98 ? 207 ASN A CA  1 
ATOM   994  C C   . ASN A 1 129 ? -9.558  6.018   4.592   1.00 29.10 ? 207 ASN A C   1 
ATOM   995  O O   . ASN A 1 129 ? -9.006  5.899   5.687   1.00 27.47 ? 207 ASN A O   1 
ATOM   996  C CB  . ASN A 1 129 ? -8.835  7.631   2.846   1.00 28.50 ? 207 ASN A CB  1 
ATOM   997  C CG  . ASN A 1 129 ? -9.298  8.698   1.872   1.00 27.86 ? 207 ASN A CG  1 
ATOM   998  O OD1 . ASN A 1 129 ? -10.211 8.470   1.087   1.00 29.16 ? 207 ASN A OD1 1 
ATOM   999  N ND2 . ASN A 1 129 ? -8.664  9.867   1.913   1.00 25.10 ? 207 ASN A ND2 1 
ATOM   1000 N N   . THR A 1 130 ? -9.964  4.978   3.877   1.00 28.50 ? 208 THR A N   1 
ATOM   1001 C CA  . THR A 1 130 ? -9.704  3.627   4.344   1.00 29.44 ? 208 THR A CA  1 
ATOM   1002 C C   . THR A 1 130 ? -8.243  3.359   4.003   1.00 31.22 ? 208 THR A C   1 
ATOM   1003 O O   . THR A 1 130 ? -7.637  4.112   3.226   1.00 31.51 ? 208 THR A O   1 
ATOM   1004 C CB  . THR A 1 130 ? -10.599 2.607   3.643   1.00 29.08 ? 208 THR A CB  1 
ATOM   1005 O OG1 . THR A 1 130 ? -10.479 2.745   2.223   1.00 27.38 ? 208 THR A OG1 1 
ATOM   1006 C CG2 . THR A 1 130 ? -12.038 2.827   4.050   1.00 30.91 ? 208 THR A CG2 1 
ATOM   1007 N N   . TYR A 1 131 ? -7.668  2.300   4.567   1.00 31.25 ? 209 TYR A N   1 
ATOM   1008 C CA  . TYR A 1 131 ? -6.265  2.022   4.304   1.00 31.81 ? 209 TYR A CA  1 
ATOM   1009 C C   . TYR A 1 131 ? -5.859  0.560   4.268   1.00 32.12 ? 209 TYR A C   1 
ATOM   1010 O O   . TYR A 1 131 ? -6.587  -0.312  4.734   1.00 33.36 ? 209 TYR A O   1 
ATOM   1011 C CB  . TYR A 1 131 ? -5.415  2.764   5.338   1.00 32.36 ? 209 TYR A CB  1 
ATOM   1012 C CG  . TYR A 1 131 ? -5.730  2.418   6.778   1.00 31.96 ? 209 TYR A CG  1 
ATOM   1013 C CD1 . TYR A 1 131 ? -4.974  1.476   7.466   1.00 32.78 ? 209 TYR A CD1 1 
ATOM   1014 C CD2 . TYR A 1 131 ? -6.769  3.055   7.461   1.00 32.90 ? 209 TYR A CD2 1 
ATOM   1015 C CE1 . TYR A 1 131 ? -5.233  1.178   8.799   1.00 33.40 ? 209 TYR A CE1 1 
ATOM   1016 C CE2 . TYR A 1 131 ? -7.041  2.763   8.801   1.00 32.35 ? 209 TYR A CE2 1 
ATOM   1017 C CZ  . TYR A 1 131 ? -6.268  1.827   9.461   1.00 34.44 ? 209 TYR A CZ  1 
ATOM   1018 O OH  . TYR A 1 131 ? -6.505  1.552   10.790  1.00 35.66 ? 209 TYR A OH  1 
ATOM   1019 N N   . ILE A 1 132 ? -4.676  0.302   3.717   1.00 32.66 ? 210 ILE A N   1 
ATOM   1020 C CA  . ILE A 1 132 ? -4.146  -1.053  3.627   1.00 31.87 ? 210 ILE A CA  1 
ATOM   1021 C C   . ILE A 1 132 ? -2.758  -1.151  4.236   1.00 30.20 ? 210 ILE A C   1 
ATOM   1022 O O   . ILE A 1 132 ? -1.846  -0.438  3.819   1.00 31.36 ? 210 ILE A O   1 
ATOM   1023 C CB  . ILE A 1 132 ? -4.034  -1.512  2.181   1.00 32.76 ? 210 ILE A CB  1 
ATOM   1024 C CG1 . ILE A 1 132 ? -5.372  -1.331  1.485   1.00 34.89 ? 210 ILE A CG1 1 
ATOM   1025 C CG2 . ILE A 1 132 ? -3.604  -2.979  2.131   1.00 31.01 ? 210 ILE A CG2 1 
ATOM   1026 C CD1 . ILE A 1 132 ? -5.257  -1.409  -0.009  1.00 37.28 ? 210 ILE A CD1 1 
ATOM   1027 N N   . CYS A 1 133 ? -2.597  -2.036  5.214   1.00 27.93 ? 211 CYS A N   1 
ATOM   1028 C CA  . CYS A 1 133 ? -1.300  -2.221  5.849   1.00 27.22 ? 211 CYS A CA  1 
ATOM   1029 C C   . CYS A 1 133 ? -0.616  -3.418  5.212   1.00 27.29 ? 211 CYS A C   1 
ATOM   1030 O O   . CYS A 1 133 ? -1.286  -4.304  4.697   1.00 26.65 ? 211 CYS A O   1 
ATOM   1031 C CB  . CYS A 1 133 ? -1.452  -2.462  7.349   1.00 27.25 ? 211 CYS A CB  1 
ATOM   1032 S SG  . CYS A 1 133 ? -2.210  -1.119  8.323   1.00 27.68 ? 211 CYS A SG  1 
ATOM   1033 N N   . MET A 1 134 ? 0.713   -3.443  5.247   1.00 27.66 ? 212 MET A N   1 
ATOM   1034 C CA  . MET A 1 134 ? 1.476   -4.531  4.655   1.00 27.42 ? 212 MET A CA  1 
ATOM   1035 C C   . MET A 1 134 ? 2.674   -4.908  5.509   1.00 29.18 ? 212 MET A C   1 
ATOM   1036 O O   . MET A 1 134 ? 3.322   -4.042  6.095   1.00 30.87 ? 212 MET A O   1 
ATOM   1037 C CB  . MET A 1 134 ? 1.963   -4.128  3.255   1.00 26.72 ? 212 MET A CB  1 
ATOM   1038 C CG  . MET A 1 134 ? 2.798   -5.195  2.556   1.00 29.35 ? 212 MET A CG  1 
ATOM   1039 S SD  . MET A 1 134 ? 3.306   -4.714  0.891   1.00 30.20 ? 212 MET A SD  1 
ATOM   1040 C CE  . MET A 1 134 ? 4.624   -3.577  1.253   1.00 31.60 ? 212 MET A CE  1 
ATOM   1041 N N   . GLN A 1 135 ? 2.963   -6.202  5.572   1.00 30.06 ? 213 GLN A N   1 
ATOM   1042 C CA  . GLN A 1 135 ? 4.094   -6.734  6.321   1.00 31.12 ? 213 GLN A CA  1 
ATOM   1043 C C   . GLN A 1 135 ? 4.757   -7.797  5.444   1.00 33.35 ? 213 GLN A C   1 
ATOM   1044 O O   . GLN A 1 135 ? 4.112   -8.767  5.042   1.00 34.05 ? 213 GLN A O   1 
ATOM   1045 C CB  . GLN A 1 135 ? 3.621   -7.369  7.636   1.00 31.56 ? 213 GLN A CB  1 
ATOM   1046 C CG  . GLN A 1 135 ? 4.754   -7.825  8.563   1.00 31.56 ? 213 GLN A CG  1 
ATOM   1047 C CD  . GLN A 1 135 ? 4.247   -8.456  9.847   1.00 33.04 ? 213 GLN A CD  1 
ATOM   1048 O OE1 . GLN A 1 135 ? 4.022   -9.666  9.922   1.00 32.04 ? 213 GLN A OE1 1 
ATOM   1049 N NE2 . GLN A 1 135 ? 4.053   -7.632  10.866  1.00 34.28 ? 213 GLN A NE2 1 
ATOM   1050 N N   . ARG A 1 136 ? 6.033   -7.613  5.134   1.00 35.46 ? 214 ARG A N   1 
ATOM   1051 C CA  . ARG A 1 136 ? 6.750   -8.581  4.313   1.00 39.04 ? 214 ARG A CA  1 
ATOM   1052 C C   . ARG A 1 136 ? 7.162   -9.740  5.209   1.00 41.71 ? 214 ARG A C   1 
ATOM   1053 O O   . ARG A 1 136 ? 6.756   -9.798  6.375   1.00 42.04 ? 214 ARG A O   1 
ATOM   1054 C CB  . ARG A 1 136 ? 7.975   -7.938  3.701   1.00 40.01 ? 214 ARG A CB  1 
ATOM   1055 N N   . THR A 1 137 ? 7.951   -10.669 4.672   1.00 43.25 ? 215 THR A N   1 
ATOM   1056 C CA  . THR A 1 137 ? 8.423   -11.794 5.478   1.00 45.21 ? 215 THR A CA  1 
ATOM   1057 C C   . THR A 1 137 ? 9.900   -12.091 5.224   1.00 46.31 ? 215 THR A C   1 
ATOM   1058 O O   . THR A 1 137 ? 10.315  -13.246 5.467   1.00 47.30 ? 215 THR A O   1 
ATOM   1059 C CB  . THR A 1 137 ? 7.590   -13.088 5.225   1.00 44.86 ? 215 THR A CB  1 
ATOM   1060 O OG1 . THR A 1 137 ? 7.528   -13.368 3.823   1.00 45.43 ? 215 THR A OG1 1 
ATOM   1061 C CG2 . THR A 1 137 ? 6.192   -12.927 5.756   1.00 43.85 ? 215 THR A CG2 1 
HETATM 1062 P P   . PO4 B 2 .   ? 12.168  -0.076  -3.848  1.00 92.05 ? 500 PO4 A P   1 
HETATM 1063 O O1  . PO4 B 2 .   ? 12.135  -1.559  -3.928  1.00 92.69 ? 500 PO4 A O1  1 
HETATM 1064 O O2  . PO4 B 2 .   ? 13.083  0.454   -4.887  1.00 92.04 ? 500 PO4 A O2  1 
HETATM 1065 O O3  . PO4 B 2 .   ? 10.804  0.460   -4.076  1.00 92.71 ? 500 PO4 A O3  1 
HETATM 1066 O O4  . PO4 B 2 .   ? 12.649  0.337   -2.504  1.00 91.98 ? 500 PO4 A O4  1 
HETATM 1067 O O   . HOH C 3 .   ? -8.040  14.505  9.977   1.00 30.43 ? 300 HOH A O   1 
HETATM 1068 O O   . HOH C 3 .   ? -4.495  -2.782  -16.552 1.00 35.59 ? 301 HOH A O   1 
HETATM 1069 O O   . HOH C 3 .   ? 9.249   20.401  -4.972  1.00 51.94 ? 302 HOH A O   1 
HETATM 1070 O O   . HOH C 3 .   ? 9.094   1.764   -5.510  1.00 39.93 ? 303 HOH A O   1 
HETATM 1071 O O   . HOH C 3 .   ? 8.732   5.401   -15.533 1.00 62.87 ? 304 HOH A O   1 
HETATM 1072 O O   . HOH C 3 .   ? 6.356   5.249   -17.110 1.00 61.93 ? 305 HOH A O   1 
HETATM 1073 O O   . HOH C 3 .   ? 2.073   1.800   -14.407 1.00 31.47 ? 306 HOH A O   1 
HETATM 1074 O O   . HOH C 3 .   ? -1.086  17.082  2.065   1.00 23.58 ? 307 HOH A O   1 
HETATM 1075 O O   . HOH C 3 .   ? 0.415   17.900  4.110   1.00 34.23 ? 308 HOH A O   1 
HETATM 1076 O O   . HOH C 3 .   ? -9.370  0.559   -7.361  1.00 26.44 ? 309 HOH A O   1 
HETATM 1077 O O   . HOH C 3 .   ? -8.555  16.329  0.330   1.00 47.06 ? 310 HOH A O   1 
HETATM 1078 O O   . HOH C 3 .   ? -11.224 13.497  -1.150  1.00 26.05 ? 311 HOH A O   1 
HETATM 1079 O O   . HOH C 3 .   ? -11.484 12.326  -3.737  1.00 58.86 ? 312 HOH A O   1 
HETATM 1080 O O   . HOH C 3 .   ? -3.922  -27.730 -5.886  1.00 42.52 ? 313 HOH A O   1 
HETATM 1081 O O   . HOH C 3 .   ? -11.985 -9.341  10.162  1.00 34.31 ? 314 HOH A O   1 
HETATM 1082 O O   . HOH C 3 .   ? -15.385 4.979   -4.131  1.00 26.85 ? 315 HOH A O   1 
HETATM 1083 O O   . HOH C 3 .   ? -14.311 4.232   -6.751  1.00 32.95 ? 316 HOH A O   1 
HETATM 1084 O O   . HOH C 3 .   ? -15.637 6.177   -8.076  1.00 58.31 ? 317 HOH A O   1 
HETATM 1085 O O   . HOH C 3 .   ? -14.223 9.205   -6.673  1.00 38.39 ? 318 HOH A O   1 
HETATM 1086 O O   . HOH C 3 .   ? -6.882  -4.522  -15.684 1.00 63.30 ? 319 HOH A O   1 
HETATM 1087 O O   . HOH C 3 .   ? -10.601 -10.870 12.408  1.00 41.80 ? 320 HOH A O   1 
HETATM 1088 O O   . HOH C 3 .   ? 7.715   -13.352 10.412  1.00 36.86 ? 321 HOH A O   1 
HETATM 1089 O O   . HOH C 3 .   ? 8.967   -13.777 -6.298  1.00 42.19 ? 322 HOH A O   1 
HETATM 1090 O O   . HOH C 3 .   ? -8.846  -2.054  22.116  1.00 34.92 ? 323 HOH A O   1 
HETATM 1091 O O   . HOH C 3 .   ? 11.815  28.052  -4.348  1.00 50.33 ? 324 HOH A O   1 
HETATM 1092 O O   . HOH C 3 .   ? -10.756 2.449   -9.390  1.00 38.73 ? 325 HOH A O   1 
HETATM 1093 O O   . HOH C 3 .   ? -15.549 -1.166  -10.145 1.00 35.78 ? 326 HOH A O   1 
HETATM 1094 O O   . HOH C 3 .   ? 14.067  23.563  -5.239  1.00 75.54 ? 327 HOH A O   1 
HETATM 1095 O O   . HOH C 3 .   ? 14.349  11.166  1.644   1.00 28.96 ? 328 HOH A O   1 
HETATM 1096 O O   . HOH C 3 .   ? 11.917  7.784   -4.059  1.00 30.72 ? 329 HOH A O   1 
HETATM 1097 O O   . HOH C 3 .   ? -3.412  -35.421 -15.572 1.00 43.69 ? 330 HOH A O   1 
HETATM 1098 O O   . HOH C 3 .   ? 10.561  -6.225  -9.679  1.00 41.49 ? 331 HOH A O   1 
HETATM 1099 O O   . HOH C 3 .   ? -10.807 -31.645 -14.555 1.00 36.05 ? 332 HOH A O   1 
HETATM 1100 O O   . HOH C 3 .   ? -4.600  -10.056 13.619  1.00 39.15 ? 333 HOH A O   1 
HETATM 1101 O O   . HOH C 3 .   ? -9.742  -5.367  9.425   1.00 34.46 ? 334 HOH A O   1 
HETATM 1102 O O   . HOH C 3 .   ? -16.415 2.622   9.683   1.00 37.45 ? 335 HOH A O   1 
HETATM 1103 O O   . HOH C 3 .   ? -15.218 -0.303  14.626  1.00 57.05 ? 336 HOH A O   1 
HETATM 1104 O O   . HOH C 3 .   ? -3.638  4.653   15.298  1.00 56.00 ? 337 HOH A O   1 
HETATM 1105 O O   . HOH C 3 .   ? -4.952  -1.818  15.468  1.00 44.80 ? 338 HOH A O   1 
HETATM 1106 O O   . HOH C 3 .   ? 6.374   -0.051  11.552  1.00 50.98 ? 339 HOH A O   1 
HETATM 1107 O O   . HOH C 3 .   ? 11.951  -3.993  -2.768  1.00 30.65 ? 340 HOH A O   1 
HETATM 1108 O O   . HOH C 3 .   ? 13.208  25.789  -1.945  1.00 33.87 ? 341 HOH A O   1 
HETATM 1109 O O   . HOH C 3 .   ? 10.807  24.891  -2.364  1.00 54.42 ? 342 HOH A O   1 
HETATM 1110 O O   . HOH C 3 .   ? 5.834   2.383   -17.068 1.00 48.55 ? 343 HOH A O   1 
HETATM 1111 O O   . HOH C 3 .   ? -5.223  13.144  -7.110  1.00 24.35 ? 344 HOH A O   1 
HETATM 1112 O O   . HOH C 3 .   ? -13.316 5.537   11.952  1.00 55.85 ? 345 HOH A O   1 
HETATM 1113 O O   . HOH C 3 .   ? -10.256 13.944  11.268  1.00 40.68 ? 346 HOH A O   1 
HETATM 1114 O O   . HOH C 3 .   ? 9.761   19.965  -2.599  1.00 44.64 ? 347 HOH A O   1 
HETATM 1115 O O   . HOH C 3 .   ? 16.135  24.919  -3.786  1.00 41.28 ? 348 HOH A O   1 
HETATM 1116 O O   . HOH C 3 .   ? -4.786  -34.894 -18.021 1.00 68.28 ? 349 HOH A O   1 
HETATM 1117 O O   . HOH C 3 .   ? 5.949   15.104  3.962   1.00 44.77 ? 350 HOH A O   1 
HETATM 1118 O O   . HOH C 3 .   ? -11.402 10.093  -10.368 1.00 35.96 ? 351 HOH A O   1 
HETATM 1119 O O   . HOH C 3 .   ? -4.250  -37.325 -13.884 1.00 62.86 ? 352 HOH A O   1 
HETATM 1120 O O   . HOH C 3 .   ? 13.136  11.352  -2.250  1.00 44.80 ? 353 HOH A O   1 
HETATM 1121 O O   . HOH C 3 .   ? 13.144  -8.729  3.882   1.00 50.12 ? 354 HOH A O   1 
HETATM 1122 O O   . HOH C 3 .   ? 10.013  -13.296 11.392  1.00 49.15 ? 355 HOH A O   1 
HETATM 1123 O O   . HOH C 3 .   ? 4.662   -25.729 2.859   1.00 43.92 ? 356 HOH A O   1 
HETATM 1124 O O   . HOH C 3 .   ? 7.683   -24.241 -1.630  1.00 48.44 ? 357 HOH A O   1 
HETATM 1125 O O   . HOH C 3 .   ? 4.848   -13.421 3.585   1.00 36.33 ? 358 HOH A O   1 
HETATM 1126 O O   . HOH C 3 .   ? -15.366 4.926   8.848   1.00 50.84 ? 359 HOH A O   1 
HETATM 1127 O O   . HOH C 3 .   ? 11.377  6.750   -11.548 1.00 54.05 ? 360 HOH A O   1 
HETATM 1128 O O   . HOH C 3 .   ? 7.179   4.492   -11.163 1.00 42.09 ? 361 HOH A O   1 
HETATM 1129 O O   . HOH C 3 .   ? 0.515   -34.038 -13.857 1.00 51.00 ? 362 HOH A O   1 
HETATM 1130 O O   . HOH C 3 .   ? -4.393  -17.118 8.947   1.00 42.49 ? 363 HOH A O   1 
HETATM 1131 O O   . HOH C 3 .   ? 16.353  22.348  0.084   1.00 57.50 ? 364 HOH A O   1 
HETATM 1132 O O   . HOH C 3 .   ? 11.721  -3.500  -6.044  1.00 37.60 ? 365 HOH A O   1 
HETATM 1133 O O   . HOH C 3 .   ? 11.505  -7.735  -6.891  1.00 56.40 ? 366 HOH A O   1 
HETATM 1134 O O   . HOH C 3 .   ? 0.272   -5.110  -15.466 1.00 48.47 ? 367 HOH A O   1 
HETATM 1135 O O   . HOH C 3 .   ? 8.635   -17.005 2.516   1.00 43.67 ? 368 HOH A O   1 
HETATM 1136 O O   . HOH C 3 .   ? 12.523  13.899  -0.555  1.00 65.68 ? 369 HOH A O   1 
HETATM 1137 O O   . HOH C 3 .   ? -7.189  21.294  -3.518  1.00 39.14 ? 370 HOH A O   1 
HETATM 1138 O O   . HOH C 3 .   ? -4.443  25.309  -3.071  1.00 38.30 ? 371 HOH A O   1 
HETATM 1139 O O   . HOH C 3 .   ? -5.627  23.390  -2.026  1.00 44.72 ? 372 HOH A O   1 
HETATM 1140 O O   . HOH C 3 .   ? 10.212  -15.470 6.569   1.00 32.18 ? 373 HOH A O   1 
HETATM 1141 O O   . HOH C 3 .   ? -11.579 -1.899  3.565   1.00 47.06 ? 374 HOH A O   1 
HETATM 1142 O O   . HOH C 3 .   ? -9.810  7.318   14.108  1.00 90.93 ? 375 HOH A O   1 
HETATM 1143 O O   . HOH C 3 .   ? 8.537   -7.310  0.919   1.00 47.27 ? 376 HOH A O   1 
HETATM 1144 O O   . HOH C 3 .   ? -4.104  -10.539 -11.157 1.00 49.67 ? 377 HOH A O   1 
HETATM 1145 O O   . HOH C 3 .   ? 6.455   1.222   3.142   1.00 44.63 ? 378 HOH A O   1 
HETATM 1146 O O   . HOH C 3 .   ? 0.757   -7.020  -13.062 1.00 39.75 ? 379 HOH A O   1 
HETATM 1147 O O   . HOH C 3 .   ? 7.417   -15.297 -4.113  1.00 45.55 ? 380 HOH A O   1 
HETATM 1148 O O   . HOH C 3 .   ? 7.816   -18.072 -3.203  1.00 39.73 ? 381 HOH A O   1 
HETATM 1149 O O   . HOH C 3 .   ? 9.779   -13.391 8.798   1.00 55.88 ? 382 HOH A O   1 
HETATM 1150 O O   . HOH C 3 .   ? -5.710  -15.453 7.262   1.00 43.67 ? 383 HOH A O   1 
HETATM 1151 O O   . HOH C 3 .   ? -5.603  -7.258  12.061  1.00 36.29 ? 384 HOH A O   1 
HETATM 1152 O O   . HOH C 3 .   ? 8.564   -18.400 4.727   1.00 55.71 ? 385 HOH A O   1 
HETATM 1153 O O   . HOH C 3 .   ? -13.568 -2.172  15.079  1.00 35.84 ? 386 HOH A O   1 
HETATM 1154 O O   . HOH C 3 .   ? 10.806  -6.210  -1.756  1.00 44.50 ? 387 HOH A O   1 
HETATM 1155 O O   . HOH C 3 .   ? 9.349   -10.226 -9.944  1.00 46.28 ? 388 HOH A O   1 
HETATM 1156 O O   . HOH C 3 .   ? 11.902  -9.799  -4.969  1.00 60.20 ? 389 HOH A O   1 
HETATM 1157 O O   . HOH C 3 .   ? 3.069   -8.191  -14.893 1.00 52.90 ? 390 HOH A O   1 
HETATM 1158 O O   . HOH C 3 .   ? 1.849   -11.146 -14.845 1.00 63.75 ? 391 HOH A O   1 
HETATM 1159 O O   . HOH C 3 .   ? 10.070  -12.028 2.080   1.00 54.76 ? 392 HOH A O   1 
HETATM 1160 O O   . HOH C 3 .   ? 6.450   -11.921 8.341   1.00 50.63 ? 393 HOH A O   1 
HETATM 1161 O O   . HOH C 3 .   ? 15.120  1.537   -9.646  1.00 62.03 ? 394 HOH A O   1 
HETATM 1162 O O   . HOH C 3 .   ? -0.070  -2.103  -15.362 1.00 46.20 ? 395 HOH A O   1 
HETATM 1163 O O   . HOH C 3 .   ? 4.930   20.077  -0.224  1.00 60.69 ? 396 HOH A O   1 
HETATM 1164 O O   . HOH C 3 .   ? 14.327  27.814  -5.631  1.00 54.27 ? 397 HOH A O   1 
HETATM 1165 O O   . HOH C 3 .   ? -7.691  -1.305  14.210  1.00 57.75 ? 398 HOH A O   1 
HETATM 1166 O O   . HOH C 3 .   ? 8.040   -5.373  -11.177 1.00 52.68 ? 399 HOH A O   1 
HETATM 1167 O O   . HOH C 3 .   ? -11.178 11.361  -7.970  1.00 50.95 ? 400 HOH A O   1 
HETATM 1168 O O   . HOH C 3 .   ? -7.767  14.722  -5.706  1.00 69.31 ? 401 HOH A O   1 
HETATM 1169 O O   . HOH C 3 .   ? -16.267 7.588   7.905   1.00 41.75 ? 402 HOH A O   1 
HETATM 1170 O O   . HOH C 3 .   ? -14.509 7.212   -3.004  1.00 50.33 ? 403 HOH A O   1 
HETATM 1171 O O   . HOH C 3 .   ? 7.117   -5.369  9.986   1.00 59.34 ? 404 HOH A O   1 
# 
